data_5QHR
# 
_entry.id   5QHR 
# 
_audit_conform.dict_name       mmcif_pdbx.dic 
_audit_conform.dict_version    5.397 
_audit_conform.dict_location   http://mmcif.pdb.org/dictionaries/ascii/mmcif_pdbx.dic 
# 
loop_
_database_2.database_id 
_database_2.database_code 
_database_2.pdbx_database_accession 
_database_2.pdbx_DOI 
PDB   5QHR         pdb_00005qhr 10.2210/pdb5qhr/pdb 
WWPDB D_1001401964 ?            ?                   
# 
loop_
_pdbx_audit_revision_history.ordinal 
_pdbx_audit_revision_history.data_content_type 
_pdbx_audit_revision_history.major_revision 
_pdbx_audit_revision_history.minor_revision 
_pdbx_audit_revision_history.revision_date 
1 'Structure model' 1 0 2018-12-19 
2 'Structure model' 1 1 2024-10-09 
# 
_pdbx_audit_revision_details.ordinal             1 
_pdbx_audit_revision_details.revision_ordinal    1 
_pdbx_audit_revision_details.data_content_type   'Structure model' 
_pdbx_audit_revision_details.provider            repository 
_pdbx_audit_revision_details.type                'Initial release' 
_pdbx_audit_revision_details.description         ? 
_pdbx_audit_revision_details.details             ? 
# 
loop_
_pdbx_audit_revision_group.ordinal 
_pdbx_audit_revision_group.revision_ordinal 
_pdbx_audit_revision_group.data_content_type 
_pdbx_audit_revision_group.group 
1 2 'Structure model' 'Data collection'     
2 2 'Structure model' 'Database references' 
3 2 'Structure model' 'Structure summary'   
# 
loop_
_pdbx_audit_revision_category.ordinal 
_pdbx_audit_revision_category.revision_ordinal 
_pdbx_audit_revision_category.data_content_type 
_pdbx_audit_revision_category.category 
1 2 'Structure model' chem_comp_atom            
2 2 'Structure model' chem_comp_bond            
3 2 'Structure model' database_2                
4 2 'Structure model' pdbx_entry_details        
5 2 'Structure model' pdbx_modification_feature 
# 
loop_
_pdbx_audit_revision_item.ordinal 
_pdbx_audit_revision_item.revision_ordinal 
_pdbx_audit_revision_item.data_content_type 
_pdbx_audit_revision_item.item 
1 2 'Structure model' '_database_2.pdbx_DOI'                
2 2 'Structure model' '_database_2.pdbx_database_accession' 
# 
_pdbx_database_status.entry_id                        5QHR 
_pdbx_database_status.status_code                     REL 
_pdbx_database_status.status_code_sf                  REL 
_pdbx_database_status.status_code_mr                  ? 
_pdbx_database_status.status_code_cs                  ? 
_pdbx_database_status.recvd_initial_deposition_date   2018-05-18 
_pdbx_database_status.deposit_site                    RCSB 
_pdbx_database_status.process_site                    RCSB 
_pdbx_database_status.SG_entry                        ? 
_pdbx_database_status.pdb_format_compatible           Y 
_pdbx_database_status.methods_development_category    ? 
_pdbx_database_status.status_code_nmr_data            ? 
# 
loop_
_audit_author.name 
_audit_author.pdbx_ordinal 
_audit_author.identifier_ORCID 
'Pinkas, D.M.'     1  ? 
'Bufton, J.C.'     2  ? 
'Fox, A.E.'        3  ? 
'Talon, R.'        4  ? 
'Krojer, T.'       5  ? 
'Douangamath, A.'  6  ? 
'Collins, P.'      7  ? 
'Zhang, R.'        8  ? 
'von Delft, F.'    9  ? 
'Bountra, C.'      10 ? 
'Arrowsmith, C.H.' 11 ? 
'Edwards, A.'      12 ? 
'Bullock, A.N.'    13 ? 
# 
_citation.id                        primary 
_citation.title                     'PanDDA analysis group deposition of models with modelled events (e.g. bound ligands)' 
_citation.journal_abbrev            'To Be Published' 
_citation.journal_volume            ? 
_citation.page_first                ? 
_citation.page_last                 ? 
_citation.year                      ? 
_citation.journal_id_ASTM           ? 
_citation.country                   ? 
_citation.journal_id_ISSN           ? 
_citation.journal_id_CSD            0353 
_citation.book_publisher            ? 
_citation.pdbx_database_id_PubMed   ? 
_citation.pdbx_database_id_DOI      ? 
# 
loop_
_citation_author.citation_id 
_citation_author.name 
_citation_author.ordinal 
_citation_author.identifier_ORCID 
primary 'Pinkas, D.M.'     1  ? 
primary 'Bufton, J.C.'     2  ? 
primary 'Fox, A.E.'        3  ? 
primary 'Talon, R.'        4  ? 
primary 'Krojer, T.'       5  ? 
primary 'Douangamath, A.'  6  ? 
primary 'Collins, P.'      7  ? 
primary 'Zhang, R.'        8  ? 
primary 'von Delft, F.'    9  ? 
primary 'Bountra, C.'      10 ? 
primary 'Arrowsmith, C.H.' 11 ? 
primary 'Edwards, A.'      12 ? 
primary 'Bullock, A.N.'    13 ? 
# 
loop_
_entity.id 
_entity.type 
_entity.src_method 
_entity.pdbx_description 
_entity.formula_weight 
_entity.pdbx_number_of_molecules 
_entity.pdbx_ec 
_entity.pdbx_mutation 
_entity.pdbx_fragment 
_entity.details 
1 polymer     man 'Protein FAM83B'                                       20783.109 1  ? ? ? ? 
2 non-polymer syn 1,2-ETHANEDIOL                                         62.068    2  ? ? ? ? 
3 non-polymer syn 'N-(3-fluorophenyl)-5-methyl-1,3,4-thiadiazol-2-amine' 209.243   1  ? ? ? ? 
4 water       nat water                                                  18.015    87 ? ? ? ? 
# 
_entity_poly.entity_id                      1 
_entity_poly.type                           'polypeptide(L)' 
_entity_poly.nstd_linkage                   no 
_entity_poly.nstd_monomer                   no 
_entity_poly.pdbx_seq_one_letter_code       
;SMGGTHIDLLFHPPRAHLLTIKETIRKMIKEARKVIALVMDIFTDVDIFKEIVEASTRGVSVYILLDESNFNHFLNMTEK
QGCSVQRLRNIRVRTVKGQDYLSKTGAKFHGKMEQKFLLVDCQKVMYGSYSYMWSFEKAHLSMVQIITGQLVESFDEEFR
TLYARSCVPSSFAQEESARV
;
_entity_poly.pdbx_seq_one_letter_code_can   
;SMGGTHIDLLFHPPRAHLLTIKETIRKMIKEARKVIALVMDIFTDVDIFKEIVEASTRGVSVYILLDESNFNHFLNMTEK
QGCSVQRLRNIRVRTVKGQDYLSKTGAKFHGKMEQKFLLVDCQKVMYGSYSYMWSFEKAHLSMVQIITGQLVESFDEEFR
TLYARSCVPSSFAQEESARV
;
_entity_poly.pdbx_strand_id                 A 
_entity_poly.pdbx_target_identifier         ? 
# 
loop_
_pdbx_entity_nonpoly.entity_id 
_pdbx_entity_nonpoly.name 
_pdbx_entity_nonpoly.comp_id 
2 1,2-ETHANEDIOL                                         EDO 
3 'N-(3-fluorophenyl)-5-methyl-1,3,4-thiadiazol-2-amine' GQS 
4 water                                                  HOH 
# 
loop_
_entity_poly_seq.entity_id 
_entity_poly_seq.num 
_entity_poly_seq.mon_id 
_entity_poly_seq.hetero 
1 1   SER n 
1 2   MET n 
1 3   GLY n 
1 4   GLY n 
1 5   THR n 
1 6   HIS n 
1 7   ILE n 
1 8   ASP n 
1 9   LEU n 
1 10  LEU n 
1 11  PHE n 
1 12  HIS n 
1 13  PRO n 
1 14  PRO n 
1 15  ARG n 
1 16  ALA n 
1 17  HIS n 
1 18  LEU n 
1 19  LEU n 
1 20  THR n 
1 21  ILE n 
1 22  LYS n 
1 23  GLU n 
1 24  THR n 
1 25  ILE n 
1 26  ARG n 
1 27  LYS n 
1 28  MET n 
1 29  ILE n 
1 30  LYS n 
1 31  GLU n 
1 32  ALA n 
1 33  ARG n 
1 34  LYS n 
1 35  VAL n 
1 36  ILE n 
1 37  ALA n 
1 38  LEU n 
1 39  VAL n 
1 40  MET n 
1 41  ASP n 
1 42  ILE n 
1 43  PHE n 
1 44  THR n 
1 45  ASP n 
1 46  VAL n 
1 47  ASP n 
1 48  ILE n 
1 49  PHE n 
1 50  LYS n 
1 51  GLU n 
1 52  ILE n 
1 53  VAL n 
1 54  GLU n 
1 55  ALA n 
1 56  SER n 
1 57  THR n 
1 58  ARG n 
1 59  GLY n 
1 60  VAL n 
1 61  SER n 
1 62  VAL n 
1 63  TYR n 
1 64  ILE n 
1 65  LEU n 
1 66  LEU n 
1 67  ASP n 
1 68  GLU n 
1 69  SER n 
1 70  ASN n 
1 71  PHE n 
1 72  ASN n 
1 73  HIS n 
1 74  PHE n 
1 75  LEU n 
1 76  ASN n 
1 77  MET n 
1 78  THR n 
1 79  GLU n 
1 80  LYS n 
1 81  GLN n 
1 82  GLY n 
1 83  CYS n 
1 84  SER n 
1 85  VAL n 
1 86  GLN n 
1 87  ARG n 
1 88  LEU n 
1 89  ARG n 
1 90  ASN n 
1 91  ILE n 
1 92  ARG n 
1 93  VAL n 
1 94  ARG n 
1 95  THR n 
1 96  VAL n 
1 97  LYS n 
1 98  GLY n 
1 99  GLN n 
1 100 ASP n 
1 101 TYR n 
1 102 LEU n 
1 103 SER n 
1 104 LYS n 
1 105 THR n 
1 106 GLY n 
1 107 ALA n 
1 108 LYS n 
1 109 PHE n 
1 110 HIS n 
1 111 GLY n 
1 112 LYS n 
1 113 MET n 
1 114 GLU n 
1 115 GLN n 
1 116 LYS n 
1 117 PHE n 
1 118 LEU n 
1 119 LEU n 
1 120 VAL n 
1 121 ASP n 
1 122 CYS n 
1 123 GLN n 
1 124 LYS n 
1 125 VAL n 
1 126 MET n 
1 127 TYR n 
1 128 GLY n 
1 129 SER n 
1 130 TYR n 
1 131 SER n 
1 132 TYR n 
1 133 MET n 
1 134 TRP n 
1 135 SER n 
1 136 PHE n 
1 137 GLU n 
1 138 LYS n 
1 139 ALA n 
1 140 HIS n 
1 141 LEU n 
1 142 SER n 
1 143 MET n 
1 144 VAL n 
1 145 GLN n 
1 146 ILE n 
1 147 ILE n 
1 148 THR n 
1 149 GLY n 
1 150 GLN n 
1 151 LEU n 
1 152 VAL n 
1 153 GLU n 
1 154 SER n 
1 155 PHE n 
1 156 ASP n 
1 157 GLU n 
1 158 GLU n 
1 159 PHE n 
1 160 ARG n 
1 161 THR n 
1 162 LEU n 
1 163 TYR n 
1 164 ALA n 
1 165 ARG n 
1 166 SER n 
1 167 CYS n 
1 168 VAL n 
1 169 PRO n 
1 170 SER n 
1 171 SER n 
1 172 PHE n 
1 173 ALA n 
1 174 GLN n 
1 175 GLU n 
1 176 GLU n 
1 177 SER n 
1 178 ALA n 
1 179 ARG n 
1 180 VAL n 
# 
_entity_src_gen.entity_id                          1 
_entity_src_gen.pdbx_src_id                        1 
_entity_src_gen.pdbx_alt_source_flag               sample 
_entity_src_gen.pdbx_seq_type                      'Biological sequence' 
_entity_src_gen.pdbx_beg_seq_num                   1 
_entity_src_gen.pdbx_end_seq_num                   180 
_entity_src_gen.gene_src_common_name               Human 
_entity_src_gen.gene_src_genus                     ? 
_entity_src_gen.pdbx_gene_src_gene                 'FAM83B, C6orf143' 
_entity_src_gen.gene_src_species                   ? 
_entity_src_gen.gene_src_strain                    ? 
_entity_src_gen.gene_src_tissue                    ? 
_entity_src_gen.gene_src_tissue_fraction           ? 
_entity_src_gen.gene_src_details                   ? 
_entity_src_gen.pdbx_gene_src_fragment             ? 
_entity_src_gen.pdbx_gene_src_scientific_name      'Homo sapiens' 
_entity_src_gen.pdbx_gene_src_ncbi_taxonomy_id     9606 
_entity_src_gen.pdbx_gene_src_variant              ? 
_entity_src_gen.pdbx_gene_src_cell_line            ? 
_entity_src_gen.pdbx_gene_src_atcc                 ? 
_entity_src_gen.pdbx_gene_src_organ                ? 
_entity_src_gen.pdbx_gene_src_organelle            ? 
_entity_src_gen.pdbx_gene_src_cell                 ? 
_entity_src_gen.pdbx_gene_src_cellular_location    ? 
_entity_src_gen.host_org_common_name               ? 
_entity_src_gen.pdbx_host_org_scientific_name      'escherichia coli' 
_entity_src_gen.pdbx_host_org_ncbi_taxonomy_id     562 
_entity_src_gen.host_org_genus                     ? 
_entity_src_gen.pdbx_host_org_gene                 ? 
_entity_src_gen.pdbx_host_org_organ                ? 
_entity_src_gen.host_org_species                   ? 
_entity_src_gen.pdbx_host_org_tissue               ? 
_entity_src_gen.pdbx_host_org_tissue_fraction      ? 
_entity_src_gen.pdbx_host_org_strain               ? 
_entity_src_gen.pdbx_host_org_variant              ? 
_entity_src_gen.pdbx_host_org_cell_line            ? 
_entity_src_gen.pdbx_host_org_atcc                 ? 
_entity_src_gen.pdbx_host_org_culture_collection   ? 
_entity_src_gen.pdbx_host_org_cell                 ? 
_entity_src_gen.pdbx_host_org_organelle            ? 
_entity_src_gen.pdbx_host_org_cellular_location    ? 
_entity_src_gen.pdbx_host_org_vector_type          ? 
_entity_src_gen.pdbx_host_org_vector               ? 
_entity_src_gen.host_org_details                   ? 
_entity_src_gen.expression_system_id               ? 
_entity_src_gen.plasmid_name                       ? 
_entity_src_gen.plasmid_details                    ? 
_entity_src_gen.pdbx_description                   ? 
# 
loop_
_chem_comp.id 
_chem_comp.type 
_chem_comp.mon_nstd_flag 
_chem_comp.name 
_chem_comp.pdbx_synonyms 
_chem_comp.formula 
_chem_comp.formula_weight 
ALA 'L-peptide linking' y ALANINE                                                ?                 'C3 H7 N O2'     89.093  
ARG 'L-peptide linking' y ARGININE                                               ?                 'C6 H15 N4 O2 1' 175.209 
ASN 'L-peptide linking' y ASPARAGINE                                             ?                 'C4 H8 N2 O3'    132.118 
ASP 'L-peptide linking' y 'ASPARTIC ACID'                                        ?                 'C4 H7 N O4'     133.103 
CYS 'L-peptide linking' y CYSTEINE                                               ?                 'C3 H7 N O2 S'   121.158 
EDO non-polymer         . 1,2-ETHANEDIOL                                         'ETHYLENE GLYCOL' 'C2 H6 O2'       62.068  
GLN 'L-peptide linking' y GLUTAMINE                                              ?                 'C5 H10 N2 O3'   146.144 
GLU 'L-peptide linking' y 'GLUTAMIC ACID'                                        ?                 'C5 H9 N O4'     147.129 
GLY 'peptide linking'   y GLYCINE                                                ?                 'C2 H5 N O2'     75.067  
GQS non-polymer         . 'N-(3-fluorophenyl)-5-methyl-1,3,4-thiadiazol-2-amine' ?                 'C9 H8 F N3 S'   209.243 
HIS 'L-peptide linking' y HISTIDINE                                              ?                 'C6 H10 N3 O2 1' 156.162 
HOH non-polymer         . WATER                                                  ?                 'H2 O'           18.015  
ILE 'L-peptide linking' y ISOLEUCINE                                             ?                 'C6 H13 N O2'    131.173 
LEU 'L-peptide linking' y LEUCINE                                                ?                 'C6 H13 N O2'    131.173 
LYS 'L-peptide linking' y LYSINE                                                 ?                 'C6 H15 N2 O2 1' 147.195 
MET 'L-peptide linking' y METHIONINE                                             ?                 'C5 H11 N O2 S'  149.211 
PHE 'L-peptide linking' y PHENYLALANINE                                          ?                 'C9 H11 N O2'    165.189 
PRO 'L-peptide linking' y PROLINE                                                ?                 'C5 H9 N O2'     115.130 
SER 'L-peptide linking' y SERINE                                                 ?                 'C3 H7 N O3'     105.093 
THR 'L-peptide linking' y THREONINE                                              ?                 'C4 H9 N O3'     119.119 
TRP 'L-peptide linking' y TRYPTOPHAN                                             ?                 'C11 H12 N2 O2'  204.225 
TYR 'L-peptide linking' y TYROSINE                                               ?                 'C9 H11 N O3'    181.189 
VAL 'L-peptide linking' y VALINE                                                 ?                 'C5 H11 N O2'    117.146 
# 
loop_
_pdbx_poly_seq_scheme.asym_id 
_pdbx_poly_seq_scheme.entity_id 
_pdbx_poly_seq_scheme.seq_id 
_pdbx_poly_seq_scheme.mon_id 
_pdbx_poly_seq_scheme.ndb_seq_num 
_pdbx_poly_seq_scheme.pdb_seq_num 
_pdbx_poly_seq_scheme.auth_seq_num 
_pdbx_poly_seq_scheme.pdb_mon_id 
_pdbx_poly_seq_scheme.auth_mon_id 
_pdbx_poly_seq_scheme.pdb_strand_id 
_pdbx_poly_seq_scheme.pdb_ins_code 
_pdbx_poly_seq_scheme.hetero 
A 1 1   SER 1   1   ?   ?   ?   A . n 
A 1 2   MET 2   2   ?   ?   ?   A . n 
A 1 3   GLY 3   3   3   GLY GLY A . n 
A 1 4   GLY 4   4   4   GLY GLY A . n 
A 1 5   THR 5   5   5   THR THR A . n 
A 1 6   HIS 6   6   6   HIS HIS A . n 
A 1 7   ILE 7   7   7   ILE ILE A . n 
A 1 8   ASP 8   8   8   ASP ASP A . n 
A 1 9   LEU 9   9   9   LEU LEU A . n 
A 1 10  LEU 10  10  10  LEU LEU A . n 
A 1 11  PHE 11  11  11  PHE PHE A . n 
A 1 12  HIS 12  12  12  HIS HIS A . n 
A 1 13  PRO 13  13  13  PRO PRO A . n 
A 1 14  PRO 14  14  14  PRO PRO A . n 
A 1 15  ARG 15  15  15  ARG ARG A . n 
A 1 16  ALA 16  16  16  ALA ALA A . n 
A 1 17  HIS 17  17  17  HIS HIS A . n 
A 1 18  LEU 18  18  18  LEU LEU A . n 
A 1 19  LEU 19  19  19  LEU LEU A . n 
A 1 20  THR 20  20  20  THR THR A . n 
A 1 21  ILE 21  21  21  ILE ILE A . n 
A 1 22  LYS 22  22  22  LYS LYS A . n 
A 1 23  GLU 23  23  23  GLU GLU A . n 
A 1 24  THR 24  24  24  THR THR A . n 
A 1 25  ILE 25  25  25  ILE ILE A . n 
A 1 26  ARG 26  26  26  ARG ARG A . n 
A 1 27  LYS 27  27  27  LYS LYS A . n 
A 1 28  MET 28  28  28  MET MET A . n 
A 1 29  ILE 29  29  29  ILE ILE A . n 
A 1 30  LYS 30  30  30  LYS LYS A . n 
A 1 31  GLU 31  31  31  GLU GLU A . n 
A 1 32  ALA 32  32  32  ALA ALA A . n 
A 1 33  ARG 33  33  33  ARG ARG A . n 
A 1 34  LYS 34  34  34  LYS LYS A . n 
A 1 35  VAL 35  35  35  VAL VAL A . n 
A 1 36  ILE 36  36  36  ILE ILE A . n 
A 1 37  ALA 37  37  37  ALA ALA A . n 
A 1 38  LEU 38  38  38  LEU LEU A . n 
A 1 39  VAL 39  39  39  VAL VAL A . n 
A 1 40  MET 40  40  40  MET MET A . n 
A 1 41  ASP 41  41  41  ASP ASP A . n 
A 1 42  ILE 42  42  42  ILE ILE A . n 
A 1 43  PHE 43  43  43  PHE PHE A . n 
A 1 44  THR 44  44  44  THR THR A . n 
A 1 45  ASP 45  45  45  ASP ASP A . n 
A 1 46  VAL 46  46  46  VAL VAL A . n 
A 1 47  ASP 47  47  47  ASP ASP A . n 
A 1 48  ILE 48  48  48  ILE ILE A . n 
A 1 49  PHE 49  49  49  PHE PHE A . n 
A 1 50  LYS 50  50  50  LYS LYS A . n 
A 1 51  GLU 51  51  51  GLU GLU A . n 
A 1 52  ILE 52  52  52  ILE ILE A . n 
A 1 53  VAL 53  53  53  VAL VAL A . n 
A 1 54  GLU 54  54  54  GLU GLU A . n 
A 1 55  ALA 55  55  55  ALA ALA A . n 
A 1 56  SER 56  56  56  SER SER A . n 
A 1 57  THR 57  57  57  THR THR A . n 
A 1 58  ARG 58  58  58  ARG ARG A . n 
A 1 59  GLY 59  59  59  GLY GLY A . n 
A 1 60  VAL 60  60  60  VAL VAL A . n 
A 1 61  SER 61  61  61  SER SER A . n 
A 1 62  VAL 62  62  62  VAL VAL A . n 
A 1 63  TYR 63  63  63  TYR TYR A . n 
A 1 64  ILE 64  64  64  ILE ILE A . n 
A 1 65  LEU 65  65  65  LEU LEU A . n 
A 1 66  LEU 66  66  66  LEU LEU A . n 
A 1 67  ASP 67  67  67  ASP ASP A . n 
A 1 68  GLU 68  68  68  GLU GLU A . n 
A 1 69  SER 69  69  69  SER SER A . n 
A 1 70  ASN 70  70  70  ASN ASN A . n 
A 1 71  PHE 71  71  71  PHE PHE A . n 
A 1 72  ASN 72  72  72  ASN ASN A . n 
A 1 73  HIS 73  73  73  HIS HIS A . n 
A 1 74  PHE 74  74  74  PHE PHE A . n 
A 1 75  LEU 75  75  75  LEU LEU A . n 
A 1 76  ASN 76  76  76  ASN ASN A . n 
A 1 77  MET 77  77  77  MET MET A . n 
A 1 78  THR 78  78  78  THR THR A . n 
A 1 79  GLU 79  79  79  GLU GLU A . n 
A 1 80  LYS 80  80  80  LYS LYS A . n 
A 1 81  GLN 81  81  81  GLN GLN A . n 
A 1 82  GLY 82  82  82  GLY GLY A . n 
A 1 83  CYS 83  83  83  CYS CYS A . n 
A 1 84  SER 84  84  84  SER SER A . n 
A 1 85  VAL 85  85  85  VAL VAL A . n 
A 1 86  GLN 86  86  86  GLN GLN A . n 
A 1 87  ARG 87  87  87  ARG ARG A . n 
A 1 88  LEU 88  88  88  LEU LEU A . n 
A 1 89  ARG 89  89  89  ARG ARG A . n 
A 1 90  ASN 90  90  90  ASN ASN A . n 
A 1 91  ILE 91  91  91  ILE ILE A . n 
A 1 92  ARG 92  92  92  ARG ARG A . n 
A 1 93  VAL 93  93  93  VAL VAL A . n 
A 1 94  ARG 94  94  94  ARG ARG A . n 
A 1 95  THR 95  95  95  THR THR A . n 
A 1 96  VAL 96  96  96  VAL VAL A . n 
A 1 97  LYS 97  97  97  LYS LYS A . n 
A 1 98  GLY 98  98  98  GLY GLY A . n 
A 1 99  GLN 99  99  99  GLN GLN A . n 
A 1 100 ASP 100 100 100 ASP ASP A . n 
A 1 101 TYR 101 101 101 TYR TYR A . n 
A 1 102 LEU 102 102 ?   ?   ?   A . n 
A 1 103 SER 103 103 ?   ?   ?   A . n 
A 1 104 LYS 104 104 ?   ?   ?   A . n 
A 1 105 THR 105 105 ?   ?   ?   A . n 
A 1 106 GLY 106 106 ?   ?   ?   A . n 
A 1 107 ALA 107 107 ?   ?   ?   A . n 
A 1 108 LYS 108 108 ?   ?   ?   A . n 
A 1 109 PHE 109 109 109 PHE PHE A . n 
A 1 110 HIS 110 110 110 HIS HIS A . n 
A 1 111 GLY 111 111 111 GLY GLY A . n 
A 1 112 LYS 112 112 112 LYS LYS A . n 
A 1 113 MET 113 113 113 MET MET A . n 
A 1 114 GLU 114 114 114 GLU GLU A . n 
A 1 115 GLN 115 115 115 GLN GLN A . n 
A 1 116 LYS 116 116 116 LYS LYS A . n 
A 1 117 PHE 117 117 117 PHE PHE A . n 
A 1 118 LEU 118 118 118 LEU LEU A . n 
A 1 119 LEU 119 119 119 LEU LEU A . n 
A 1 120 VAL 120 120 120 VAL VAL A . n 
A 1 121 ASP 121 121 121 ASP ASP A . n 
A 1 122 CYS 122 122 122 CYS CYS A . n 
A 1 123 GLN 123 123 123 GLN GLN A . n 
A 1 124 LYS 124 124 124 LYS LYS A . n 
A 1 125 VAL 125 125 125 VAL VAL A . n 
A 1 126 MET 126 126 126 MET MET A . n 
A 1 127 TYR 127 127 127 TYR TYR A . n 
A 1 128 GLY 128 128 128 GLY GLY A . n 
A 1 129 SER 129 129 129 SER SER A . n 
A 1 130 TYR 130 130 130 TYR TYR A . n 
A 1 131 SER 131 131 131 SER SER A . n 
A 1 132 TYR 132 132 132 TYR TYR A . n 
A 1 133 MET 133 133 133 MET MET A . n 
A 1 134 TRP 134 134 134 TRP TRP A . n 
A 1 135 SER 135 135 135 SER SER A . n 
A 1 136 PHE 136 136 136 PHE PHE A . n 
A 1 137 GLU 137 137 137 GLU GLU A . n 
A 1 138 LYS 138 138 138 LYS LYS A . n 
A 1 139 ALA 139 139 139 ALA ALA A . n 
A 1 140 HIS 140 140 140 HIS HIS A . n 
A 1 141 LEU 141 141 141 LEU LEU A . n 
A 1 142 SER 142 142 142 SER SER A . n 
A 1 143 MET 143 143 143 MET MET A . n 
A 1 144 VAL 144 144 144 VAL VAL A . n 
A 1 145 GLN 145 145 145 GLN GLN A . n 
A 1 146 ILE 146 146 146 ILE ILE A . n 
A 1 147 ILE 147 147 147 ILE ILE A . n 
A 1 148 THR 148 148 148 THR THR A . n 
A 1 149 GLY 149 149 149 GLY GLY A . n 
A 1 150 GLN 150 150 150 GLN GLN A . n 
A 1 151 LEU 151 151 151 LEU LEU A . n 
A 1 152 VAL 152 152 152 VAL VAL A . n 
A 1 153 GLU 153 153 153 GLU GLU A . n 
A 1 154 SER 154 154 154 SER SER A . n 
A 1 155 PHE 155 155 155 PHE PHE A . n 
A 1 156 ASP 156 156 156 ASP ASP A . n 
A 1 157 GLU 157 157 157 GLU GLU A . n 
A 1 158 GLU 158 158 158 GLU GLU A . n 
A 1 159 PHE 159 159 159 PHE PHE A . n 
A 1 160 ARG 160 160 160 ARG ARG A . n 
A 1 161 THR 161 161 161 THR THR A . n 
A 1 162 LEU 162 162 162 LEU LEU A . n 
A 1 163 TYR 163 163 163 TYR TYR A . n 
A 1 164 ALA 164 164 164 ALA ALA A . n 
A 1 165 ARG 165 165 165 ARG ARG A . n 
A 1 166 SER 166 166 166 SER SER A . n 
A 1 167 CYS 167 167 167 CYS CYS A . n 
A 1 168 VAL 168 168 168 VAL VAL A . n 
A 1 169 PRO 169 169 169 PRO PRO A . n 
A 1 170 SER 170 170 170 SER SER A . n 
A 1 171 SER 171 171 171 SER SER A . n 
A 1 172 PHE 172 172 172 PHE PHE A . n 
A 1 173 ALA 173 173 173 ALA ALA A . n 
A 1 174 GLN 174 174 ?   ?   ?   A . n 
A 1 175 GLU 175 175 ?   ?   ?   A . n 
A 1 176 GLU 176 176 ?   ?   ?   A . n 
A 1 177 SER 177 177 ?   ?   ?   A . n 
A 1 178 ALA 178 178 ?   ?   ?   A . n 
A 1 179 ARG 179 179 ?   ?   ?   A . n 
A 1 180 VAL 180 180 ?   ?   ?   A . n 
# 
loop_
_pdbx_nonpoly_scheme.asym_id 
_pdbx_nonpoly_scheme.entity_id 
_pdbx_nonpoly_scheme.mon_id 
_pdbx_nonpoly_scheme.ndb_seq_num 
_pdbx_nonpoly_scheme.pdb_seq_num 
_pdbx_nonpoly_scheme.auth_seq_num 
_pdbx_nonpoly_scheme.pdb_mon_id 
_pdbx_nonpoly_scheme.auth_mon_id 
_pdbx_nonpoly_scheme.pdb_strand_id 
_pdbx_nonpoly_scheme.pdb_ins_code 
B 2 EDO 1  201 1  EDO EDO A . 
C 2 EDO 1  202 2  EDO EDO A . 
D 3 GQS 1  203 1  GQS LIG A . 
E 4 HOH 1  301 79 HOH HOH A . 
E 4 HOH 2  302 61 HOH HOH A . 
E 4 HOH 3  303 68 HOH HOH A . 
E 4 HOH 4  304 97 HOH HOH A . 
E 4 HOH 5  305 91 HOH HOH A . 
E 4 HOH 6  306 56 HOH HOH A . 
E 4 HOH 7  307 42 HOH HOH A . 
E 4 HOH 8  308 66 HOH HOH A . 
E 4 HOH 9  309 83 HOH HOH A . 
E 4 HOH 10 310 94 HOH HOH A . 
E 4 HOH 11 311 51 HOH HOH A . 
E 4 HOH 12 312 26 HOH HOH A . 
E 4 HOH 13 313 58 HOH HOH A . 
E 4 HOH 14 314 59 HOH HOH A . 
E 4 HOH 15 315 13 HOH HOH A . 
E 4 HOH 16 316 30 HOH HOH A . 
E 4 HOH 17 317 96 HOH HOH A . 
E 4 HOH 18 318 12 HOH HOH A . 
E 4 HOH 19 319 19 HOH HOH A . 
E 4 HOH 20 320 39 HOH HOH A . 
E 4 HOH 21 321 28 HOH HOH A . 
E 4 HOH 22 322 29 HOH HOH A . 
E 4 HOH 23 323 2  HOH HOH A . 
E 4 HOH 24 324 34 HOH HOH A . 
E 4 HOH 25 325 46 HOH HOH A . 
E 4 HOH 26 326 17 HOH HOH A . 
E 4 HOH 27 327 93 HOH HOH A . 
E 4 HOH 28 328 37 HOH HOH A . 
E 4 HOH 29 329 1  HOH HOH A . 
E 4 HOH 30 330 86 HOH HOH A . 
E 4 HOH 31 331 8  HOH HOH A . 
E 4 HOH 32 332 55 HOH HOH A . 
E 4 HOH 33 333 3  HOH HOH A . 
E 4 HOH 34 334 64 HOH HOH A . 
E 4 HOH 35 335 95 HOH HOH A . 
E 4 HOH 36 336 10 HOH HOH A . 
E 4 HOH 37 337 4  HOH HOH A . 
E 4 HOH 38 338 87 HOH HOH A . 
E 4 HOH 39 339 36 HOH HOH A . 
E 4 HOH 40 340 9  HOH HOH A . 
E 4 HOH 41 341 49 HOH HOH A . 
E 4 HOH 42 342 6  HOH HOH A . 
E 4 HOH 43 343 82 HOH HOH A . 
E 4 HOH 44 344 21 HOH HOH A . 
E 4 HOH 45 345 7  HOH HOH A . 
E 4 HOH 46 346 88 HOH HOH A . 
E 4 HOH 47 347 22 HOH HOH A . 
E 4 HOH 48 348 40 HOH HOH A . 
E 4 HOH 49 349 23 HOH HOH A . 
E 4 HOH 50 350 90 HOH HOH A . 
E 4 HOH 51 351 48 HOH HOH A . 
E 4 HOH 52 352 81 HOH HOH A . 
E 4 HOH 53 353 11 HOH HOH A . 
E 4 HOH 54 354 44 HOH HOH A . 
E 4 HOH 55 355 62 HOH HOH A . 
E 4 HOH 56 356 24 HOH HOH A . 
E 4 HOH 57 357 77 HOH HOH A . 
E 4 HOH 58 358 20 HOH HOH A . 
E 4 HOH 59 359 50 HOH HOH A . 
E 4 HOH 60 360 5  HOH HOH A . 
E 4 HOH 61 361 15 HOH HOH A . 
E 4 HOH 62 362 53 HOH HOH A . 
E 4 HOH 63 363 80 HOH HOH A . 
E 4 HOH 64 364 63 HOH HOH A . 
E 4 HOH 65 365 60 HOH HOH A . 
E 4 HOH 66 366 14 HOH HOH A . 
E 4 HOH 67 367 98 HOH HOH A . 
E 4 HOH 68 368 41 HOH HOH A . 
E 4 HOH 69 369 16 HOH HOH A . 
E 4 HOH 70 370 45 HOH HOH A . 
E 4 HOH 71 371 33 HOH HOH A . 
E 4 HOH 72 372 25 HOH HOH A . 
E 4 HOH 73 373 67 HOH HOH A . 
E 4 HOH 74 374 72 HOH HOH A . 
E 4 HOH 75 375 74 HOH HOH A . 
E 4 HOH 76 376 84 HOH HOH A . 
E 4 HOH 77 377 89 HOH HOH A . 
E 4 HOH 78 378 18 HOH HOH A . 
E 4 HOH 79 379 35 HOH HOH A . 
E 4 HOH 80 380 78 HOH HOH A . 
E 4 HOH 81 381 38 HOH HOH A . 
E 4 HOH 82 382 32 HOH HOH A . 
E 4 HOH 83 383 85 HOH HOH A . 
E 4 HOH 84 384 73 HOH HOH A . 
E 4 HOH 85 385 52 HOH HOH A . 
E 4 HOH 86 386 92 HOH HOH A . 
E 4 HOH 87 387 71 HOH HOH A . 
# 
loop_
_pdbx_unobs_or_zero_occ_atoms.id 
_pdbx_unobs_or_zero_occ_atoms.PDB_model_num 
_pdbx_unobs_or_zero_occ_atoms.polymer_flag 
_pdbx_unobs_or_zero_occ_atoms.occupancy_flag 
_pdbx_unobs_or_zero_occ_atoms.auth_asym_id 
_pdbx_unobs_or_zero_occ_atoms.auth_comp_id 
_pdbx_unobs_or_zero_occ_atoms.auth_seq_id 
_pdbx_unobs_or_zero_occ_atoms.PDB_ins_code 
_pdbx_unobs_or_zero_occ_atoms.auth_atom_id 
_pdbx_unobs_or_zero_occ_atoms.label_alt_id 
_pdbx_unobs_or_zero_occ_atoms.label_asym_id 
_pdbx_unobs_or_zero_occ_atoms.label_comp_id 
_pdbx_unobs_or_zero_occ_atoms.label_seq_id 
_pdbx_unobs_or_zero_occ_atoms.label_atom_id 
1 1 Y 1 A ARG 89 ? CG  ? A ARG 89 CG  
2 1 Y 1 A ARG 89 ? CD  ? A ARG 89 CD  
3 1 Y 1 A ARG 89 ? NE  ? A ARG 89 NE  
4 1 Y 1 A ARG 89 ? CZ  ? A ARG 89 CZ  
5 1 Y 1 A ARG 89 ? NH1 ? A ARG 89 NH1 
6 1 Y 1 A ARG 89 ? NH2 ? A ARG 89 NH2 
# 
loop_
_software.pdbx_ordinal 
_software.name 
_software.version 
_software.date 
_software.type 
_software.contact_author 
_software.contact_author_email 
_software.classification 
_software.location 
_software.language 
_software.citation_id 
1 REFMAC      5.8.0189 ?               program 'Garib N. Murshudov' garib@ysbl.york.ac.uk    refinement        
http://www.ccp4.ac.uk/dist/html/refmac5.html        Fortran_77 ? 
2 Aimless     0.5.32   29/03/17        program 'Phil Evans'         ?                        'data scaling'    
http://www.mrc-lmb.cam.ac.uk/harry/pre/aimless.html ?          ? 
3 PDB_EXTRACT 3.23     'SEP. 23, 2016' package PDB                  deposit@deposit.rcsb.org 'data extraction' 
http://sw-tools.pdb.org/apps/PDB_EXTRACT/           C++        ? 
4 XDS         .        ?               program ?                    ?                        'data reduction'  ? ?          ? 
5 REFMAC      .        ?               program ?                    ?                        phasing           ? ?          ? 
# 
_cell.entry_id           5QHR 
_cell.length_a           50.494 
_cell.length_b           50.494 
_cell.length_c           153.169 
_cell.angle_alpha        90.000 
_cell.angle_beta         90.000 
_cell.angle_gamma        90.000 
_cell.Z_PDB              8 
_cell.pdbx_unique_axis   ? 
# 
_symmetry.entry_id                         5QHR 
_symmetry.Int_Tables_number                91 
_symmetry.space_group_name_H-M             'P 41 2 2' 
_symmetry.pdbx_full_space_group_name_H-M   ? 
_symmetry.cell_setting                     ? 
# 
_exptl.crystals_number   1 
_exptl.entry_id          5QHR 
_exptl.method            'X-RAY DIFFRACTION' 
# 
_exptl_crystal.id                    1 
_exptl_crystal.pdbx_mosaicity        0.000 
_exptl_crystal.pdbx_mosaicity_esd    ? 
_exptl_crystal.density_Matthews      2.35 
_exptl_crystal.density_diffrn        ? 
_exptl_crystal.density_meas          ? 
_exptl_crystal.density_meas_temp     ? 
_exptl_crystal.density_percent_sol   47.63 
_exptl_crystal.size_max              ? 
_exptl_crystal.size_mid              ? 
_exptl_crystal.size_min              ? 
_exptl_crystal.size_rad              ? 
_exptl_crystal.description           ? 
# 
_exptl_crystal_grow.crystal_id      1 
_exptl_crystal_grow.method          'VAPOR DIFFUSION, SITTING DROP' 
_exptl_crystal_grow.pH              7.0 
_exptl_crystal_grow.temp            293 
_exptl_crystal_grow.pdbx_details    '27.3% Tacsimate pH 7.0, 0.15 M NaCl' 
_exptl_crystal_grow.temp_details    ? 
_exptl_crystal_grow.pdbx_pH_range   ? 
# 
_diffrn.id                     1 
_diffrn.ambient_temp           100 
_diffrn.crystal_id             1 
_diffrn.ambient_temp_details   ? 
# 
_diffrn_detector.detector               PIXEL 
_diffrn_detector.type                   'DECTRIS PILATUS 6M' 
_diffrn_detector.pdbx_collection_date   2017-08-04 
_diffrn_detector.diffrn_id              1 
_diffrn_detector.details                ? 
# 
_diffrn_radiation.diffrn_id                        1 
_diffrn_radiation.wavelength_id                    1 
_diffrn_radiation.pdbx_diffrn_protocol             'SINGLE WAVELENGTH' 
_diffrn_radiation.pdbx_monochromatic_or_laue_m_l   ? 
_diffrn_radiation.monochromator                    ? 
_diffrn_radiation.pdbx_scattering_type             x-ray 
# 
_diffrn_radiation_wavelength.id           1 
_diffrn_radiation_wavelength.wavelength   0.91587 
_diffrn_radiation_wavelength.wt           1.0 
# 
_diffrn_source.diffrn_id                   1 
_diffrn_source.source                      SYNCHROTRON 
_diffrn_source.type                        'DIAMOND BEAMLINE I04-1' 
_diffrn_source.pdbx_wavelength_list        0.91587 
_diffrn_source.pdbx_synchrotron_site       Diamond 
_diffrn_source.pdbx_synchrotron_beamline   I04-1 
_diffrn_source.pdbx_wavelength             ? 
# 
_reflns.entry_id                     5QHR 
_reflns.pdbx_diffrn_id               1 
_reflns.pdbx_ordinal                 1 
_reflns.observed_criterion_sigma_I   ? 
_reflns.observed_criterion_sigma_F   ? 
_reflns.d_resolution_low             153.170 
_reflns.d_resolution_high            1.680 
_reflns.number_obs                   23603 
_reflns.number_all                   ? 
_reflns.percent_possible_obs         100.000 
_reflns.pdbx_Rmerge_I_obs            0.054 
_reflns.pdbx_Rsym_value              ? 
_reflns.pdbx_netI_over_sigmaI        14.800 
_reflns.B_iso_Wilson_estimate        ? 
_reflns.pdbx_redundancy              8.100 
_reflns.pdbx_Rrim_I_all              0.057 
_reflns.pdbx_Rpim_I_all              0.020 
_reflns.pdbx_CC_half                 0.999 
_reflns.pdbx_netI_over_av_sigmaI     ? 
_reflns.pdbx_number_measured_all     190644 
_reflns.pdbx_scaling_rejects         9 
_reflns.pdbx_chi_squared             ? 
_reflns.Rmerge_F_all                 ? 
_reflns.Rmerge_F_obs                 ? 
_reflns.observed_criterion_F_max     ? 
_reflns.observed_criterion_F_min     ? 
_reflns.observed_criterion_I_max     ? 
_reflns.observed_criterion_I_min     ? 
_reflns.pdbx_d_res_high_opt          ? 
_reflns.pdbx_d_res_low_opt           ? 
_reflns.details                      ? 
# 
loop_
_reflns_shell.pdbx_diffrn_id 
_reflns_shell.pdbx_ordinal 
_reflns_shell.d_res_high 
_reflns_shell.d_res_low 
_reflns_shell.number_measured_obs 
_reflns_shell.number_measured_all 
_reflns_shell.number_unique_obs 
_reflns_shell.pdbx_rejects 
_reflns_shell.Rmerge_I_obs 
_reflns_shell.meanI_over_sigI_obs 
_reflns_shell.pdbx_Rsym_value 
_reflns_shell.pdbx_chi_squared 
_reflns_shell.pdbx_redundancy 
_reflns_shell.percent_possible_obs 
_reflns_shell.pdbx_netI_over_sigmaI_obs 
_reflns_shell.number_possible 
_reflns_shell.number_unique_all 
_reflns_shell.Rmerge_F_all 
_reflns_shell.Rmerge_F_obs 
_reflns_shell.Rmerge_I_all 
_reflns_shell.meanI_over_sigI_all 
_reflns_shell.percent_possible_all 
_reflns_shell.pdbx_Rrim_I_all 
_reflns_shell.pdbx_Rpim_I_all 
_reflns_shell.pdbx_CC_half 
1 1 1.680 1.720   ? 11807 ? ? 1.595 ? ? ? 7.000 ? 1.200  ? 1682 ? ? ? ? 100.000 1.725 0.648 0.528 
1 2 7.510 153.170 ? 2344  ? ? 0.032 ? ? ? 6.700 ? 44.800 ? 352  ? ? ? ? 99.800  0.034 0.013 0.999 
# 
_refine.entry_id                                 5QHR 
_refine.pdbx_refine_id                           'X-RAY DIFFRACTION' 
_refine.ls_d_res_high                            1.6800 
_refine.ls_d_res_low                             50.4900 
_refine.pdbx_ls_sigma_F                          0.000 
_refine.pdbx_data_cutoff_high_absF               ? 
_refine.pdbx_data_cutoff_low_absF                ? 
_refine.ls_percent_reflns_obs                    99.3600 
_refine.ls_number_reflns_obs                     22178 
_refine.ls_number_reflns_all                     ? 
_refine.pdbx_ls_cross_valid_method               THROUGHOUT 
_refine.ls_matrix_type                           ? 
_refine.pdbx_R_Free_selection_details            RANDOM 
_refine.details                                  
'HYDROGENS HAVE BEEN ADDED IN THE RIDING POSITIONS U VALUES      : REFINED INDIVIDUALLY' 
_refine.ls_R_factor_all                          ? 
_refine.ls_R_factor_obs                          0.2058 
_refine.ls_R_factor_R_work                       0.2039 
_refine.ls_wR_factor_R_work                      ? 
_refine.ls_R_factor_R_free                       0.2417 
_refine.ls_wR_factor_R_free                      ? 
_refine.ls_percent_reflns_R_free                 5.2000 
_refine.ls_number_reflns_R_free                  1225 
_refine.ls_number_reflns_R_work                  ? 
_refine.ls_R_factor_R_free_error                 ? 
_refine.B_iso_mean                               34.9220 
_refine.solvent_model_param_bsol                 ? 
_refine.solvent_model_param_ksol                 ? 
_refine.pdbx_isotropic_thermal_model             ? 
_refine.aniso_B[1][1]                            0.5900 
_refine.aniso_B[2][2]                            0.5900 
_refine.aniso_B[3][3]                            -1.1800 
_refine.aniso_B[1][2]                            -0.0000 
_refine.aniso_B[1][3]                            -0.0000 
_refine.aniso_B[2][3]                            -0.0000 
_refine.correlation_coeff_Fo_to_Fc               0.9640 
_refine.correlation_coeff_Fo_to_Fc_free          0.9430 
_refine.overall_SU_R_Cruickshank_DPI             ? 
_refine.pdbx_overall_SU_R_free_Cruickshank_DPI   ? 
_refine.pdbx_overall_SU_R_Blow_DPI               ? 
_refine.pdbx_overall_SU_R_free_Blow_DPI          ? 
_refine.overall_SU_R_free                        ? 
_refine.pdbx_overall_ESU_R                       0.1050 
_refine.pdbx_overall_ESU_R_Free                  0.1070 
_refine.overall_SU_ML                            0.0890 
_refine.overall_SU_B                             2.9340 
_refine.solvent_model_details                    MASK 
_refine.pdbx_solvent_vdw_probe_radii             1.2000 
_refine.pdbx_solvent_ion_probe_radii             0.8000 
_refine.pdbx_solvent_shrinkage_radii             0.8000 
_refine.ls_number_parameters                     ? 
_refine.ls_number_restraints                     ? 
_refine.pdbx_starting_model                      5LZK 
_refine.pdbx_method_to_determine_struct          'FOURIER SYNTHESIS' 
_refine.pdbx_stereochemistry_target_values       'MAXIMUM LIKELIHOOD' 
_refine.pdbx_stereochem_target_val_spec_case     ? 
_refine.overall_FOM_work_R_set                   ? 
_refine.B_iso_max                                99.590 
_refine.B_iso_min                                19.120 
_refine.pdbx_overall_phase_error                 ? 
_refine.occupancy_max                            ? 
_refine.occupancy_min                            ? 
_refine.pdbx_diffrn_id                           1 
_refine.pdbx_TLS_residual_ADP_flag               ? 
_refine.pdbx_ls_sigma_I                          ? 
_refine.pdbx_data_cutoff_high_rms_absF           ? 
_refine.ls_R_factor_R_free_error_details         ? 
# 
_refine_hist.cycle_id                         final 
_refine_hist.pdbx_refine_id                   'X-RAY DIFFRACTION' 
_refine_hist.d_res_high                       1.6800 
_refine_hist.d_res_low                        50.4900 
_refine_hist.pdbx_number_atoms_ligand         22 
_refine_hist.number_atoms_solvent             87 
_refine_hist.number_atoms_total               1440 
_refine_hist.pdbx_number_residues_total       164 
_refine_hist.pdbx_B_iso_mean_ligand           48.44 
_refine_hist.pdbx_B_iso_mean_solvent          44.73 
_refine_hist.pdbx_number_atoms_protein        1331 
_refine_hist.pdbx_number_atoms_nucleic_acid   0 
# 
loop_
_refine_ls_restr.pdbx_refine_id 
_refine_ls_restr.type 
_refine_ls_restr.number 
_refine_ls_restr.dev_ideal 
_refine_ls_restr.dev_ideal_target 
_refine_ls_restr.weight 
_refine_ls_restr.pdbx_restraint_function 
'X-RAY DIFFRACTION' r_bond_refined_d       1407 0.016  0.019  ? ? 
'X-RAY DIFFRACTION' r_bond_other_d         1334 0.002  0.020  ? ? 
'X-RAY DIFFRACTION' r_angle_refined_deg    1892 1.668  1.951  ? ? 
'X-RAY DIFFRACTION' r_angle_other_deg      3080 0.978  2.993  ? ? 
'X-RAY DIFFRACTION' r_dihedral_angle_1_deg 168  6.737  5.000  ? ? 
'X-RAY DIFFRACTION' r_dihedral_angle_2_deg 64   35.963 23.125 ? ? 
'X-RAY DIFFRACTION' r_dihedral_angle_3_deg 260  16.063 15.000 ? ? 
'X-RAY DIFFRACTION' r_dihedral_angle_4_deg 10   20.784 15.000 ? ? 
'X-RAY DIFFRACTION' r_chiral_restr         210  0.112  0.200  ? ? 
'X-RAY DIFFRACTION' r_gen_planes_refined   1539 0.009  0.020  ? ? 
'X-RAY DIFFRACTION' r_gen_planes_other     307  0.002  0.020  ? ? 
'X-RAY DIFFRACTION' r_mcbond_it            669  2.934  3.188  ? ? 
'X-RAY DIFFRACTION' r_mcbond_other         668  2.932  3.179  ? ? 
'X-RAY DIFFRACTION' r_mcangle_it           838  4.311  4.745  ? ? 
# 
_refine_ls_shell.d_res_high                       1.6800 
_refine_ls_shell.d_res_low                        1.7240 
_refine_ls_shell.pdbx_total_number_of_bins_used   20 
_refine_ls_shell.percent_reflns_obs               97.9700 
_refine_ls_shell.number_reflns_R_work             1547 
_refine_ls_shell.R_factor_all                     ? 
_refine_ls_shell.R_factor_R_work                  0.3850 
_refine_ls_shell.R_factor_R_free                  0.4540 
_refine_ls_shell.percent_reflns_R_free            ? 
_refine_ls_shell.number_reflns_R_free             90 
_refine_ls_shell.R_factor_R_free_error            ? 
_refine_ls_shell.number_reflns_all                1637 
_refine_ls_shell.number_reflns_obs                ? 
_refine_ls_shell.pdbx_refine_id                   'X-RAY DIFFRACTION' 
_refine_ls_shell.R_factor_obs                     ? 
# 
_struct.entry_id                  5QHR 
_struct.title                     
;PanDDA analysis group deposition of models with modelled events (e.g. bound ligands) -- Crystal Structure of human FAM83B in complex with FMOPL000635a
;
_struct.pdbx_model_details        ? 
_struct.pdbx_CASP_flag            ? 
_struct.pdbx_model_type_details   ? 
# 
_struct_keywords.entry_id        5QHR 
_struct_keywords.text            'PanDDA, SGC - Diamond I04-1 fragment screening, DUF1669 domain, XChemExplorer, PROTEIN BINDING' 
_struct_keywords.pdbx_keywords   'PROTEIN BINDING' 
# 
loop_
_struct_asym.id 
_struct_asym.pdbx_blank_PDB_chainid_flag 
_struct_asym.pdbx_modified 
_struct_asym.entity_id 
_struct_asym.details 
A N N 1 ? 
B N N 2 ? 
C N N 2 ? 
D N N 3 ? 
E N N 4 ? 
# 
_struct_ref.id                         1 
_struct_ref.db_name                    UNP 
_struct_ref.db_code                    FA83B_HUMAN 
_struct_ref.pdbx_db_accession          Q5T0W9 
_struct_ref.pdbx_db_isoform            ? 
_struct_ref.entity_id                  1 
_struct_ref.pdbx_seq_one_letter_code   
;GGTHIDLLFHPPRAHLLTIKETIRKMIKEARKVIALVMDIFTDVDIFKEIVEASTRGVSVYILLDESNFNHFLNMTEKQG
CSVQRLRNIRVRTVKGQDYLSKTGAKFHGKMEQKFLLVDCQKVMYGSYSYMWSFEKAHLSMVQIITGQLVESFDEEFRTL
YARSCVPSSFAQEESARV
;
_struct_ref.pdbx_align_begin           117 
# 
_struct_ref_seq.align_id                      1 
_struct_ref_seq.ref_id                        1 
_struct_ref_seq.pdbx_PDB_id_code              5QHR 
_struct_ref_seq.pdbx_strand_id                A 
_struct_ref_seq.seq_align_beg                 3 
_struct_ref_seq.pdbx_seq_align_beg_ins_code   ? 
_struct_ref_seq.seq_align_end                 180 
_struct_ref_seq.pdbx_seq_align_end_ins_code   ? 
_struct_ref_seq.pdbx_db_accession             Q5T0W9 
_struct_ref_seq.db_align_beg                  117 
_struct_ref_seq.pdbx_db_align_beg_ins_code    ? 
_struct_ref_seq.db_align_end                  294 
_struct_ref_seq.pdbx_db_align_end_ins_code    ? 
_struct_ref_seq.pdbx_auth_seq_align_beg       3 
_struct_ref_seq.pdbx_auth_seq_align_end       180 
# 
loop_
_struct_ref_seq_dif.align_id 
_struct_ref_seq_dif.pdbx_pdb_id_code 
_struct_ref_seq_dif.mon_id 
_struct_ref_seq_dif.pdbx_pdb_strand_id 
_struct_ref_seq_dif.seq_num 
_struct_ref_seq_dif.pdbx_pdb_ins_code 
_struct_ref_seq_dif.pdbx_seq_db_name 
_struct_ref_seq_dif.pdbx_seq_db_accession_code 
_struct_ref_seq_dif.db_mon_id 
_struct_ref_seq_dif.pdbx_seq_db_seq_num 
_struct_ref_seq_dif.details 
_struct_ref_seq_dif.pdbx_auth_seq_num 
_struct_ref_seq_dif.pdbx_ordinal 
1 5QHR SER A 1 ? UNP Q5T0W9 ? ? 'expression tag' 1 1 
1 5QHR MET A 2 ? UNP Q5T0W9 ? ? 'expression tag' 2 2 
# 
_pdbx_struct_assembly.id                   1 
_pdbx_struct_assembly.details              author_and_software_defined_assembly 
_pdbx_struct_assembly.method_details       PISA 
_pdbx_struct_assembly.oligomeric_details   dimeric 
_pdbx_struct_assembly.oligomeric_count     2 
# 
loop_
_pdbx_struct_assembly_prop.biol_id 
_pdbx_struct_assembly_prop.type 
_pdbx_struct_assembly_prop.value 
_pdbx_struct_assembly_prop.details 
1 'ABSA (A^2)' 3850  ? 
1 MORE         -7    ? 
1 'SSA (A^2)'  14460 ? 
# 
_pdbx_struct_assembly_gen.assembly_id       1 
_pdbx_struct_assembly_gen.oper_expression   1,2 
_pdbx_struct_assembly_gen.asym_id_list      A,B,C,D,E 
# 
loop_
_pdbx_struct_oper_list.id 
_pdbx_struct_oper_list.type 
_pdbx_struct_oper_list.name 
_pdbx_struct_oper_list.symmetry_operation 
_pdbx_struct_oper_list.matrix[1][1] 
_pdbx_struct_oper_list.matrix[1][2] 
_pdbx_struct_oper_list.matrix[1][3] 
_pdbx_struct_oper_list.vector[1] 
_pdbx_struct_oper_list.matrix[2][1] 
_pdbx_struct_oper_list.matrix[2][2] 
_pdbx_struct_oper_list.matrix[2][3] 
_pdbx_struct_oper_list.vector[2] 
_pdbx_struct_oper_list.matrix[3][1] 
_pdbx_struct_oper_list.matrix[3][2] 
_pdbx_struct_oper_list.matrix[3][3] 
_pdbx_struct_oper_list.vector[3] 
1 'identity operation'         1_555 x,y,z          1.0000000000 0.0000000000  0.0000000000 0.0000000000   0.0000000000  1.0000000000  0.0000000000  0.0000000000   0.0000000000 0.0000000000  1.0000000000  0.0000000000 
2 'crystal symmetry operation' 7_465 y-1,x+1,-z+3/4 0.3688974903 -0.9292857072 0.0185125902 -14.0190989198 -0.9292857072 -0.3691478494 -0.0125674023 -20.5580827748 0.0185125902 -0.0125674023 -0.9997496409 4.6658428628 
# 
loop_
_struct_conf.conf_type_id 
_struct_conf.id 
_struct_conf.pdbx_PDB_helix_id 
_struct_conf.beg_label_comp_id 
_struct_conf.beg_label_asym_id 
_struct_conf.beg_label_seq_id 
_struct_conf.pdbx_beg_PDB_ins_code 
_struct_conf.end_label_comp_id 
_struct_conf.end_label_asym_id 
_struct_conf.end_label_seq_id 
_struct_conf.pdbx_end_PDB_ins_code 
_struct_conf.beg_auth_comp_id 
_struct_conf.beg_auth_asym_id 
_struct_conf.beg_auth_seq_id 
_struct_conf.end_auth_comp_id 
_struct_conf.end_auth_asym_id 
_struct_conf.end_auth_seq_id 
_struct_conf.pdbx_PDB_helix_class 
_struct_conf.details 
_struct_conf.pdbx_PDB_helix_length 
HELX_P HELX_P1 AA1 THR A 20  ? GLU A 31  ? THR A 20  GLU A 31  1 ? 12 
HELX_P HELX_P2 AA2 ASP A 45  ? ARG A 58  ? ASP A 45  ARG A 58  1 ? 14 
HELX_P HELX_P3 AA3 ASN A 70  ? GLN A 81  ? ASN A 70  GLN A 81  1 ? 12 
HELX_P HELX_P4 AA4 MET A 133 ? ALA A 139 ? MET A 133 ALA A 139 1 ? 7  
HELX_P HELX_P5 AA5 GLN A 150 ? ARG A 165 ? GLN A 150 ARG A 165 1 ? 16 
# 
_struct_conf_type.id          HELX_P 
_struct_conf_type.criteria    ? 
_struct_conf_type.reference   ? 
# 
_struct_conn.id                            disulf1 
_struct_conn.conn_type_id                  disulf 
_struct_conn.pdbx_leaving_atom_flag        ? 
_struct_conn.pdbx_PDB_id                   ? 
_struct_conn.ptnr1_label_asym_id           A 
_struct_conn.ptnr1_label_comp_id           CYS 
_struct_conn.ptnr1_label_seq_id            167 
_struct_conn.ptnr1_label_atom_id           SG 
_struct_conn.pdbx_ptnr1_label_alt_id       ? 
_struct_conn.pdbx_ptnr1_PDB_ins_code       ? 
_struct_conn.pdbx_ptnr1_standard_comp_id   ? 
_struct_conn.ptnr1_symmetry                1_555 
_struct_conn.ptnr2_label_asym_id           A 
_struct_conn.ptnr2_label_comp_id           CYS 
_struct_conn.ptnr2_label_seq_id            167 
_struct_conn.ptnr2_label_atom_id           SG 
_struct_conn.pdbx_ptnr2_label_alt_id       ? 
_struct_conn.pdbx_ptnr2_PDB_ins_code       ? 
_struct_conn.ptnr1_auth_asym_id            A 
_struct_conn.ptnr1_auth_comp_id            CYS 
_struct_conn.ptnr1_auth_seq_id             167 
_struct_conn.ptnr2_auth_asym_id            A 
_struct_conn.ptnr2_auth_comp_id            CYS 
_struct_conn.ptnr2_auth_seq_id             167 
_struct_conn.ptnr2_symmetry                5_556 
_struct_conn.pdbx_ptnr3_label_atom_id      ? 
_struct_conn.pdbx_ptnr3_label_seq_id       ? 
_struct_conn.pdbx_ptnr3_label_comp_id      ? 
_struct_conn.pdbx_ptnr3_label_asym_id      ? 
_struct_conn.pdbx_ptnr3_label_alt_id       ? 
_struct_conn.pdbx_ptnr3_PDB_ins_code       ? 
_struct_conn.details                       ? 
_struct_conn.pdbx_dist_value               2.120 
_struct_conn.pdbx_value_order              ? 
_struct_conn.pdbx_role                     ? 
# 
_struct_conn_type.id          disulf 
_struct_conn_type.criteria    ? 
_struct_conn_type.reference   ? 
# 
_pdbx_modification_feature.ordinal                            1 
_pdbx_modification_feature.label_comp_id                      CYS 
_pdbx_modification_feature.label_asym_id                      A 
_pdbx_modification_feature.label_seq_id                       167 
_pdbx_modification_feature.label_alt_id                       ? 
_pdbx_modification_feature.modified_residue_label_comp_id     CYS 
_pdbx_modification_feature.modified_residue_label_asym_id     A 
_pdbx_modification_feature.modified_residue_label_seq_id      167 
_pdbx_modification_feature.modified_residue_label_alt_id      ? 
_pdbx_modification_feature.auth_comp_id                       CYS 
_pdbx_modification_feature.auth_asym_id                       A 
_pdbx_modification_feature.auth_seq_id                        167 
_pdbx_modification_feature.PDB_ins_code                       ? 
_pdbx_modification_feature.symmetry                           1_555 
_pdbx_modification_feature.modified_residue_auth_comp_id      CYS 
_pdbx_modification_feature.modified_residue_auth_asym_id      A 
_pdbx_modification_feature.modified_residue_auth_seq_id       167 
_pdbx_modification_feature.modified_residue_PDB_ins_code      ? 
_pdbx_modification_feature.modified_residue_symmetry          5_556 
_pdbx_modification_feature.comp_id_linking_atom               SG 
_pdbx_modification_feature.modified_residue_id_linking_atom   SG 
_pdbx_modification_feature.modified_residue_id                . 
_pdbx_modification_feature.ref_pcm_id                         . 
_pdbx_modification_feature.ref_comp_id                        . 
_pdbx_modification_feature.type                               None 
_pdbx_modification_feature.category                           'Disulfide bridge' 
# 
_struct_mon_prot_cis.pdbx_id                1 
_struct_mon_prot_cis.label_comp_id          HIS 
_struct_mon_prot_cis.label_seq_id           12 
_struct_mon_prot_cis.label_asym_id          A 
_struct_mon_prot_cis.label_alt_id           . 
_struct_mon_prot_cis.pdbx_PDB_ins_code      ? 
_struct_mon_prot_cis.auth_comp_id           HIS 
_struct_mon_prot_cis.auth_seq_id            12 
_struct_mon_prot_cis.auth_asym_id           A 
_struct_mon_prot_cis.pdbx_label_comp_id_2   PRO 
_struct_mon_prot_cis.pdbx_label_seq_id_2    13 
_struct_mon_prot_cis.pdbx_label_asym_id_2   A 
_struct_mon_prot_cis.pdbx_PDB_ins_code_2    ? 
_struct_mon_prot_cis.pdbx_auth_comp_id_2    PRO 
_struct_mon_prot_cis.pdbx_auth_seq_id_2     13 
_struct_mon_prot_cis.pdbx_auth_asym_id_2    A 
_struct_mon_prot_cis.pdbx_PDB_model_num     1 
_struct_mon_prot_cis.pdbx_omega_angle       -1.19 
# 
_struct_sheet.id               AA1 
_struct_sheet.type             ? 
_struct_sheet.number_strands   7 
_struct_sheet.details          ? 
# 
loop_
_struct_sheet_order.sheet_id 
_struct_sheet_order.range_id_1 
_struct_sheet_order.range_id_2 
_struct_sheet_order.offset 
_struct_sheet_order.sense 
AA1 1 2 ? anti-parallel 
AA1 2 3 ? anti-parallel 
AA1 3 4 ? anti-parallel 
AA1 4 5 ? anti-parallel 
AA1 5 6 ? parallel      
AA1 6 7 ? parallel      
# 
loop_
_struct_sheet_range.sheet_id 
_struct_sheet_range.id 
_struct_sheet_range.beg_label_comp_id 
_struct_sheet_range.beg_label_asym_id 
_struct_sheet_range.beg_label_seq_id 
_struct_sheet_range.pdbx_beg_PDB_ins_code 
_struct_sheet_range.end_label_comp_id 
_struct_sheet_range.end_label_asym_id 
_struct_sheet_range.end_label_seq_id 
_struct_sheet_range.pdbx_end_PDB_ins_code 
_struct_sheet_range.beg_auth_comp_id 
_struct_sheet_range.beg_auth_asym_id 
_struct_sheet_range.beg_auth_seq_id 
_struct_sheet_range.end_auth_comp_id 
_struct_sheet_range.end_auth_asym_id 
_struct_sheet_range.end_auth_seq_id 
AA1 1 THR A 5   ? HIS A 12  ? THR A 5   HIS A 12  
AA1 2 SER A 142 ? GLY A 149 ? SER A 142 GLY A 149 
AA1 3 LYS A 124 ? GLY A 128 ? LYS A 124 GLY A 128 
AA1 4 PHE A 117 ? VAL A 120 ? PHE A 117 VAL A 120 
AA1 5 VAL A 35  ? MET A 40  ? VAL A 35  MET A 40  
AA1 6 SER A 61  ? ASP A 67  ? SER A 61  ASP A 67  
AA1 7 ILE A 91  ? VAL A 96  ? ILE A 91  VAL A 96  
# 
loop_
_pdbx_struct_sheet_hbond.sheet_id 
_pdbx_struct_sheet_hbond.range_id_1 
_pdbx_struct_sheet_hbond.range_id_2 
_pdbx_struct_sheet_hbond.range_1_label_atom_id 
_pdbx_struct_sheet_hbond.range_1_label_comp_id 
_pdbx_struct_sheet_hbond.range_1_label_asym_id 
_pdbx_struct_sheet_hbond.range_1_label_seq_id 
_pdbx_struct_sheet_hbond.range_1_PDB_ins_code 
_pdbx_struct_sheet_hbond.range_1_auth_atom_id 
_pdbx_struct_sheet_hbond.range_1_auth_comp_id 
_pdbx_struct_sheet_hbond.range_1_auth_asym_id 
_pdbx_struct_sheet_hbond.range_1_auth_seq_id 
_pdbx_struct_sheet_hbond.range_2_label_atom_id 
_pdbx_struct_sheet_hbond.range_2_label_comp_id 
_pdbx_struct_sheet_hbond.range_2_label_asym_id 
_pdbx_struct_sheet_hbond.range_2_label_seq_id 
_pdbx_struct_sheet_hbond.range_2_PDB_ins_code 
_pdbx_struct_sheet_hbond.range_2_auth_atom_id 
_pdbx_struct_sheet_hbond.range_2_auth_comp_id 
_pdbx_struct_sheet_hbond.range_2_auth_asym_id 
_pdbx_struct_sheet_hbond.range_2_auth_seq_id 
AA1 1 2 N ASP A 8   ? N ASP A 8   O ILE A 146 ? O ILE A 146 
AA1 2 3 O ILE A 147 ? O ILE A 147 N VAL A 125 ? N VAL A 125 
AA1 3 4 O LYS A 124 ? O LYS A 124 N VAL A 120 ? N VAL A 120 
AA1 4 5 O PHE A 117 ? O PHE A 117 N VAL A 39  ? N VAL A 39  
AA1 5 6 N LEU A 38  ? N LEU A 38  O LEU A 65  ? O LEU A 65  
AA1 6 7 N ILE A 64  ? N ILE A 64  O ARG A 92  ? O ARG A 92  
# 
loop_
_struct_site.id 
_struct_site.pdbx_evidence_code 
_struct_site.pdbx_auth_asym_id 
_struct_site.pdbx_auth_comp_id 
_struct_site.pdbx_auth_seq_id 
_struct_site.pdbx_auth_ins_code 
_struct_site.pdbx_num_residues 
_struct_site.details 
AC1 Software A EDO 201 ? 4 'binding site for residue EDO A 201' 
AC2 Software A EDO 202 ? 5 'binding site for residue EDO A 202' 
AC3 Software A GQS 203 ? 4 'binding site for residue GQS A 203' 
# 
loop_
_struct_site_gen.id 
_struct_site_gen.site_id 
_struct_site_gen.pdbx_num_res 
_struct_site_gen.label_comp_id 
_struct_site_gen.label_asym_id 
_struct_site_gen.label_seq_id 
_struct_site_gen.pdbx_auth_ins_code 
_struct_site_gen.auth_comp_id 
_struct_site_gen.auth_asym_id 
_struct_site_gen.auth_seq_id 
_struct_site_gen.label_atom_id 
_struct_site_gen.label_alt_id 
_struct_site_gen.symmetry 
_struct_site_gen.details 
1  AC1 4 ILE A 7   ? ILE A 7   . ? 1_555 ? 
2  AC1 4 ASP A 8   ? ASP A 8   . ? 1_555 ? 
3  AC1 4 LEU A 9   ? LEU A 9   . ? 1_555 ? 
4  AC1 4 SER A 154 ? SER A 154 . ? 7_465 ? 
5  AC2 5 THR A 24  ? THR A 24  . ? 1_555 ? 
6  AC2 5 LYS A 27  ? LYS A 27  . ? 1_555 ? 
7  AC2 5 LYS A 124 ? LYS A 124 . ? 1_555 ? 
8  AC2 5 HOH E .   ? HOH A 341 . ? 1_555 ? 
9  AC2 5 HOH E .   ? HOH A 351 . ? 1_555 ? 
10 AC3 4 LEU A 119 ? LEU A 119 . ? 1_555 ? 
11 AC3 4 ASP A 156 ? ASP A 156 . ? 1_555 ? 
12 AC3 4 ARG A 160 ? ARG A 160 . ? 1_555 ? 
13 AC3 4 TYR A 163 ? TYR A 163 . ? 1_555 ? 
# 
_pdbx_entry_details.entry_id                   5QHR 
_pdbx_entry_details.compound_details           ? 
_pdbx_entry_details.source_details             ? 
_pdbx_entry_details.nonpolymer_details         ? 
_pdbx_entry_details.sequence_details           ? 
_pdbx_entry_details.has_ligand_of_interest     ? 
_pdbx_entry_details.has_protein_modification   Y 
# 
loop_
_pdbx_validate_symm_contact.id 
_pdbx_validate_symm_contact.PDB_model_num 
_pdbx_validate_symm_contact.auth_atom_id_1 
_pdbx_validate_symm_contact.auth_asym_id_1 
_pdbx_validate_symm_contact.auth_comp_id_1 
_pdbx_validate_symm_contact.auth_seq_id_1 
_pdbx_validate_symm_contact.PDB_ins_code_1 
_pdbx_validate_symm_contact.label_alt_id_1 
_pdbx_validate_symm_contact.site_symmetry_1 
_pdbx_validate_symm_contact.auth_atom_id_2 
_pdbx_validate_symm_contact.auth_asym_id_2 
_pdbx_validate_symm_contact.auth_comp_id_2 
_pdbx_validate_symm_contact.auth_seq_id_2 
_pdbx_validate_symm_contact.PDB_ins_code_2 
_pdbx_validate_symm_contact.label_alt_id_2 
_pdbx_validate_symm_contact.site_symmetry_2 
_pdbx_validate_symm_contact.dist 
1 1 O A HOH 375 ? ? 1_555 O A HOH 375 ? ? 7_465 1.44 
2 1 O A HOH 384 ? ? 1_555 O A HOH 384 ? ? 7_465 1.87 
# 
loop_
_pdbx_validate_rmsd_angle.id 
_pdbx_validate_rmsd_angle.PDB_model_num 
_pdbx_validate_rmsd_angle.auth_atom_id_1 
_pdbx_validate_rmsd_angle.auth_asym_id_1 
_pdbx_validate_rmsd_angle.auth_comp_id_1 
_pdbx_validate_rmsd_angle.auth_seq_id_1 
_pdbx_validate_rmsd_angle.PDB_ins_code_1 
_pdbx_validate_rmsd_angle.label_alt_id_1 
_pdbx_validate_rmsd_angle.auth_atom_id_2 
_pdbx_validate_rmsd_angle.auth_asym_id_2 
_pdbx_validate_rmsd_angle.auth_comp_id_2 
_pdbx_validate_rmsd_angle.auth_seq_id_2 
_pdbx_validate_rmsd_angle.PDB_ins_code_2 
_pdbx_validate_rmsd_angle.label_alt_id_2 
_pdbx_validate_rmsd_angle.auth_atom_id_3 
_pdbx_validate_rmsd_angle.auth_asym_id_3 
_pdbx_validate_rmsd_angle.auth_comp_id_3 
_pdbx_validate_rmsd_angle.auth_seq_id_3 
_pdbx_validate_rmsd_angle.PDB_ins_code_3 
_pdbx_validate_rmsd_angle.label_alt_id_3 
_pdbx_validate_rmsd_angle.angle_value 
_pdbx_validate_rmsd_angle.angle_target_value 
_pdbx_validate_rmsd_angle.angle_deviation 
_pdbx_validate_rmsd_angle.angle_standard_deviation 
_pdbx_validate_rmsd_angle.linker_flag 
1 1 NE A ARG 165 ? ? CZ A ARG 165 ? ? NH1 A ARG 165 ? ? 123.69 120.30 3.39  0.50 N 
2 1 NE A ARG 165 ? ? CZ A ARG 165 ? ? NH2 A ARG 165 ? ? 116.90 120.30 -3.40 0.50 N 
# 
loop_
_pdbx_validate_torsion.id 
_pdbx_validate_torsion.PDB_model_num 
_pdbx_validate_torsion.auth_comp_id 
_pdbx_validate_torsion.auth_asym_id 
_pdbx_validate_torsion.auth_seq_id 
_pdbx_validate_torsion.PDB_ins_code 
_pdbx_validate_torsion.label_alt_id 
_pdbx_validate_torsion.phi 
_pdbx_validate_torsion.psi 
1 1 LYS A 34  ? ? -133.81 -54.07 
2 1 GLU A 114 ? ? -106.06 71.11  
# 
_phasing.method   MR 
# 
_pdbx_distant_solvent_atoms.id                                1 
_pdbx_distant_solvent_atoms.PDB_model_num                     1 
_pdbx_distant_solvent_atoms.auth_atom_id                      O 
_pdbx_distant_solvent_atoms.label_alt_id                      ? 
_pdbx_distant_solvent_atoms.auth_asym_id                      A 
_pdbx_distant_solvent_atoms.auth_comp_id                      HOH 
_pdbx_distant_solvent_atoms.auth_seq_id                       387 
_pdbx_distant_solvent_atoms.PDB_ins_code                      ? 
_pdbx_distant_solvent_atoms.neighbor_macromolecule_distance   7.22 
_pdbx_distant_solvent_atoms.neighbor_ligand_distance          . 
# 
loop_
_pdbx_unobs_or_zero_occ_residues.id 
_pdbx_unobs_or_zero_occ_residues.PDB_model_num 
_pdbx_unobs_or_zero_occ_residues.polymer_flag 
_pdbx_unobs_or_zero_occ_residues.occupancy_flag 
_pdbx_unobs_or_zero_occ_residues.auth_asym_id 
_pdbx_unobs_or_zero_occ_residues.auth_comp_id 
_pdbx_unobs_or_zero_occ_residues.auth_seq_id 
_pdbx_unobs_or_zero_occ_residues.PDB_ins_code 
_pdbx_unobs_or_zero_occ_residues.label_asym_id 
_pdbx_unobs_or_zero_occ_residues.label_comp_id 
_pdbx_unobs_or_zero_occ_residues.label_seq_id 
1  1 Y 1 A SER 1   ? A SER 1   
2  1 Y 1 A MET 2   ? A MET 2   
3  1 Y 1 A LEU 102 ? A LEU 102 
4  1 Y 1 A SER 103 ? A SER 103 
5  1 Y 1 A LYS 104 ? A LYS 104 
6  1 Y 1 A THR 105 ? A THR 105 
7  1 Y 1 A GLY 106 ? A GLY 106 
8  1 Y 1 A ALA 107 ? A ALA 107 
9  1 Y 1 A LYS 108 ? A LYS 108 
10 1 Y 1 A GLN 174 ? A GLN 174 
11 1 Y 1 A GLU 175 ? A GLU 175 
12 1 Y 1 A GLU 176 ? A GLU 176 
13 1 Y 1 A SER 177 ? A SER 177 
14 1 Y 1 A ALA 178 ? A ALA 178 
15 1 Y 1 A ARG 179 ? A ARG 179 
16 1 Y 1 A VAL 180 ? A VAL 180 
# 
loop_
_chem_comp_atom.comp_id 
_chem_comp_atom.atom_id 
_chem_comp_atom.type_symbol 
_chem_comp_atom.pdbx_aromatic_flag 
_chem_comp_atom.pdbx_stereo_config 
_chem_comp_atom.pdbx_ordinal 
ALA N    N N N 1   
ALA CA   C N S 2   
ALA C    C N N 3   
ALA O    O N N 4   
ALA CB   C N N 5   
ALA OXT  O N N 6   
ALA H    H N N 7   
ALA H2   H N N 8   
ALA HA   H N N 9   
ALA HB1  H N N 10  
ALA HB2  H N N 11  
ALA HB3  H N N 12  
ALA HXT  H N N 13  
ARG N    N N N 14  
ARG CA   C N S 15  
ARG C    C N N 16  
ARG O    O N N 17  
ARG CB   C N N 18  
ARG CG   C N N 19  
ARG CD   C N N 20  
ARG NE   N N N 21  
ARG CZ   C N N 22  
ARG NH1  N N N 23  
ARG NH2  N N N 24  
ARG OXT  O N N 25  
ARG H    H N N 26  
ARG H2   H N N 27  
ARG HA   H N N 28  
ARG HB2  H N N 29  
ARG HB3  H N N 30  
ARG HG2  H N N 31  
ARG HG3  H N N 32  
ARG HD2  H N N 33  
ARG HD3  H N N 34  
ARG HE   H N N 35  
ARG HH11 H N N 36  
ARG HH12 H N N 37  
ARG HH21 H N N 38  
ARG HH22 H N N 39  
ARG HXT  H N N 40  
ASN N    N N N 41  
ASN CA   C N S 42  
ASN C    C N N 43  
ASN O    O N N 44  
ASN CB   C N N 45  
ASN CG   C N N 46  
ASN OD1  O N N 47  
ASN ND2  N N N 48  
ASN OXT  O N N 49  
ASN H    H N N 50  
ASN H2   H N N 51  
ASN HA   H N N 52  
ASN HB2  H N N 53  
ASN HB3  H N N 54  
ASN HD21 H N N 55  
ASN HD22 H N N 56  
ASN HXT  H N N 57  
ASP N    N N N 58  
ASP CA   C N S 59  
ASP C    C N N 60  
ASP O    O N N 61  
ASP CB   C N N 62  
ASP CG   C N N 63  
ASP OD1  O N N 64  
ASP OD2  O N N 65  
ASP OXT  O N N 66  
ASP H    H N N 67  
ASP H2   H N N 68  
ASP HA   H N N 69  
ASP HB2  H N N 70  
ASP HB3  H N N 71  
ASP HD2  H N N 72  
ASP HXT  H N N 73  
CYS N    N N N 74  
CYS CA   C N R 75  
CYS C    C N N 76  
CYS O    O N N 77  
CYS CB   C N N 78  
CYS SG   S N N 79  
CYS OXT  O N N 80  
CYS H    H N N 81  
CYS H2   H N N 82  
CYS HA   H N N 83  
CYS HB2  H N N 84  
CYS HB3  H N N 85  
CYS HG   H N N 86  
CYS HXT  H N N 87  
EDO C1   C N N 88  
EDO O1   O N N 89  
EDO C2   C N N 90  
EDO O2   O N N 91  
EDO H11  H N N 92  
EDO H12  H N N 93  
EDO HO1  H N N 94  
EDO H21  H N N 95  
EDO H22  H N N 96  
EDO HO2  H N N 97  
GLN N    N N N 98  
GLN CA   C N S 99  
GLN C    C N N 100 
GLN O    O N N 101 
GLN CB   C N N 102 
GLN CG   C N N 103 
GLN CD   C N N 104 
GLN OE1  O N N 105 
GLN NE2  N N N 106 
GLN OXT  O N N 107 
GLN H    H N N 108 
GLN H2   H N N 109 
GLN HA   H N N 110 
GLN HB2  H N N 111 
GLN HB3  H N N 112 
GLN HG2  H N N 113 
GLN HG3  H N N 114 
GLN HE21 H N N 115 
GLN HE22 H N N 116 
GLN HXT  H N N 117 
GLU N    N N N 118 
GLU CA   C N S 119 
GLU C    C N N 120 
GLU O    O N N 121 
GLU CB   C N N 122 
GLU CG   C N N 123 
GLU CD   C N N 124 
GLU OE1  O N N 125 
GLU OE2  O N N 126 
GLU OXT  O N N 127 
GLU H    H N N 128 
GLU H2   H N N 129 
GLU HA   H N N 130 
GLU HB2  H N N 131 
GLU HB3  H N N 132 
GLU HG2  H N N 133 
GLU HG3  H N N 134 
GLU HE2  H N N 135 
GLU HXT  H N N 136 
GLY N    N N N 137 
GLY CA   C N N 138 
GLY C    C N N 139 
GLY O    O N N 140 
GLY OXT  O N N 141 
GLY H    H N N 142 
GLY H2   H N N 143 
GLY HA2  H N N 144 
GLY HA3  H N N 145 
GLY HXT  H N N 146 
GQS N1   N Y N 147 
GQS N3   N N N 148 
GQS C4   C Y N 149 
GQS C5   C Y N 150 
GQS C6   C Y N 151 
GQS C7   C Y N 152 
GQS C8   C Y N 153 
GQS C1   C N N 154 
GQS C2   C Y N 155 
GQS C3   C Y N 156 
GQS C9   C Y N 157 
GQS F1   F N N 158 
GQS N2   N Y N 159 
GQS S1   S Y N 160 
GQS H2   H N N 161 
GQS H3   H N N 162 
GQS H4   H N N 163 
GQS H5   H N N 164 
GQS H6   H N N 165 
GQS H7   H N N 166 
GQS H9   H N N 167 
GQS H1   H N N 168 
HIS N    N N N 169 
HIS CA   C N S 170 
HIS C    C N N 171 
HIS O    O N N 172 
HIS CB   C N N 173 
HIS CG   C Y N 174 
HIS ND1  N Y N 175 
HIS CD2  C Y N 176 
HIS CE1  C Y N 177 
HIS NE2  N Y N 178 
HIS OXT  O N N 179 
HIS H    H N N 180 
HIS H2   H N N 181 
HIS HA   H N N 182 
HIS HB2  H N N 183 
HIS HB3  H N N 184 
HIS HD1  H N N 185 
HIS HD2  H N N 186 
HIS HE1  H N N 187 
HIS HE2  H N N 188 
HIS HXT  H N N 189 
HOH O    O N N 190 
HOH H1   H N N 191 
HOH H2   H N N 192 
ILE N    N N N 193 
ILE CA   C N S 194 
ILE C    C N N 195 
ILE O    O N N 196 
ILE CB   C N S 197 
ILE CG1  C N N 198 
ILE CG2  C N N 199 
ILE CD1  C N N 200 
ILE OXT  O N N 201 
ILE H    H N N 202 
ILE H2   H N N 203 
ILE HA   H N N 204 
ILE HB   H N N 205 
ILE HG12 H N N 206 
ILE HG13 H N N 207 
ILE HG21 H N N 208 
ILE HG22 H N N 209 
ILE HG23 H N N 210 
ILE HD11 H N N 211 
ILE HD12 H N N 212 
ILE HD13 H N N 213 
ILE HXT  H N N 214 
LEU N    N N N 215 
LEU CA   C N S 216 
LEU C    C N N 217 
LEU O    O N N 218 
LEU CB   C N N 219 
LEU CG   C N N 220 
LEU CD1  C N N 221 
LEU CD2  C N N 222 
LEU OXT  O N N 223 
LEU H    H N N 224 
LEU H2   H N N 225 
LEU HA   H N N 226 
LEU HB2  H N N 227 
LEU HB3  H N N 228 
LEU HG   H N N 229 
LEU HD11 H N N 230 
LEU HD12 H N N 231 
LEU HD13 H N N 232 
LEU HD21 H N N 233 
LEU HD22 H N N 234 
LEU HD23 H N N 235 
LEU HXT  H N N 236 
LYS N    N N N 237 
LYS CA   C N S 238 
LYS C    C N N 239 
LYS O    O N N 240 
LYS CB   C N N 241 
LYS CG   C N N 242 
LYS CD   C N N 243 
LYS CE   C N N 244 
LYS NZ   N N N 245 
LYS OXT  O N N 246 
LYS H    H N N 247 
LYS H2   H N N 248 
LYS HA   H N N 249 
LYS HB2  H N N 250 
LYS HB3  H N N 251 
LYS HG2  H N N 252 
LYS HG3  H N N 253 
LYS HD2  H N N 254 
LYS HD3  H N N 255 
LYS HE2  H N N 256 
LYS HE3  H N N 257 
LYS HZ1  H N N 258 
LYS HZ2  H N N 259 
LYS HZ3  H N N 260 
LYS HXT  H N N 261 
MET N    N N N 262 
MET CA   C N S 263 
MET C    C N N 264 
MET O    O N N 265 
MET CB   C N N 266 
MET CG   C N N 267 
MET SD   S N N 268 
MET CE   C N N 269 
MET OXT  O N N 270 
MET H    H N N 271 
MET H2   H N N 272 
MET HA   H N N 273 
MET HB2  H N N 274 
MET HB3  H N N 275 
MET HG2  H N N 276 
MET HG3  H N N 277 
MET HE1  H N N 278 
MET HE2  H N N 279 
MET HE3  H N N 280 
MET HXT  H N N 281 
PHE N    N N N 282 
PHE CA   C N S 283 
PHE C    C N N 284 
PHE O    O N N 285 
PHE CB   C N N 286 
PHE CG   C Y N 287 
PHE CD1  C Y N 288 
PHE CD2  C Y N 289 
PHE CE1  C Y N 290 
PHE CE2  C Y N 291 
PHE CZ   C Y N 292 
PHE OXT  O N N 293 
PHE H    H N N 294 
PHE H2   H N N 295 
PHE HA   H N N 296 
PHE HB2  H N N 297 
PHE HB3  H N N 298 
PHE HD1  H N N 299 
PHE HD2  H N N 300 
PHE HE1  H N N 301 
PHE HE2  H N N 302 
PHE HZ   H N N 303 
PHE HXT  H N N 304 
PRO N    N N N 305 
PRO CA   C N S 306 
PRO C    C N N 307 
PRO O    O N N 308 
PRO CB   C N N 309 
PRO CG   C N N 310 
PRO CD   C N N 311 
PRO OXT  O N N 312 
PRO H    H N N 313 
PRO HA   H N N 314 
PRO HB2  H N N 315 
PRO HB3  H N N 316 
PRO HG2  H N N 317 
PRO HG3  H N N 318 
PRO HD2  H N N 319 
PRO HD3  H N N 320 
PRO HXT  H N N 321 
SER N    N N N 322 
SER CA   C N S 323 
SER C    C N N 324 
SER O    O N N 325 
SER CB   C N N 326 
SER OG   O N N 327 
SER OXT  O N N 328 
SER H    H N N 329 
SER H2   H N N 330 
SER HA   H N N 331 
SER HB2  H N N 332 
SER HB3  H N N 333 
SER HG   H N N 334 
SER HXT  H N N 335 
THR N    N N N 336 
THR CA   C N S 337 
THR C    C N N 338 
THR O    O N N 339 
THR CB   C N R 340 
THR OG1  O N N 341 
THR CG2  C N N 342 
THR OXT  O N N 343 
THR H    H N N 344 
THR H2   H N N 345 
THR HA   H N N 346 
THR HB   H N N 347 
THR HG1  H N N 348 
THR HG21 H N N 349 
THR HG22 H N N 350 
THR HG23 H N N 351 
THR HXT  H N N 352 
TRP N    N N N 353 
TRP CA   C N S 354 
TRP C    C N N 355 
TRP O    O N N 356 
TRP CB   C N N 357 
TRP CG   C Y N 358 
TRP CD1  C Y N 359 
TRP CD2  C Y N 360 
TRP NE1  N Y N 361 
TRP CE2  C Y N 362 
TRP CE3  C Y N 363 
TRP CZ2  C Y N 364 
TRP CZ3  C Y N 365 
TRP CH2  C Y N 366 
TRP OXT  O N N 367 
TRP H    H N N 368 
TRP H2   H N N 369 
TRP HA   H N N 370 
TRP HB2  H N N 371 
TRP HB3  H N N 372 
TRP HD1  H N N 373 
TRP HE1  H N N 374 
TRP HE3  H N N 375 
TRP HZ2  H N N 376 
TRP HZ3  H N N 377 
TRP HH2  H N N 378 
TRP HXT  H N N 379 
TYR N    N N N 380 
TYR CA   C N S 381 
TYR C    C N N 382 
TYR O    O N N 383 
TYR CB   C N N 384 
TYR CG   C Y N 385 
TYR CD1  C Y N 386 
TYR CD2  C Y N 387 
TYR CE1  C Y N 388 
TYR CE2  C Y N 389 
TYR CZ   C Y N 390 
TYR OH   O N N 391 
TYR OXT  O N N 392 
TYR H    H N N 393 
TYR H2   H N N 394 
TYR HA   H N N 395 
TYR HB2  H N N 396 
TYR HB3  H N N 397 
TYR HD1  H N N 398 
TYR HD2  H N N 399 
TYR HE1  H N N 400 
TYR HE2  H N N 401 
TYR HH   H N N 402 
TYR HXT  H N N 403 
VAL N    N N N 404 
VAL CA   C N S 405 
VAL C    C N N 406 
VAL O    O N N 407 
VAL CB   C N N 408 
VAL CG1  C N N 409 
VAL CG2  C N N 410 
VAL OXT  O N N 411 
VAL H    H N N 412 
VAL H2   H N N 413 
VAL HA   H N N 414 
VAL HB   H N N 415 
VAL HG11 H N N 416 
VAL HG12 H N N 417 
VAL HG13 H N N 418 
VAL HG21 H N N 419 
VAL HG22 H N N 420 
VAL HG23 H N N 421 
VAL HXT  H N N 422 
# 
loop_
_chem_comp_bond.comp_id 
_chem_comp_bond.atom_id_1 
_chem_comp_bond.atom_id_2 
_chem_comp_bond.value_order 
_chem_comp_bond.pdbx_aromatic_flag 
_chem_comp_bond.pdbx_stereo_config 
_chem_comp_bond.pdbx_ordinal 
ALA N   CA   sing N N 1   
ALA N   H    sing N N 2   
ALA N   H2   sing N N 3   
ALA CA  C    sing N N 4   
ALA CA  CB   sing N N 5   
ALA CA  HA   sing N N 6   
ALA C   O    doub N N 7   
ALA C   OXT  sing N N 8   
ALA CB  HB1  sing N N 9   
ALA CB  HB2  sing N N 10  
ALA CB  HB3  sing N N 11  
ALA OXT HXT  sing N N 12  
ARG N   CA   sing N N 13  
ARG N   H    sing N N 14  
ARG N   H2   sing N N 15  
ARG CA  C    sing N N 16  
ARG CA  CB   sing N N 17  
ARG CA  HA   sing N N 18  
ARG C   O    doub N N 19  
ARG C   OXT  sing N N 20  
ARG CB  CG   sing N N 21  
ARG CB  HB2  sing N N 22  
ARG CB  HB3  sing N N 23  
ARG CG  CD   sing N N 24  
ARG CG  HG2  sing N N 25  
ARG CG  HG3  sing N N 26  
ARG CD  NE   sing N N 27  
ARG CD  HD2  sing N N 28  
ARG CD  HD3  sing N N 29  
ARG NE  CZ   sing N N 30  
ARG NE  HE   sing N N 31  
ARG CZ  NH1  sing N N 32  
ARG CZ  NH2  doub N N 33  
ARG NH1 HH11 sing N N 34  
ARG NH1 HH12 sing N N 35  
ARG NH2 HH21 sing N N 36  
ARG NH2 HH22 sing N N 37  
ARG OXT HXT  sing N N 38  
ASN N   CA   sing N N 39  
ASN N   H    sing N N 40  
ASN N   H2   sing N N 41  
ASN CA  C    sing N N 42  
ASN CA  CB   sing N N 43  
ASN CA  HA   sing N N 44  
ASN C   O    doub N N 45  
ASN C   OXT  sing N N 46  
ASN CB  CG   sing N N 47  
ASN CB  HB2  sing N N 48  
ASN CB  HB3  sing N N 49  
ASN CG  OD1  doub N N 50  
ASN CG  ND2  sing N N 51  
ASN ND2 HD21 sing N N 52  
ASN ND2 HD22 sing N N 53  
ASN OXT HXT  sing N N 54  
ASP N   CA   sing N N 55  
ASP N   H    sing N N 56  
ASP N   H2   sing N N 57  
ASP CA  C    sing N N 58  
ASP CA  CB   sing N N 59  
ASP CA  HA   sing N N 60  
ASP C   O    doub N N 61  
ASP C   OXT  sing N N 62  
ASP CB  CG   sing N N 63  
ASP CB  HB2  sing N N 64  
ASP CB  HB3  sing N N 65  
ASP CG  OD1  doub N N 66  
ASP CG  OD2  sing N N 67  
ASP OD2 HD2  sing N N 68  
ASP OXT HXT  sing N N 69  
CYS N   CA   sing N N 70  
CYS N   H    sing N N 71  
CYS N   H2   sing N N 72  
CYS CA  C    sing N N 73  
CYS CA  CB   sing N N 74  
CYS CA  HA   sing N N 75  
CYS C   O    doub N N 76  
CYS C   OXT  sing N N 77  
CYS CB  SG   sing N N 78  
CYS CB  HB2  sing N N 79  
CYS CB  HB3  sing N N 80  
CYS SG  HG   sing N N 81  
CYS OXT HXT  sing N N 82  
EDO C1  O1   sing N N 83  
EDO C1  C2   sing N N 84  
EDO C1  H11  sing N N 85  
EDO C1  H12  sing N N 86  
EDO O1  HO1  sing N N 87  
EDO C2  O2   sing N N 88  
EDO C2  H21  sing N N 89  
EDO C2  H22  sing N N 90  
EDO O2  HO2  sing N N 91  
GLN N   CA   sing N N 92  
GLN N   H    sing N N 93  
GLN N   H2   sing N N 94  
GLN CA  C    sing N N 95  
GLN CA  CB   sing N N 96  
GLN CA  HA   sing N N 97  
GLN C   O    doub N N 98  
GLN C   OXT  sing N N 99  
GLN CB  CG   sing N N 100 
GLN CB  HB2  sing N N 101 
GLN CB  HB3  sing N N 102 
GLN CG  CD   sing N N 103 
GLN CG  HG2  sing N N 104 
GLN CG  HG3  sing N N 105 
GLN CD  OE1  doub N N 106 
GLN CD  NE2  sing N N 107 
GLN NE2 HE21 sing N N 108 
GLN NE2 HE22 sing N N 109 
GLN OXT HXT  sing N N 110 
GLU N   CA   sing N N 111 
GLU N   H    sing N N 112 
GLU N   H2   sing N N 113 
GLU CA  C    sing N N 114 
GLU CA  CB   sing N N 115 
GLU CA  HA   sing N N 116 
GLU C   O    doub N N 117 
GLU C   OXT  sing N N 118 
GLU CB  CG   sing N N 119 
GLU CB  HB2  sing N N 120 
GLU CB  HB3  sing N N 121 
GLU CG  CD   sing N N 122 
GLU CG  HG2  sing N N 123 
GLU CG  HG3  sing N N 124 
GLU CD  OE1  doub N N 125 
GLU CD  OE2  sing N N 126 
GLU OE2 HE2  sing N N 127 
GLU OXT HXT  sing N N 128 
GLY N   CA   sing N N 129 
GLY N   H    sing N N 130 
GLY N   H2   sing N N 131 
GLY CA  C    sing N N 132 
GLY CA  HA2  sing N N 133 
GLY CA  HA3  sing N N 134 
GLY C   O    doub N N 135 
GLY C   OXT  sing N N 136 
GLY OXT HXT  sing N N 137 
GQS C1  C2   sing N N 138 
GQS C2  S1   sing Y N 139 
GQS C2  N1   doub Y N 140 
GQS S1  C3   sing Y N 141 
GQS N1  N2   sing Y N 142 
GQS C3  N2   doub Y N 143 
GQS C3  N3   sing N N 144 
GQS N3  C4   sing N N 145 
GQS C9  C4   doub Y N 146 
GQS C9  C8   sing Y N 147 
GQS C4  C5   sing Y N 148 
GQS F1  C8   sing N N 149 
GQS C8  C7   doub Y N 150 
GQS C5  C6   doub Y N 151 
GQS C7  C6   sing Y N 152 
GQS C5  H2   sing N N 153 
GQS C6  H3   sing N N 154 
GQS C7  H4   sing N N 155 
GQS C1  H5   sing N N 156 
GQS C1  H6   sing N N 157 
GQS C1  H7   sing N N 158 
GQS C9  H9   sing N N 159 
GQS N3  H1   sing N N 160 
HIS N   CA   sing N N 161 
HIS N   H    sing N N 162 
HIS N   H2   sing N N 163 
HIS CA  C    sing N N 164 
HIS CA  CB   sing N N 165 
HIS CA  HA   sing N N 166 
HIS C   O    doub N N 167 
HIS C   OXT  sing N N 168 
HIS CB  CG   sing N N 169 
HIS CB  HB2  sing N N 170 
HIS CB  HB3  sing N N 171 
HIS CG  ND1  sing Y N 172 
HIS CG  CD2  doub Y N 173 
HIS ND1 CE1  doub Y N 174 
HIS ND1 HD1  sing N N 175 
HIS CD2 NE2  sing Y N 176 
HIS CD2 HD2  sing N N 177 
HIS CE1 NE2  sing Y N 178 
HIS CE1 HE1  sing N N 179 
HIS NE2 HE2  sing N N 180 
HIS OXT HXT  sing N N 181 
HOH O   H1   sing N N 182 
HOH O   H2   sing N N 183 
ILE N   CA   sing N N 184 
ILE N   H    sing N N 185 
ILE N   H2   sing N N 186 
ILE CA  C    sing N N 187 
ILE CA  CB   sing N N 188 
ILE CA  HA   sing N N 189 
ILE C   O    doub N N 190 
ILE C   OXT  sing N N 191 
ILE CB  CG1  sing N N 192 
ILE CB  CG2  sing N N 193 
ILE CB  HB   sing N N 194 
ILE CG1 CD1  sing N N 195 
ILE CG1 HG12 sing N N 196 
ILE CG1 HG13 sing N N 197 
ILE CG2 HG21 sing N N 198 
ILE CG2 HG22 sing N N 199 
ILE CG2 HG23 sing N N 200 
ILE CD1 HD11 sing N N 201 
ILE CD1 HD12 sing N N 202 
ILE CD1 HD13 sing N N 203 
ILE OXT HXT  sing N N 204 
LEU N   CA   sing N N 205 
LEU N   H    sing N N 206 
LEU N   H2   sing N N 207 
LEU CA  C    sing N N 208 
LEU CA  CB   sing N N 209 
LEU CA  HA   sing N N 210 
LEU C   O    doub N N 211 
LEU C   OXT  sing N N 212 
LEU CB  CG   sing N N 213 
LEU CB  HB2  sing N N 214 
LEU CB  HB3  sing N N 215 
LEU CG  CD1  sing N N 216 
LEU CG  CD2  sing N N 217 
LEU CG  HG   sing N N 218 
LEU CD1 HD11 sing N N 219 
LEU CD1 HD12 sing N N 220 
LEU CD1 HD13 sing N N 221 
LEU CD2 HD21 sing N N 222 
LEU CD2 HD22 sing N N 223 
LEU CD2 HD23 sing N N 224 
LEU OXT HXT  sing N N 225 
LYS N   CA   sing N N 226 
LYS N   H    sing N N 227 
LYS N   H2   sing N N 228 
LYS CA  C    sing N N 229 
LYS CA  CB   sing N N 230 
LYS CA  HA   sing N N 231 
LYS C   O    doub N N 232 
LYS C   OXT  sing N N 233 
LYS CB  CG   sing N N 234 
LYS CB  HB2  sing N N 235 
LYS CB  HB3  sing N N 236 
LYS CG  CD   sing N N 237 
LYS CG  HG2  sing N N 238 
LYS CG  HG3  sing N N 239 
LYS CD  CE   sing N N 240 
LYS CD  HD2  sing N N 241 
LYS CD  HD3  sing N N 242 
LYS CE  NZ   sing N N 243 
LYS CE  HE2  sing N N 244 
LYS CE  HE3  sing N N 245 
LYS NZ  HZ1  sing N N 246 
LYS NZ  HZ2  sing N N 247 
LYS NZ  HZ3  sing N N 248 
LYS OXT HXT  sing N N 249 
MET N   CA   sing N N 250 
MET N   H    sing N N 251 
MET N   H2   sing N N 252 
MET CA  C    sing N N 253 
MET CA  CB   sing N N 254 
MET CA  HA   sing N N 255 
MET C   O    doub N N 256 
MET C   OXT  sing N N 257 
MET CB  CG   sing N N 258 
MET CB  HB2  sing N N 259 
MET CB  HB3  sing N N 260 
MET CG  SD   sing N N 261 
MET CG  HG2  sing N N 262 
MET CG  HG3  sing N N 263 
MET SD  CE   sing N N 264 
MET CE  HE1  sing N N 265 
MET CE  HE2  sing N N 266 
MET CE  HE3  sing N N 267 
MET OXT HXT  sing N N 268 
PHE N   CA   sing N N 269 
PHE N   H    sing N N 270 
PHE N   H2   sing N N 271 
PHE CA  C    sing N N 272 
PHE CA  CB   sing N N 273 
PHE CA  HA   sing N N 274 
PHE C   O    doub N N 275 
PHE C   OXT  sing N N 276 
PHE CB  CG   sing N N 277 
PHE CB  HB2  sing N N 278 
PHE CB  HB3  sing N N 279 
PHE CG  CD1  doub Y N 280 
PHE CG  CD2  sing Y N 281 
PHE CD1 CE1  sing Y N 282 
PHE CD1 HD1  sing N N 283 
PHE CD2 CE2  doub Y N 284 
PHE CD2 HD2  sing N N 285 
PHE CE1 CZ   doub Y N 286 
PHE CE1 HE1  sing N N 287 
PHE CE2 CZ   sing Y N 288 
PHE CE2 HE2  sing N N 289 
PHE CZ  HZ   sing N N 290 
PHE OXT HXT  sing N N 291 
PRO N   CA   sing N N 292 
PRO N   CD   sing N N 293 
PRO N   H    sing N N 294 
PRO CA  C    sing N N 295 
PRO CA  CB   sing N N 296 
PRO CA  HA   sing N N 297 
PRO C   O    doub N N 298 
PRO C   OXT  sing N N 299 
PRO CB  CG   sing N N 300 
PRO CB  HB2  sing N N 301 
PRO CB  HB3  sing N N 302 
PRO CG  CD   sing N N 303 
PRO CG  HG2  sing N N 304 
PRO CG  HG3  sing N N 305 
PRO CD  HD2  sing N N 306 
PRO CD  HD3  sing N N 307 
PRO OXT HXT  sing N N 308 
SER N   CA   sing N N 309 
SER N   H    sing N N 310 
SER N   H2   sing N N 311 
SER CA  C    sing N N 312 
SER CA  CB   sing N N 313 
SER CA  HA   sing N N 314 
SER C   O    doub N N 315 
SER C   OXT  sing N N 316 
SER CB  OG   sing N N 317 
SER CB  HB2  sing N N 318 
SER CB  HB3  sing N N 319 
SER OG  HG   sing N N 320 
SER OXT HXT  sing N N 321 
THR N   CA   sing N N 322 
THR N   H    sing N N 323 
THR N   H2   sing N N 324 
THR CA  C    sing N N 325 
THR CA  CB   sing N N 326 
THR CA  HA   sing N N 327 
THR C   O    doub N N 328 
THR C   OXT  sing N N 329 
THR CB  OG1  sing N N 330 
THR CB  CG2  sing N N 331 
THR CB  HB   sing N N 332 
THR OG1 HG1  sing N N 333 
THR CG2 HG21 sing N N 334 
THR CG2 HG22 sing N N 335 
THR CG2 HG23 sing N N 336 
THR OXT HXT  sing N N 337 
TRP N   CA   sing N N 338 
TRP N   H    sing N N 339 
TRP N   H2   sing N N 340 
TRP CA  C    sing N N 341 
TRP CA  CB   sing N N 342 
TRP CA  HA   sing N N 343 
TRP C   O    doub N N 344 
TRP C   OXT  sing N N 345 
TRP CB  CG   sing N N 346 
TRP CB  HB2  sing N N 347 
TRP CB  HB3  sing N N 348 
TRP CG  CD1  doub Y N 349 
TRP CG  CD2  sing Y N 350 
TRP CD1 NE1  sing Y N 351 
TRP CD1 HD1  sing N N 352 
TRP CD2 CE2  doub Y N 353 
TRP CD2 CE3  sing Y N 354 
TRP NE1 CE2  sing Y N 355 
TRP NE1 HE1  sing N N 356 
TRP CE2 CZ2  sing Y N 357 
TRP CE3 CZ3  doub Y N 358 
TRP CE3 HE3  sing N N 359 
TRP CZ2 CH2  doub Y N 360 
TRP CZ2 HZ2  sing N N 361 
TRP CZ3 CH2  sing Y N 362 
TRP CZ3 HZ3  sing N N 363 
TRP CH2 HH2  sing N N 364 
TRP OXT HXT  sing N N 365 
TYR N   CA   sing N N 366 
TYR N   H    sing N N 367 
TYR N   H2   sing N N 368 
TYR CA  C    sing N N 369 
TYR CA  CB   sing N N 370 
TYR CA  HA   sing N N 371 
TYR C   O    doub N N 372 
TYR C   OXT  sing N N 373 
TYR CB  CG   sing N N 374 
TYR CB  HB2  sing N N 375 
TYR CB  HB3  sing N N 376 
TYR CG  CD1  doub Y N 377 
TYR CG  CD2  sing Y N 378 
TYR CD1 CE1  sing Y N 379 
TYR CD1 HD1  sing N N 380 
TYR CD2 CE2  doub Y N 381 
TYR CD2 HD2  sing N N 382 
TYR CE1 CZ   doub Y N 383 
TYR CE1 HE1  sing N N 384 
TYR CE2 CZ   sing Y N 385 
TYR CE2 HE2  sing N N 386 
TYR CZ  OH   sing N N 387 
TYR OH  HH   sing N N 388 
TYR OXT HXT  sing N N 389 
VAL N   CA   sing N N 390 
VAL N   H    sing N N 391 
VAL N   H2   sing N N 392 
VAL CA  C    sing N N 393 
VAL CA  CB   sing N N 394 
VAL CA  HA   sing N N 395 
VAL C   O    doub N N 396 
VAL C   OXT  sing N N 397 
VAL CB  CG1  sing N N 398 
VAL CB  CG2  sing N N 399 
VAL CB  HB   sing N N 400 
VAL CG1 HG11 sing N N 401 
VAL CG1 HG12 sing N N 402 
VAL CG1 HG13 sing N N 403 
VAL CG2 HG21 sing N N 404 
VAL CG2 HG22 sing N N 405 
VAL CG2 HG23 sing N N 406 
VAL OXT HXT  sing N N 407 
# 
_pdbx_deposit_group.group_id            G_1002046 
_pdbx_deposit_group.group_description   
;Human FAM83B DUF1669 domain screened against DSPL and OxXChem Libraries by X-ray Crystallography at the XChem facility of Diamond Light Source beamline I04-1
;
_pdbx_deposit_group.group_title         'PanDDA analysis group deposition of models with modelled events (e.g. bound ligands)' 
_pdbx_deposit_group.group_type          'changed state' 
# 
_pdbx_related_exp_data_set.ordinal              1 
_pdbx_related_exp_data_set.data_reference       . 
_pdbx_related_exp_data_set.metadata_reference   10.5281/zenodo.1247291 
_pdbx_related_exp_data_set.data_set_type        'other data' 
_pdbx_related_exp_data_set.details              'Complete PanDDA analysis' 
# 
_atom_sites.entry_id                    5QHR 
_atom_sites.fract_transf_matrix[1][1]   0.01944875 
_atom_sites.fract_transf_matrix[1][2]   0.00370634 
_atom_sites.fract_transf_matrix[1][3]   -0.00045558 
_atom_sites.fract_transf_matrix[2][1]   0.00372191 
_atom_sites.fract_transf_matrix[2][2]   -0.01943591 
_atom_sites.fract_transf_matrix[2][3]   0.00076893 
_atom_sites.fract_transf_matrix[3][1]   -0.00009996 
_atom_sites.fract_transf_matrix[3][2]   -0.00027718 
_atom_sites.fract_transf_matrix[3][3]   -0.00652235 
_atom_sites.fract_transf_vector[1]      0.125524 
_atom_sites.fract_transf_vector[2]      0.774532 
_atom_sites.fract_transf_vector[3]      0.386681 
# 
loop_
_atom_type.symbol 
C 
F 
N 
O 
S 
# 
loop_
_atom_site.group_PDB 
_atom_site.id 
_atom_site.type_symbol 
_atom_site.label_atom_id 
_atom_site.label_alt_id 
_atom_site.label_comp_id 
_atom_site.label_asym_id 
_atom_site.label_entity_id 
_atom_site.label_seq_id 
_atom_site.pdbx_PDB_ins_code 
_atom_site.Cartn_x 
_atom_site.Cartn_y 
_atom_site.Cartn_z 
_atom_site.occupancy 
_atom_site.B_iso_or_equiv 
_atom_site.pdbx_formal_charge 
_atom_site.auth_seq_id 
_atom_site.auth_comp_id 
_atom_site.auth_asym_id 
_atom_site.auth_atom_id 
_atom_site.pdbx_PDB_model_num 
ATOM   1    N N   . GLY A 1 3   ? 18.072  -19.846 -1.874  1.00 61.23 ? 3   GLY A N   1 
ATOM   2    C CA  . GLY A 1 3   ? 16.985  -19.092 -2.578  1.00 57.73 ? 3   GLY A CA  1 
ATOM   3    C C   . GLY A 1 3   ? 15.595  -19.504 -2.109  1.00 56.07 ? 3   GLY A C   1 
ATOM   4    O O   . GLY A 1 3   ? 14.720  -19.788 -2.941  1.00 57.11 ? 3   GLY A O   1 
ATOM   5    N N   . GLY A 1 4   ? 15.402  -19.543 -0.783  1.00 44.73 ? 4   GLY A N   1 
ATOM   6    C CA  . GLY A 1 4   ? 14.118  -19.890 -0.176  1.00 47.05 ? 4   GLY A CA  1 
ATOM   7    C C   . GLY A 1 4   ? 13.258  -18.646 0.135   1.00 40.49 ? 4   GLY A C   1 
ATOM   8    O O   . GLY A 1 4   ? 13.585  -17.526 -0.293  1.00 34.04 ? 4   GLY A O   1 
ATOM   9    N N   . THR A 1 5   ? 12.174  -18.879 0.881   1.00 37.67 ? 5   THR A N   1 
ATOM   10   C CA  . THR A 1 5   ? 11.240  -17.833 1.356   1.00 34.80 ? 5   THR A CA  1 
ATOM   11   C C   . THR A 1 5   ? 11.068  -17.915 2.843   1.00 32.37 ? 5   THR A C   1 
ATOM   12   O O   . THR A 1 5   ? 11.024  -18.987 3.411   1.00 32.17 ? 5   THR A O   1 
ATOM   13   C CB  . THR A 1 5   ? 9.875   -17.997 0.654   1.00 31.72 ? 5   THR A CB  1 
ATOM   14   O OG1 . THR A 1 5   ? 10.088  -17.715 -0.707  1.00 32.52 ? 5   THR A OG1 1 
ATOM   15   C CG2 . THR A 1 5   ? 8.807   -17.047 1.182   1.00 31.97 ? 5   THR A CG2 1 
ATOM   16   N N   . HIS A 1 6   ? 10.986  -16.774 3.501   1.00 28.15 ? 6   HIS A N   1 
ATOM   17   C CA  . HIS A 1 6   ? 10.763  -16.751 4.923   1.00 29.01 ? 6   HIS A CA  1 
ATOM   18   C C   . HIS A 1 6   ? 9.444   -15.970 5.127   1.00 29.33 ? 6   HIS A C   1 
ATOM   19   O O   . HIS A 1 6   ? 9.243   -14.958 4.464   1.00 25.73 ? 6   HIS A O   1 
ATOM   20   C CB  . HIS A 1 6   ? 11.911  -16.077 5.676   1.00 33.84 ? 6   HIS A CB  1 
ATOM   21   C CG  . HIS A 1 6   ? 11.710  -16.092 7.154   1.00 41.41 ? 6   HIS A CG  1 
ATOM   22   N ND1 . HIS A 1 6   ? 12.046  -17.175 7.942   1.00 47.83 ? 6   HIS A ND1 1 
ATOM   23   C CD2 . HIS A 1 6   ? 11.093  -15.209 7.975   1.00 43.55 ? 6   HIS A CD2 1 
ATOM   24   C CE1 . HIS A 1 6   ? 11.694  -16.937 9.194   1.00 49.06 ? 6   HIS A CE1 1 
ATOM   25   N NE2 . HIS A 1 6   ? 11.097  -15.757 9.238   1.00 48.65 ? 6   HIS A NE2 1 
ATOM   26   N N   . ILE A 1 7   ? 8.584   -16.474 5.992   1.00 28.96 ? 7   ILE A N   1 
ATOM   27   C CA  . ILE A 1 7   ? 7.291   -15.800 6.363   1.00 29.60 ? 7   ILE A CA  1 
ATOM   28   C C   . ILE A 1 7   ? 7.097   -15.702 7.867   1.00 31.83 ? 7   ILE A C   1 
ATOM   29   O O   . ILE A 1 7   ? 7.168   -16.723 8.572   1.00 30.77 ? 7   ILE A O   1 
ATOM   30   C CB  . ILE A 1 7   ? 6.094   -16.521 5.766   1.00 29.89 ? 7   ILE A CB  1 
ATOM   31   C CG1 . ILE A 1 7   ? 6.191   -16.462 4.259   1.00 34.74 ? 7   ILE A CG1 1 
ATOM   32   C CG2 . ILE A 1 7   ? 4.770   -15.867 6.257   1.00 30.27 ? 7   ILE A CG2 1 
ATOM   33   C CD1 . ILE A 1 7   ? 5.161   -17.277 3.505   1.00 40.30 ? 7   ILE A CD1 1 
ATOM   34   N N   . ASP A 1 8   ? 6.852   -14.500 8.378   1.00 25.94 ? 8   ASP A N   1 
ATOM   35   C CA  . ASP A 1 8   ? 6.449   -14.284 9.754   1.00 29.19 ? 8   ASP A CA  1 
ATOM   36   C C   . ASP A 1 8   ? 5.008   -13.780 9.686   1.00 28.83 ? 8   ASP A C   1 
ATOM   37   O O   . ASP A 1 8   ? 4.634   -13.078 8.731   1.00 27.07 ? 8   ASP A O   1 
ATOM   38   C CB  . ASP A 1 8   ? 7.298   -13.212 10.439  1.00 34.50 ? 8   ASP A CB  1 
ATOM   39   C CG  . ASP A 1 8   ? 8.708   -13.697 10.707  1.00 40.95 ? 8   ASP A CG  1 
ATOM   40   O OD1 . ASP A 1 8   ? 8.815   -14.769 11.336  1.00 40.92 ? 8   ASP A OD1 1 
ATOM   41   O OD2 . ASP A 1 8   ? 9.670   -13.075 10.243  1.00 44.99 ? 8   ASP A OD2 1 
ATOM   42   N N   . LEU A 1 9   ? 4.216   -14.146 10.684  1.00 25.84 ? 9   LEU A N   1 
ATOM   43   C CA  . LEU A 1 9   ? 2.862   -13.635 10.809  1.00 26.38 ? 9   LEU A CA  1 
ATOM   44   C C   . LEU A 1 9   ? 2.792   -12.564 11.838  1.00 25.75 ? 9   LEU A C   1 
ATOM   45   O O   . LEU A 1 9   ? 3.448   -12.588 12.892  1.00 26.52 ? 9   LEU A O   1 
ATOM   46   C CB  . LEU A 1 9   ? 1.871   -14.758 11.140  1.00 28.00 ? 9   LEU A CB  1 
ATOM   47   C CG  . LEU A 1 9   ? 1.820   -15.889 10.135  1.00 31.07 ? 9   LEU A CG  1 
ATOM   48   C CD1 . LEU A 1 9   ? 0.875   -16.962 10.654  1.00 34.40 ? 9   LEU A CD1 1 
ATOM   49   C CD2 . LEU A 1 9   ? 1.369   -15.442 8.745   1.00 29.51 ? 9   LEU A CD2 1 
ATOM   50   N N   . LEU A 1 10  ? 1.977   -11.556 11.538  1.00 23.75 ? 10  LEU A N   1 
ATOM   51   C CA  . LEU A 1 10  ? 1.605   -10.555 12.519  1.00 22.73 ? 10  LEU A CA  1 
ATOM   52   C C   . LEU A 1 10  ? 0.094   -10.425 12.543  1.00 23.77 ? 10  LEU A C   1 
ATOM   53   O O   . LEU A 1 10  ? -0.614  -10.614 11.527  1.00 21.81 ? 10  LEU A O   1 
ATOM   54   C CB  . LEU A 1 10  ? 2.190   -9.203  12.137  1.00 24.11 ? 10  LEU A CB  1 
ATOM   55   C CG  . LEU A 1 10  ? 3.722   -9.067  11.970  1.00 26.35 ? 10  LEU A CG  1 
ATOM   56   C CD1 . LEU A 1 10  ? 4.064   -7.687  11.434  1.00 27.58 ? 10  LEU A CD1 1 
ATOM   57   C CD2 . LEU A 1 10  ? 4.432   -9.260  13.300  1.00 28.09 ? 10  LEU A CD2 1 
ATOM   58   N N   . PHE A 1 11  ? -0.390  -10.029 13.696  1.00 25.28 ? 11  PHE A N   1 
ATOM   59   C CA  . PHE A 1 11  ? -1.818  -9.949  13.978  1.00 24.73 ? 11  PHE A CA  1 
ATOM   60   C C   . PHE A 1 11  ? -2.157  -8.609  14.534  1.00 24.91 ? 11  PHE A C   1 
ATOM   61   O O   . PHE A 1 11  ? -1.315  -7.894  15.083  1.00 27.19 ? 11  PHE A O   1 
ATOM   62   C CB  . PHE A 1 11  ? -2.242  -11.030 14.960  1.00 26.33 ? 11  PHE A CB  1 
ATOM   63   C CG  . PHE A 1 11  ? -1.894  -12.411 14.493  1.00 26.46 ? 11  PHE A CG  1 
ATOM   64   C CD1 . PHE A 1 11  ? -0.671  -12.929 14.802  1.00 27.15 ? 11  PHE A CD1 1 
ATOM   65   C CD2 . PHE A 1 11  ? -2.810  -13.165 13.771  1.00 29.16 ? 11  PHE A CD2 1 
ATOM   66   C CE1 . PHE A 1 11  ? -0.309  -14.190 14.377  1.00 29.90 ? 11  PHE A CE1 1 
ATOM   67   C CE2 . PHE A 1 11  ? -2.453  -14.418 13.301  1.00 30.94 ? 11  PHE A CE2 1 
ATOM   68   C CZ  . PHE A 1 11  ? -1.189  -14.921 13.595  1.00 28.26 ? 11  PHE A CZ  1 
ATOM   69   N N   . HIS A 1 12  ? -3.425  -8.240  14.331  1.00 27.07 ? 12  HIS A N   1 
ATOM   70   C CA  . HIS A 1 12  ? -4.024  -7.129  15.040  1.00 27.91 ? 12  HIS A CA  1 
ATOM   71   C C   . HIS A 1 12  ? -5.318  -7.661  15.665  1.00 28.47 ? 12  HIS A C   1 
ATOM   72   O O   . HIS A 1 12  ? -6.221  -8.147  14.974  1.00 28.34 ? 12  HIS A O   1 
ATOM   73   C CB  . HIS A 1 12  ? -4.278  -5.879  14.179  1.00 29.02 ? 12  HIS A CB  1 
ATOM   74   C CG  . HIS A 1 12  ? -4.510  -4.652  14.987  1.00 32.35 ? 12  HIS A CG  1 
ATOM   75   N ND1 . HIS A 1 12  ? -3.492  -3.943  15.591  1.00 39.03 ? 12  HIS A ND1 1 
ATOM   76   C CD2 . HIS A 1 12  ? -5.660  -4.021  15.335  1.00 36.06 ? 12  HIS A CD2 1 
ATOM   77   C CE1 . HIS A 1 12  ? -3.997  -2.907  16.230  1.00 36.72 ? 12  HIS A CE1 1 
ATOM   78   N NE2 . HIS A 1 12  ? -5.302  -2.913  16.056  1.00 36.65 ? 12  HIS A NE2 1 
ATOM   79   N N   . PRO A 1 13  ? -5.412  -7.633  17.023  1.00 31.21 ? 13  PRO A N   1 
ATOM   80   C CA  . PRO A 1 13  ? -4.374  -7.162  17.939  1.00 29.44 ? 13  PRO A CA  1 
ATOM   81   C C   . PRO A 1 13  ? -3.165  -8.020  17.917  1.00 26.16 ? 13  PRO A C   1 
ATOM   82   O O   . PRO A 1 13  ? -3.253  -9.206  17.527  1.00 27.64 ? 13  PRO A O   1 
ATOM   83   C CB  . PRO A 1 13  ? -5.059  -7.175  19.318  1.00 31.66 ? 13  PRO A CB  1 
ATOM   84   C CG  . PRO A 1 13  ? -6.224  -7.990  19.194  1.00 33.59 ? 13  PRO A CG  1 
ATOM   85   C CD  . PRO A 1 13  ? -6.590  -8.152  17.734  1.00 30.20 ? 13  PRO A CD  1 
ATOM   86   N N   . PRO A 1 14  ? -2.017  -7.463  18.357  1.00 27.20 ? 14  PRO A N   1 
ATOM   87   C CA  . PRO A 1 14  ? -0.789  -8.260  18.383  1.00 27.75 ? 14  PRO A CA  1 
ATOM   88   C C   . PRO A 1 14  ? -0.845  -9.535  19.212  1.00 28.48 ? 14  PRO A C   1 
ATOM   89   O O   . PRO A 1 14  ? -1.539  -9.551  20.262  1.00 27.47 ? 14  PRO A O   1 
ATOM   90   C CB  . PRO A 1 14  ? 0.284   -7.288  18.872  1.00 29.74 ? 14  PRO A CB  1 
ATOM   91   C CG  . PRO A 1 14  ? -0.354  -5.998  19.125  1.00 30.10 ? 14  PRO A CG  1 
ATOM   92   C CD  . PRO A 1 14  ? -1.803  -6.060  18.759  1.00 26.58 ? 14  PRO A CD  1 
ATOM   93   N N   . ARG A 1 15  ? -0.190  -10.576 18.700  1.00 28.00 ? 15  ARG A N   1 
ATOM   94   C CA  . ARG A 1 15  ? 0.038   -11.857 19.333  1.00 30.44 ? 15  ARG A CA  1 
ATOM   95   C C   . ARG A 1 15  ? 1.468   -12.382 19.148  1.00 34.04 ? 15  ARG A C   1 
ATOM   96   O O   . ARG A 1 15  ? 1.819   -13.008 18.117  1.00 37.13 ? 15  ARG A O   1 
ATOM   97   C CB  . ARG A 1 15  ? -0.789  -12.949 18.696  1.00 36.85 ? 15  ARG A CB  1 
ATOM   98   C CG  . ARG A 1 15  ? -2.192  -13.049 19.151  1.00 46.14 ? 15  ARG A CG  1 
ATOM   99   C CD  . ARG A 1 15  ? -2.470  -14.518 19.514  1.00 55.73 ? 15  ARG A CD  1 
ATOM   100  N NE  . ARG A 1 15  ? -2.156  -15.481 18.441  1.00 49.45 ? 15  ARG A NE  1 
ATOM   101  C CZ  . ARG A 1 15  ? -2.799  -15.559 17.287  1.00 52.95 ? 15  ARG A CZ  1 
ATOM   102  N NH1 . ARG A 1 15  ? -3.791  -14.694 16.996  1.00 54.35 ? 15  ARG A NH1 1 
ATOM   103  N NH2 . ARG A 1 15  ? -2.431  -16.507 16.395  1.00 53.06 ? 15  ARG A NH2 1 
ATOM   104  N N   . ALA A 1 16  ? 2.235   -12.218 20.179  1.00 29.68 ? 16  ALA A N   1 
ATOM   105  C CA  . ALA A 1 16  ? 3.585   -12.698 20.299  1.00 25.44 ? 16  ALA A CA  1 
ATOM   106  C C   . ALA A 1 16  ? 4.580   -12.002 19.363  1.00 26.76 ? 16  ALA A C   1 
ATOM   107  O O   . ALA A 1 16  ? 5.580   -12.567 18.867  1.00 25.31 ? 16  ALA A O   1 
ATOM   108  C CB  . ALA A 1 16  ? 3.678   -14.255 20.295  1.00 28.24 ? 16  ALA A CB  1 
ATOM   109  N N   . HIS A 1 17  ? 4.392   -10.707 19.252  1.00 23.14 ? 17  HIS A N   1 
ATOM   110  C CA  . HIS A 1 17  ? 5.343   -9.863  18.537  1.00 25.27 ? 17  HIS A CA  1 
ATOM   111  C C   . HIS A 1 17  ? 5.245   -8.484  19.134  1.00 25.97 ? 17  HIS A C   1 
ATOM   112  O O   . HIS A 1 17  ? 4.227   -8.127  19.699  1.00 24.37 ? 17  HIS A O   1 
ATOM   113  C CB  . HIS A 1 17  ? 5.061   -9.867  17.016  1.00 25.08 ? 17  HIS A CB  1 
ATOM   114  C CG  . HIS A 1 17  ? 3.638   -9.590  16.645  1.00 23.75 ? 17  HIS A CG  1 
ATOM   115  N ND1 . HIS A 1 17  ? 3.167   -8.316  16.396  1.00 23.36 ? 17  HIS A ND1 1 
ATOM   116  C CD2 . HIS A 1 17  ? 2.606   -10.425 16.399  1.00 25.28 ? 17  HIS A CD2 1 
ATOM   117  C CE1 . HIS A 1 17  ? 1.881   -8.389  16.088  1.00 23.59 ? 17  HIS A CE1 1 
ATOM   118  N NE2 . HIS A 1 17  ? 1.513   -9.650  16.080  1.00 23.91 ? 17  HIS A NE2 1 
ATOM   119  N N   . LEU A 1 18  ? 6.316   -7.704  19.035  1.00 28.39 ? 18  LEU A N   1 
ATOM   120  C CA  . LEU A 1 18  ? 6.407   -6.457  19.770  1.00 29.04 ? 18  LEU A CA  1 
ATOM   121  C C   . LEU A 1 18  ? 5.756   -5.256  19.117  1.00 28.10 ? 18  LEU A C   1 
ATOM   122  O O   . LEU A 1 18  ? 5.309   -4.350  19.829  1.00 28.63 ? 18  LEU A O   1 
ATOM   123  C CB  . LEU A 1 18  ? 7.850   -6.097  19.979  1.00 32.34 ? 18  LEU A CB  1 
ATOM   124  C CG  . LEU A 1 18  ? 8.661   -7.129  20.768  1.00 34.84 ? 18  LEU A CG  1 
ATOM   125  C CD1 . LEU A 1 18  ? 10.120  -6.689  20.813  1.00 35.47 ? 18  LEU A CD1 1 
ATOM   126  C CD2 . LEU A 1 18  ? 8.092   -7.302  22.156  1.00 36.76 ? 18  LEU A CD2 1 
ATOM   127  N N   . LEU A 1 19  ? 5.758   -5.229  17.783  1.00 28.18 ? 19  LEU A N   1 
ATOM   128  C CA  . LEU A 1 19  ? 5.137   -4.140  17.031  1.00 27.93 ? 19  LEU A CA  1 
ATOM   129  C C   . LEU A 1 19  ? 3.715   -4.480  16.558  1.00 27.02 ? 19  LEU A C   1 
ATOM   130  O O   . LEU A 1 19  ? 3.405   -5.591  16.203  1.00 25.30 ? 19  LEU A O   1 
ATOM   131  C CB  . LEU A 1 19  ? 6.001   -3.721  15.851  1.00 30.15 ? 19  LEU A CB  1 
ATOM   132  C CG  . LEU A 1 19  ? 7.442   -3.302  16.155  1.00 33.35 ? 19  LEU A CG  1 
ATOM   133  C CD1 . LEU A 1 19  ? 8.136   -2.872  14.881  1.00 36.89 ? 19  LEU A CD1 1 
ATOM   134  C CD2 . LEU A 1 19  ? 7.476   -2.190  17.181  1.00 33.79 ? 19  LEU A CD2 1 
ATOM   135  N N   . THR A 1 20  ? 2.863   -3.462  16.494  1.00 25.45 ? 20  THR A N   1 
ATOM   136  C CA  . THR A 1 20  ? 1.625   -3.613  15.769  1.00 26.31 ? 20  THR A CA  1 
ATOM   137  C C   . THR A 1 20  ? 1.898   -3.641  14.254  1.00 23.40 ? 20  THR A C   1 
ATOM   138  O O   . THR A 1 20  ? 2.969   -3.224  13.761  1.00 22.86 ? 20  THR A O   1 
ATOM   139  C CB  . THR A 1 20  ? 0.679   -2.433  16.057  1.00 25.25 ? 20  THR A CB  1 
ATOM   140  O OG1 . THR A 1 20  ? 1.308   -1.239  15.591  1.00 24.59 ? 20  THR A OG1 1 
ATOM   141  C CG2 . THR A 1 20  ? 0.374   -2.351  17.563  1.00 29.24 ? 20  THR A CG2 1 
ATOM   142  N N   . ILE A 1 21  ? 0.879   -4.085  13.541  1.00 21.97 ? 21  ILE A N   1 
ATOM   143  C CA  . ILE A 1 21  ? 0.928   -4.046  12.072  1.00 21.81 ? 21  ILE A CA  1 
ATOM   144  C C   . ILE A 1 21  ? 1.167   -2.631  11.549  1.00 22.28 ? 21  ILE A C   1 
ATOM   145  O O   . ILE A 1 21  ? 2.005   -2.440  10.660  1.00 22.19 ? 21  ILE A O   1 
ATOM   146  C CB  . ILE A 1 21  ? -0.317  -4.686  11.473  1.00 22.31 ? 21  ILE A CB  1 
ATOM   147  C CG1 . ILE A 1 21  ? -0.410  -6.169  11.901  1.00 22.66 ? 21  ILE A CG1 1 
ATOM   148  C CG2 . ILE A 1 21  ? -0.302  -4.487  9.955   1.00 23.40 ? 21  ILE A CG2 1 
ATOM   149  C CD1 . ILE A 1 21  ? -1.613  -6.894  11.321  1.00 25.13 ? 21  ILE A CD1 1 
ATOM   150  N N   . LYS A 1 22  ? 0.470   -1.631  12.114  1.00 24.36 ? 22  LYS A N   1 
ATOM   151  C CA  . LYS A 1 22  ? 0.713   -0.231  11.704  1.00 24.75 ? 22  LYS A CA  1 
ATOM   152  C C   . LYS A 1 22  ? 2.104   0.247   11.972  1.00 24.88 ? 22  LYS A C   1 
ATOM   153  O O   . LYS A 1 22  ? 2.712   0.916   11.134  1.00 25.48 ? 22  LYS A O   1 
ATOM   154  C CB  . LYS A 1 22  ? -0.314  0.722   12.311  1.00 26.72 ? 22  LYS A CB  1 
ATOM   155  C CG  . LYS A 1 22  ? -0.141  2.162   11.872  1.00 28.38 ? 22  LYS A CG  1 
ATOM   156  C CD  . LYS A 1 22  ? -1.362  2.978   12.248  1.00 29.36 ? 22  LYS A CD  1 
ATOM   157  C CE  . LYS A 1 22  ? -1.087  4.438   11.975  1.00 31.54 ? 22  LYS A CE  1 
ATOM   158  N NZ  . LYS A 1 22  ? -2.327  5.249   12.115  1.00 33.14 ? 22  LYS A NZ  1 
ATOM   159  N N   . GLU A 1 23  ? 2.670   -0.096  13.134  1.00 22.99 ? 23  GLU A N   1 
ATOM   160  C CA  . GLU A 1 23  ? 4.050   0.243   13.368  1.00 23.63 ? 23  GLU A CA  1 
ATOM   161  C C   . GLU A 1 23  ? 4.997   -0.406  12.397  1.00 24.89 ? 23  GLU A C   1 
ATOM   162  O O   . GLU A 1 23  ? 5.976   0.221   11.994  1.00 25.28 ? 23  GLU A O   1 
ATOM   163  C CB  . GLU A 1 23  ? 4.450   -0.058  14.808  1.00 26.26 ? 23  GLU A CB  1 
ATOM   164  C CG  . GLU A 1 23  ? 3.725   0.768   15.858  1.00 29.13 ? 23  GLU A CG  1 
ATOM   165  C CD  . GLU A 1 23  ? 3.816   0.221   17.286  1.00 33.19 ? 23  GLU A CD  1 
ATOM   166  O OE1 . GLU A 1 23  ? 4.099   -0.964  17.554  1.00 32.93 ? 23  GLU A OE1 1 
ATOM   167  O OE2 . GLU A 1 23  ? 3.534   1.006   18.190  1.00 38.31 ? 23  GLU A OE2 1 
ATOM   168  N N   . THR A 1 24  ? 4.708   -1.652  12.009  1.00 23.01 ? 24  THR A N   1 
ATOM   169  C CA  . THR A 1 24  ? 5.545   -2.413  11.110  1.00 24.27 ? 24  THR A CA  1 
ATOM   170  C C   . THR A 1 24  ? 5.456   -1.785  9.715   1.00 23.00 ? 24  THR A C   1 
ATOM   171  O O   . THR A 1 24  ? 6.463   -1.608  9.057   1.00 21.45 ? 24  THR A O   1 
ATOM   172  C CB  . THR A 1 24  ? 5.185   -3.887  11.115  1.00 23.60 ? 24  THR A CB  1 
ATOM   173  O OG1 . THR A 1 24  ? 5.232   -4.368  12.465  1.00 24.90 ? 24  THR A OG1 1 
ATOM   174  C CG2 . THR A 1 24  ? 6.106   -4.697  10.202  1.00 23.15 ? 24  THR A CG2 1 
ATOM   175  N N   . ILE A 1 25  ? 4.239   -1.410  9.313   1.00 22.23 ? 25  ILE A N   1 
ATOM   176  C CA  . ILE A 1 25  ? 4.073   -0.684  8.041   1.00 21.90 ? 25  ILE A CA  1 
ATOM   177  C C   . ILE A 1 25  ? 4.943   0.579   8.033   1.00 23.55 ? 25  ILE A C   1 
ATOM   178  O O   . ILE A 1 25  ? 5.701   0.840   7.097   1.00 26.78 ? 25  ILE A O   1 
ATOM   179  C CB  . ILE A 1 25  ? 2.620   -0.258  7.817   1.00 23.77 ? 25  ILE A CB  1 
ATOM   180  C CG1 . ILE A 1 25  ? 1.783   -1.485  7.530   1.00 20.55 ? 25  ILE A CG1 1 
ATOM   181  C CG2 . ILE A 1 25  ? 2.501   0.740   6.680   1.00 22.51 ? 25  ILE A CG2 1 
ATOM   182  C CD1 . ILE A 1 25  ? 0.302   -1.295  7.739   1.00 22.18 ? 25  ILE A CD1 1 
ATOM   183  N N   . ARG A 1 26  ? 4.852   1.369   9.095   1.00 26.53 ? 26  ARG A N   1 
ATOM   184  C CA  . ARG A 1 26  ? 5.601   2.661   9.133   1.00 28.21 ? 26  ARG A CA  1 
ATOM   185  C C   . ARG A 1 26  ? 7.101   2.432   9.134   1.00 28.39 ? 26  ARG A C   1 
ATOM   186  O O   . ARG A 1 26  ? 7.840   3.113   8.416   1.00 26.33 ? 26  ARG A O   1 
ATOM   187  C CB  . ARG A 1 26  ? 5.129   3.506   10.299  1.00 29.36 ? 26  ARG A CB  1 
ATOM   188  C CG  . ARG A 1 26  ? 3.667   3.890   10.118  1.00 33.34 ? 26  ARG A CG  1 
ATOM   189  C CD  . ARG A 1 26  ? 3.129   4.751   11.249  1.00 35.88 ? 26  ARG A CD  1 
ATOM   190  N NE  . ARG A 1 26  ? 3.835   6.015   11.169  1.00 36.30 ? 26  ARG A NE  1 
ATOM   191  C CZ  . ARG A 1 26  ? 3.602   7.044   11.983  1.00 46.54 ? 26  ARG A CZ  1 
ATOM   192  N NH1 . ARG A 1 26  ? 2.674   6.952   12.932  1.00 42.78 ? 26  ARG A NH1 1 
ATOM   193  N NH2 . ARG A 1 26  ? 4.293   8.162   11.822  1.00 42.87 ? 26  ARG A NH2 1 
ATOM   194  N N   . LYS A 1 27  ? 7.553   1.379   9.818   1.00 26.93 ? 27  LYS A N   1 
ATOM   195  C CA  . LYS A 1 27  ? 8.989   1.016   9.841   1.00 28.22 ? 27  LYS A CA  1 
ATOM   196  C C   . LYS A 1 27  ? 9.455   0.561   8.477   1.00 25.32 ? 27  LYS A C   1 
ATOM   197  O O   . LYS A 1 27  ? 10.550  0.930   8.031   1.00 27.78 ? 27  LYS A O   1 
ATOM   198  C CB  . LYS A 1 27  ? 9.218   -0.112  10.853  1.00 30.55 ? 27  LYS A CB  1 
ATOM   199  C CG  . LYS A 1 27  ? 10.656  -0.610  10.983  1.00 34.11 ? 27  LYS A CG  1 
ATOM   200  C CD  . LYS A 1 27  ? 10.694  -1.551  12.197  1.00 39.46 ? 27  LYS A CD  1 
ATOM   201  C CE  . LYS A 1 27  ? 12.007  -2.309  12.368  1.00 42.09 ? 27  LYS A CE  1 
ATOM   202  N NZ  . LYS A 1 27  ? 13.126  -1.391  12.598  1.00 49.79 ? 27  LYS A NZ  1 
ATOM   203  N N   . MET A 1 28  ? 8.655   -0.287  7.797   1.00 25.55 ? 28  MET A N   1 
ATOM   204  C CA  . MET A 1 28  ? 9.030   -0.711  6.461   1.00 24.38 ? 28  MET A CA  1 
ATOM   205  C C   . MET A 1 28  ? 9.187   0.463   5.490   1.00 25.90 ? 28  MET A C   1 
ATOM   206  O O   . MET A 1 28  ? 10.092  0.461   4.653   1.00 25.77 ? 28  MET A O   1 
ATOM   207  C CB  . MET A 1 28  ? 8.024   -1.722  5.868   1.00 25.95 ? 28  MET A CB  1 
ATOM   208  C CG  . MET A 1 28  ? 8.140   -3.087  6.483   1.00 27.30 ? 28  MET A CG  1 
ATOM   209  S SD  . MET A 1 28  ? 6.823   -4.191  5.905   1.00 28.16 ? 28  MET A SD  1 
ATOM   210  C CE  . MET A 1 28  ? 7.150   -4.233  4.184   1.00 25.13 ? 28  MET A CE  1 
ATOM   211  N N   . ILE A 1 29  ? 8.268   1.431   5.595   1.00 26.19 ? 29  ILE A N   1 
ATOM   212  C CA  . ILE A 1 29  ? 8.285   2.583   4.722   1.00 26.09 ? 29  ILE A CA  1 
ATOM   213  C C   . ILE A 1 29  ? 9.471   3.475   5.099   1.00 28.85 ? 29  ILE A C   1 
ATOM   214  O O   . ILE A 1 29  ? 10.247  3.853   4.223   1.00 27.41 ? 29  ILE A O   1 
ATOM   215  C CB  . ILE A 1 29  ? 6.977   3.361   4.747   1.00 25.47 ? 29  ILE A CB  1 
ATOM   216  C CG1 . ILE A 1 29  ? 5.869   2.502   4.152   1.00 24.13 ? 29  ILE A CG1 1 
ATOM   217  C CG2 . ILE A 1 29  ? 7.123   4.656   3.933   1.00 26.92 ? 29  ILE A CG2 1 
ATOM   218  C CD1 . ILE A 1 29  ? 4.490   3.003   4.484   1.00 25.99 ? 29  ILE A CD1 1 
ATOM   219  N N   . LYS A 1 30  ? 9.641   3.710   6.406   1.00 29.27 ? 30  LYS A N   1 
ATOM   220  C CA  . LYS A 1 30  ? 10.813  4.478   6.895   1.00 33.10 ? 30  LYS A CA  1 
ATOM   221  C C   . LYS A 1 30  ? 12.143  3.935   6.402   1.00 35.00 ? 30  LYS A C   1 
ATOM   222  O O   . LYS A 1 30  ? 13.041  4.716   6.121   1.00 33.16 ? 30  LYS A O   1 
ATOM   223  C CB  . LYS A 1 30  ? 10.853  4.535   8.424   1.00 40.75 ? 30  LYS A CB  1 
ATOM   224  C CG  . LYS A 1 30  ? 10.016  5.630   9.038   1.00 52.53 ? 30  LYS A CG  1 
ATOM   225  C CD  . LYS A 1 30  ? 10.337  5.852   10.513  1.00 61.50 ? 30  LYS A CD  1 
ATOM   226  C CE  . LYS A 1 30  ? 9.080   6.258   11.279  1.00 63.76 ? 30  LYS A CE  1 
ATOM   227  N NZ  . LYS A 1 30  ? 9.441   6.921   12.555  1.00 75.96 ? 30  LYS A NZ  1 
ATOM   228  N N   . GLU A 1 31  ? 12.282  2.611   6.313   1.00 30.63 ? 31  GLU A N   1 
ATOM   229  C CA  . GLU A 1 31  ? 13.552  1.949   5.939   1.00 31.89 ? 31  GLU A CA  1 
ATOM   230  C C   . GLU A 1 31  ? 13.718  1.757   4.462   1.00 28.77 ? 31  GLU A C   1 
ATOM   231  O O   . GLU A 1 31  ? 14.728  1.235   4.035   1.00 31.61 ? 31  GLU A O   1 
ATOM   232  C CB  . GLU A 1 31  ? 13.661  0.576   6.669   1.00 35.62 ? 31  GLU A CB  1 
ATOM   233  C CG  . GLU A 1 31  ? 13.879  0.724   8.172   1.00 38.88 ? 31  GLU A CG  1 
ATOM   234  C CD  . GLU A 1 31  ? 13.895  -0.589  8.965   1.00 41.34 ? 31  GLU A CD  1 
ATOM   235  O OE1 . GLU A 1 31  ? 13.639  -1.687  8.419   1.00 46.33 ? 31  GLU A OE1 1 
ATOM   236  O OE2 . GLU A 1 31  ? 14.146  -0.501  10.174  1.00 41.25 ? 31  GLU A OE2 1 
ATOM   237  N N   . ALA A 1 32  ? 12.702  2.107   3.670   1.00 28.92 ? 32  ALA A N   1 
ATOM   238  C CA  . ALA A 1 32  ? 12.767  1.997   2.233   1.00 27.59 ? 32  ALA A CA  1 
ATOM   239  C C   . ALA A 1 32  ? 13.885  2.865   1.645   1.00 30.87 ? 32  ALA A C   1 
ATOM   240  O O   . ALA A 1 32  ? 14.003  4.015   1.994   1.00 31.50 ? 32  ALA A O   1 
ATOM   241  C CB  . ALA A 1 32  ? 11.427  2.383   1.590   1.00 28.53 ? 32  ALA A CB  1 
ATOM   242  N N   . ARG A 1 33  ? 14.681  2.270   0.773   1.00 32.26 ? 33  ARG A N   1 
ATOM   243  C CA  . ARG A 1 33  ? 15.841  2.934   0.180   1.00 37.53 ? 33  ARG A CA  1 
ATOM   244  C C   . ARG A 1 33  ? 15.681  3.276   -1.274  1.00 37.31 ? 33  ARG A C   1 
ATOM   245  O O   . ARG A 1 33  ? 16.329  4.226   -1.743  1.00 41.35 ? 33  ARG A O   1 
ATOM   246  C CB  . ARG A 1 33  ? 17.078  2.063   0.372   1.00 36.86 ? 33  ARG A CB  1 
ATOM   247  C CG  . ARG A 1 33  ? 17.593  2.095   1.819   1.00 42.95 ? 33  ARG A CG  1 
ATOM   248  C CD  . ARG A 1 33  ? 18.509  0.930   2.134   1.00 48.08 ? 33  ARG A CD  1 
ATOM   249  N NE  . ARG A 1 33  ? 19.191  0.429   0.943   1.00 59.12 ? 33  ARG A NE  1 
ATOM   250  C CZ  . ARG A 1 33  ? 20.150  1.069   0.250   1.00 67.33 ? 33  ARG A CZ  1 
ATOM   251  N NH1 . ARG A 1 33  ? 20.651  0.479   -0.837  1.00 62.29 ? 33  ARG A NH1 1 
ATOM   252  N NH2 . ARG A 1 33  ? 20.589  2.295   0.602   1.00 67.13 ? 33  ARG A NH2 1 
ATOM   253  N N   . LYS A 1 34  ? 14.833  2.548   -1.999  1.00 32.50 ? 34  LYS A N   1 
ATOM   254  C CA  . LYS A 1 34  ? 14.775  2.648   -3.449  1.00 32.71 ? 34  LYS A CA  1 
ATOM   255  C C   . LYS A 1 34  ? 13.359  2.755   -4.019  1.00 35.35 ? 34  LYS A C   1 
ATOM   256  O O   . LYS A 1 34  ? 13.060  3.682   -4.789  1.00 32.20 ? 34  LYS A O   1 
ATOM   257  C CB  . LYS A 1 34  ? 15.469  1.473   -4.107  1.00 39.21 ? 34  LYS A CB  1 
ATOM   258  C CG  . LYS A 1 34  ? 16.916  1.183   -3.699  1.00 46.26 ? 34  LYS A CG  1 
ATOM   259  C CD  . LYS A 1 34  ? 17.873  2.303   -4.104  1.00 60.16 ? 34  LYS A CD  1 
ATOM   260  C CE  . LYS A 1 34  ? 19.318  2.065   -3.641  1.00 67.36 ? 34  LYS A CE  1 
ATOM   261  N NZ  . LYS A 1 34  ? 19.920  3.293   -3.022  1.00 69.72 ? 34  LYS A NZ  1 
ATOM   262  N N   . VAL A 1 35  ? 12.496  1.800   -3.656  0.73 31.88 ? 35  VAL A N   1 
ATOM   263  C CA  . VAL A 1 35  ? 11.161  1.724   -4.220  0.73 31.36 ? 35  VAL A CA  1 
ATOM   264  C C   . VAL A 1 35  ? 10.196  1.230   -3.193  0.73 25.63 ? 35  VAL A C   1 
ATOM   265  O O   . VAL A 1 35  ? 10.529  0.343   -2.404  0.73 28.38 ? 35  VAL A O   1 
ATOM   266  C CB  . VAL A 1 35  ? 10.952  0.705   -5.375  0.73 33.59 ? 35  VAL A CB  1 
ATOM   267  C CG1 . VAL A 1 35  ? 10.951  1.368   -6.730  0.73 37.22 ? 35  VAL A CG1 1 
ATOM   268  C CG2 . VAL A 1 35  ? 11.879  -0.501  -5.264  0.73 32.00 ? 35  VAL A CG2 1 
ATOM   269  N N   . ILE A 1 36  ? 8.993   1.776   -3.291  1.00 27.30 ? 36  ILE A N   1 
ATOM   270  C CA  . ILE A 1 36  ? 7.788   1.280   -2.597  1.00 28.05 ? 36  ILE A CA  1 
ATOM   271  C C   . ILE A 1 36  ? 6.731   1.066   -3.676  1.00 28.17 ? 36  ILE A C   1 
ATOM   272  O O   . ILE A 1 36  ? 6.434   1.967   -4.461  1.00 26.65 ? 36  ILE A O   1 
ATOM   273  C CB  . ILE A 1 36  ? 7.257   2.288   -1.539  1.00 27.07 ? 36  ILE A CB  1 
ATOM   274  C CG1 . ILE A 1 36  ? 8.319   2.512   -0.457  1.00 27.67 ? 36  ILE A CG1 1 
ATOM   275  C CG2 . ILE A 1 36  ? 5.912   1.807   -0.974  1.00 28.14 ? 36  ILE A CG2 1 
ATOM   276  C CD1 . ILE A 1 36  ? 8.007   3.669   0.445   1.00 28.96 ? 36  ILE A CD1 1 
ATOM   277  N N   . ALA A 1 37  ? 6.132   -0.121  -3.669  1.00 24.41 ? 37  ALA A N   1 
ATOM   278  C CA  . ALA A 1 37  ? 5.068   -0.482  -4.558  1.00 25.54 ? 37  ALA A CA  1 
ATOM   279  C C   . ALA A 1 37  ? 3.928   -0.922  -3.657  1.00 25.81 ? 37  ALA A C   1 
ATOM   280  O O   . ALA A 1 37  ? 4.046   -1.923  -2.947  1.00 23.39 ? 37  ALA A O   1 
ATOM   281  C CB  . ALA A 1 37  ? 5.500   -1.645  -5.456  1.00 26.25 ? 37  ALA A CB  1 
ATOM   282  N N   . LEU A 1 38  ? 2.836   -0.191  -3.685  1.00 21.62 ? 38  LEU A N   1 
ATOM   283  C CA  . LEU A 1 38  ? 1.721   -0.428  -2.808  1.00 23.01 ? 38  LEU A CA  1 
ATOM   284  C C   . LEU A 1 38  ? 0.481   -0.700  -3.637  1.00 21.66 ? 38  LEU A C   1 
ATOM   285  O O   . LEU A 1 38  ? 0.154   0.058   -4.546  1.00 21.15 ? 38  LEU A O   1 
ATOM   286  C CB  . LEU A 1 38  ? 1.487   0.823   -1.953  1.00 23.38 ? 38  LEU A CB  1 
ATOM   287  C CG  . LEU A 1 38  ? 0.231   0.778   -1.073  1.00 23.41 ? 38  LEU A CG  1 
ATOM   288  C CD1 . LEU A 1 38  ? 0.316   -0.334  -0.031  1.00 21.69 ? 38  LEU A CD1 1 
ATOM   289  C CD2 . LEU A 1 38  ? 0.008   2.137   -0.383  1.00 26.74 ? 38  LEU A CD2 1 
ATOM   290  N N   . VAL A 1 39  ? -0.245  -1.742  -3.289  1.00 20.54 ? 39  VAL A N   1 
ATOM   291  C CA  . VAL A 1 39  ? -1.545  -2.036  -3.807  1.00 22.05 ? 39  VAL A CA  1 
ATOM   292  C C   . VAL A 1 39  ? -2.507  -2.004  -2.611  1.00 24.23 ? 39  VAL A C   1 
ATOM   293  O O   . VAL A 1 39  ? -2.265  -2.706  -1.620  1.00 22.84 ? 39  VAL A O   1 
ATOM   294  C CB  . VAL A 1 39  ? -1.584  -3.438  -4.402  1.00 23.44 ? 39  VAL A CB  1 
ATOM   295  C CG1 . VAL A 1 39  ? -2.924  -3.719  -5.003  1.00 26.12 ? 39  VAL A CG1 1 
ATOM   296  C CG2 . VAL A 1 39  ? -0.494  -3.574  -5.398  1.00 23.84 ? 39  VAL A CG2 1 
ATOM   297  N N   . MET A 1 40  ? -3.587  -1.223  -2.701  1.00 22.07 ? 40  MET A N   1 
ATOM   298  C CA  . MET A 1 40  ? -4.436  -0.981  -1.523  1.00 21.27 ? 40  MET A CA  1 
ATOM   299  C C   . MET A 1 40  ? -5.860  -0.743  -1.967  1.00 23.52 ? 40  MET A C   1 
ATOM   300  O O   . MET A 1 40  ? -6.103  -0.068  -2.983  1.00 22.70 ? 40  MET A O   1 
ATOM   301  C CB  . MET A 1 40  ? -3.852  0.148   -0.718  1.00 20.74 ? 40  MET A CB  1 
ATOM   302  C CG  . MET A 1 40  ? -4.565  0.482   0.591   1.00 23.98 ? 40  MET A CG  1 
ATOM   303  S SD  . MET A 1 40  ? -4.817  -0.991  1.667   1.00 24.23 ? 40  MET A SD  1 
ATOM   304  C CE  . MET A 1 40  ? -3.136  -1.561  1.876   1.00 25.05 ? 40  MET A CE  1 
ATOM   305  N N   . ASP A 1 41  ? -6.806  -1.322  -1.237  1.00 21.86 ? 41  ASP A N   1 
ATOM   306  C CA  . ASP A 1 41  ? -8.211  -1.191  -1.554  1.00 22.69 ? 41  ASP A CA  1 
ATOM   307  C C   . ASP A 1 41  ? -8.751  0.160   -1.106  1.00 28.00 ? 41  ASP A C   1 
ATOM   308  O O   . ASP A 1 41  ? -9.511  0.798   -1.849  1.00 26.36 ? 41  ASP A O   1 
ATOM   309  C CB  . ASP A 1 41  ? -9.005  -2.369  -1.050  1.00 25.98 ? 41  ASP A CB  1 
ATOM   310  C CG  . ASP A 1 41  ? -8.821  -2.651  0.455   1.00 29.72 ? 41  ASP A CG  1 
ATOM   311  O OD1 . ASP A 1 41  ? -8.082  -1.967  1.186   1.00 25.57 ? 41  ASP A OD1 1 
ATOM   312  O OD2 . ASP A 1 41  ? -9.448  -3.588  0.921   1.00 35.20 ? 41  ASP A OD2 1 
ATOM   313  N N   . ILE A 1 42  ? -8.421  0.574   0.140   1.00 23.76 ? 42  ILE A N   1 
ATOM   314  C CA  . ILE A 1 42  ? -8.837  1.871   0.720   1.00 24.95 ? 42  ILE A CA  1 
ATOM   315  C C   . ILE A 1 42  ? -7.660  2.442   1.472   1.00 24.52 ? 42  ILE A C   1 
ATOM   316  O O   . ILE A 1 42  ? -7.053  1.753   2.319   1.00 26.55 ? 42  ILE A O   1 
ATOM   317  C CB  . ILE A 1 42  ? -10.087 1.728   1.642   1.00 28.91 ? 42  ILE A CB  1 
ATOM   318  C CG1 . ILE A 1 42  ? -11.211 0.991   0.957   1.00 36.92 ? 42  ILE A CG1 1 
ATOM   319  C CG2 . ILE A 1 42  ? -10.582 3.101   2.114   1.00 30.34 ? 42  ILE A CG2 1 
ATOM   320  C CD1 . ILE A 1 42  ? -12.495 0.841   1.762   1.00 41.37 ? 42  ILE A CD1 1 
ATOM   321  N N   . PHE A 1 43  ? -7.271  3.680   1.159   1.00 23.75 ? 43  PHE A N   1 
ATOM   322  C CA  . PHE A 1 43  ? -6.124  4.351   1.763   1.00 22.81 ? 43  PHE A CA  1 
ATOM   323  C C   . PHE A 1 43  ? -6.563  5.712   2.322   1.00 28.31 ? 43  PHE A C   1 
ATOM   324  O O   . PHE A 1 43  ? -6.526  6.728   1.602   1.00 25.10 ? 43  PHE A O   1 
ATOM   325  C CB  . PHE A 1 43  ? -5.000  4.500   0.771   1.00 23.95 ? 43  PHE A CB  1 
ATOM   326  C CG  . PHE A 1 43  ? -3.687  4.898   1.326   1.00 21.51 ? 43  PHE A CG  1 
ATOM   327  C CD1 . PHE A 1 43  ? -3.500  5.401   2.650   1.00 24.43 ? 43  PHE A CD1 1 
ATOM   328  C CD2 . PHE A 1 43  ? -2.589  4.830   0.522   1.00 21.05 ? 43  PHE A CD2 1 
ATOM   329  C CE1 . PHE A 1 43  ? -2.263  5.773   3.117   1.00 23.30 ? 43  PHE A CE1 1 
ATOM   330  C CE2 . PHE A 1 43  ? -1.358  5.223   0.967   1.00 21.13 ? 43  PHE A CE2 1 
ATOM   331  C CZ  . PHE A 1 43  ? -1.171  5.702   2.292   1.00 22.67 ? 43  PHE A CZ  1 
ATOM   332  N N   . THR A 1 44  ? -6.869  5.729   3.616   1.00 25.72 ? 44  THR A N   1 
ATOM   333  C CA  . THR A 1 44  ? -7.209  6.998   4.326   1.00 28.64 ? 44  THR A CA  1 
ATOM   334  C C   . THR A 1 44  ? -6.383  7.282   5.587   1.00 29.77 ? 44  THR A C   1 
ATOM   335  O O   . THR A 1 44  ? -6.518  8.351   6.191   1.00 26.02 ? 44  THR A O   1 
ATOM   336  C CB  . THR A 1 44  ? -8.682  7.032   4.699   1.00 28.28 ? 44  THR A CB  1 
ATOM   337  O OG1 . THR A 1 44  ? -9.005  6.018   5.653   1.00 30.30 ? 44  THR A OG1 1 
ATOM   338  C CG2 . THR A 1 44  ? -9.596  6.880   3.485   1.00 31.38 ? 44  THR A CG2 1 
ATOM   339  N N   . ASP A 1 45  ? -5.432  6.398   5.927   1.00 29.61 ? 45  ASP A N   1 
ATOM   340  C CA  . ASP A 1 45  ? -4.631  6.580   7.120   1.00 27.55 ? 45  ASP A CA  1 
ATOM   341  C C   . ASP A 1 45  ? -3.569  7.639   6.893   1.00 28.51 ? 45  ASP A C   1 
ATOM   342  O O   . ASP A 1 45  ? -2.628  7.481   6.120   1.00 26.15 ? 45  ASP A O   1 
ATOM   343  C CB  . ASP A 1 45  ? -3.947  5.253   7.552   1.00 29.27 ? 45  ASP A CB  1 
ATOM   344  C CG  . ASP A 1 45  ? -3.213  5.381   8.841   1.00 27.00 ? 45  ASP A CG  1 
ATOM   345  O OD1 . ASP A 1 45  ? -2.180  6.123   8.934   1.00 29.76 ? 45  ASP A OD1 1 
ATOM   346  O OD2 . ASP A 1 45  ? -3.658  4.640   9.742   1.00 30.17 ? 45  ASP A OD2 1 
ATOM   347  N N   . VAL A 1 46  ? -3.718  8.752   7.629   1.00 28.41 ? 46  VAL A N   1 
ATOM   348  C CA  . VAL A 1 46  ? -2.864  9.914   7.456   1.00 29.23 ? 46  VAL A CA  1 
ATOM   349  C C   . VAL A 1 46  ? -1.430  9.655   7.886   1.00 26.60 ? 46  VAL A C   1 
ATOM   350  O O   . VAL A 1 46  ? -0.489  10.181  7.305   1.00 27.97 ? 46  VAL A O   1 
ATOM   351  C CB  . VAL A 1 46  ? -3.482  11.139  8.249   1.00 31.57 ? 46  VAL A CB  1 
ATOM   352  C CG1 . VAL A 1 46  ? -2.499  12.287  8.326   1.00 35.44 ? 46  VAL A CG1 1 
ATOM   353  C CG2 . VAL A 1 46  ? -4.782  11.593  7.596   1.00 32.69 ? 46  VAL A CG2 1 
ATOM   354  N N   . ASP A 1 47  ? -1.221  8.825   8.921   1.00 30.05 ? 47  ASP A N   1 
ATOM   355  C CA  . ASP A 1 47  ? 0.136   8.576   9.395   1.00 28.14 ? 47  ASP A CA  1 
ATOM   356  C C   . ASP A 1 47  ? 0.980   7.782   8.379   1.00 28.95 ? 47  ASP A C   1 
ATOM   357  O O   . ASP A 1 47  ? 2.163   8.082   8.097   1.00 28.41 ? 47  ASP A O   1 
ATOM   358  C CB  . ASP A 1 47  ? 0.080   7.816   10.706  1.00 32.02 ? 47  ASP A CB  1 
ATOM   359  C CG  . ASP A 1 47  ? -0.649  8.592   11.794  1.00 35.29 ? 47  ASP A CG  1 
ATOM   360  O OD1 . ASP A 1 47  ? -0.342  9.795   11.951  1.00 36.58 ? 47  ASP A OD1 1 
ATOM   361  O OD2 . ASP A 1 47  ? -1.525  8.029   12.442  1.00 33.72 ? 47  ASP A OD2 1 
ATOM   362  N N   . ILE A 1 48  ? 0.331   6.799   7.806   1.00 26.89 ? 48  ILE A N   1 
ATOM   363  C CA  . ILE A 1 48  ? 0.933   6.010   6.739   1.00 25.41 ? 48  ILE A CA  1 
ATOM   364  C C   . ILE A 1 48  ? 1.180   6.861   5.500   1.00 26.31 ? 48  ILE A C   1 
ATOM   365  O O   . ILE A 1 48  ? 2.279   6.866   4.957   1.00 26.80 ? 48  ILE A O   1 
ATOM   366  C CB  . ILE A 1 48  ? 0.137   4.727   6.428   1.00 24.18 ? 48  ILE A CB  1 
ATOM   367  C CG1 . ILE A 1 48  ? 0.083   3.874   7.663   1.00 25.93 ? 48  ILE A CG1 1 
ATOM   368  C CG2 . ILE A 1 48  ? 0.841   4.024   5.252   1.00 24.56 ? 48  ILE A CG2 1 
ATOM   369  C CD1 . ILE A 1 48  ? -0.765  2.648   7.550   1.00 26.77 ? 48  ILE A CD1 1 
ATOM   370  N N   . PHE A 1 49  ? 0.208   7.687   5.129   1.00 27.81 ? 49  PHE A N   1 
ATOM   371  C CA  . PHE A 1 49  ? 0.414   8.620   4.007   1.00 27.60 ? 49  PHE A CA  1 
ATOM   372  C C   . PHE A 1 49  ? 1.614   9.525   4.224   1.00 26.20 ? 49  PHE A C   1 
ATOM   373  O O   . PHE A 1 49  ? 2.492   9.640   3.363   1.00 27.54 ? 49  PHE A O   1 
ATOM   374  C CB  . PHE A 1 49  ? -0.878  9.400   3.699   1.00 30.45 ? 49  PHE A CB  1 
ATOM   375  C CG  . PHE A 1 49  ? -0.724  10.327  2.539   1.00 31.34 ? 49  PHE A CG  1 
ATOM   376  C CD1 . PHE A 1 49  ? -0.429  9.813   1.274   1.00 33.04 ? 49  PHE A CD1 1 
ATOM   377  C CD2 . PHE A 1 49  ? -0.842  11.692  2.699   1.00 35.98 ? 49  PHE A CD2 1 
ATOM   378  C CE1 . PHE A 1 49  ? -0.191  10.628  0.186   1.00 34.05 ? 49  PHE A CE1 1 
ATOM   379  C CE2 . PHE A 1 49  ? -0.656  12.522  1.588   1.00 36.25 ? 49  PHE A CE2 1 
ATOM   380  C CZ  . PHE A 1 49  ? -0.328  11.992  0.348   1.00 34.42 ? 49  PHE A CZ  1 
ATOM   381  N N   . LYS A 1 50  ? 1.717   10.108  5.423   1.00 27.84 ? 50  LYS A N   1 
ATOM   382  C CA  . LYS A 1 50  ? 2.881   10.953  5.787   1.00 31.53 ? 50  LYS A CA  1 
ATOM   383  C C   . LYS A 1 50  ? 4.205   10.253  5.638   1.00 29.28 ? 50  LYS A C   1 
ATOM   384  O O   . LYS A 1 50  ? 5.176   10.791  5.118   1.00 27.23 ? 50  LYS A O   1 
ATOM   385  C CB  . LYS A 1 50  ? 2.715   11.461  7.239   1.00 36.92 ? 50  LYS A CB  1 
ATOM   386  C CG  . LYS A 1 50  ? 3.808   12.393  7.793   1.00 51.60 ? 50  LYS A CG  1 
ATOM   387  C CD  . LYS A 1 50  ? 4.175   12.081  9.261   1.00 61.44 ? 50  LYS A CD  1 
ATOM   388  C CE  . LYS A 1 50  ? 5.119   10.859  9.383   1.00 69.44 ? 50  LYS A CE  1 
ATOM   389  N NZ  . LYS A 1 50  ? 6.555   11.187  9.659   1.00 71.00 ? 50  LYS A NZ  1 
ATOM   390  N N   . GLU A 1 51  ? 4.267   9.017   6.123   1.00 28.94 ? 51  GLU A N   1 
ATOM   391  C CA  . GLU A 1 51  ? 5.497   8.207   5.975   1.00 28.97 ? 51  GLU A CA  1 
ATOM   392  C C   . GLU A 1 51  ? 5.865   8.003   4.492   1.00 25.81 ? 51  GLU A C   1 
ATOM   393  O O   . GLU A 1 51  ? 7.019   8.056   4.089   1.00 26.52 ? 51  GLU A O   1 
ATOM   394  C CB  . GLU A 1 51  ? 5.249   6.855   6.662   1.00 33.19 ? 51  GLU A CB  1 
ATOM   395  C CG  . GLU A 1 51  ? 6.436   6.263   7.332   1.00 41.39 ? 51  GLU A CG  1 
ATOM   396  C CD  . GLU A 1 51  ? 6.840   7.088   8.530   1.00 39.83 ? 51  GLU A CD  1 
ATOM   397  O OE1 . GLU A 1 51  ? 6.074   7.149   9.525   1.00 47.64 ? 51  GLU A OE1 1 
ATOM   398  O OE2 . GLU A 1 51  ? 7.931   7.653   8.404   1.00 48.57 ? 51  GLU A OE2 1 
ATOM   399  N N   . ILE A 1 52  ? 4.868   7.680   3.675   1.00 28.43 ? 52  ILE A N   1 
ATOM   400  C CA  . ILE A 1 52  ? 5.089   7.529   2.229   1.00 27.99 ? 52  ILE A CA  1 
ATOM   401  C C   . ILE A 1 52  ? 5.556   8.849   1.574   1.00 27.37 ? 52  ILE A C   1 
ATOM   402  O O   . ILE A 1 52  ? 6.564   8.875   0.836   1.00 26.64 ? 52  ILE A O   1 
ATOM   403  C CB  . ILE A 1 52  ? 3.822   7.016   1.584   1.00 30.39 ? 52  ILE A CB  1 
ATOM   404  C CG1 . ILE A 1 52  ? 3.746   5.504   1.835   1.00 33.51 ? 52  ILE A CG1 1 
ATOM   405  C CG2 . ILE A 1 52  ? 3.794   7.295   0.099   1.00 33.20 ? 52  ILE A CG2 1 
ATOM   406  C CD1 . ILE A 1 52  ? 2.424   4.915   1.410   1.00 36.20 ? 52  ILE A CD1 1 
ATOM   407  N N   . VAL A 1 53  ? 4.825   9.930   1.858   1.00 30.13 ? 53  VAL A N   1 
ATOM   408  C CA  . VAL A 1 53  ? 5.290   11.271  1.360   1.00 31.69 ? 53  VAL A CA  1 
ATOM   409  C C   . VAL A 1 53  ? 6.764   11.514  1.782   1.00 31.69 ? 53  VAL A C   1 
ATOM   410  O O   . VAL A 1 53  ? 7.628   11.851  0.945   1.00 35.90 ? 53  VAL A O   1 
ATOM   411  C CB  . VAL A 1 53  ? 4.344   12.389  1.819   1.00 31.73 ? 53  VAL A CB  1 
ATOM   412  C CG1 . VAL A 1 53  ? 4.917   13.778  1.501   1.00 36.93 ? 53  VAL A CG1 1 
ATOM   413  C CG2 . VAL A 1 53  ? 3.005   12.224  1.153   1.00 33.40 ? 53  VAL A CG2 1 
ATOM   414  N N   . GLU A 1 54  ? 7.070   11.252  3.047   1.00 33.47 ? 54  GLU A N   1 
ATOM   415  C CA  . GLU A 1 54  ? 8.458   11.419  3.501   1.00 33.80 ? 54  GLU A CA  1 
ATOM   416  C C   . GLU A 1 54  ? 9.469   10.546  2.793   1.00 36.39 ? 54  GLU A C   1 
ATOM   417  O O   . GLU A 1 54  ? 10.582  10.980  2.441   1.00 33.13 ? 54  GLU A O   1 
ATOM   418  C CB  . GLU A 1 54  ? 8.541   11.280  5.011   1.00 41.06 ? 54  GLU A CB  1 
ATOM   419  C CG  . GLU A 1 54  ? 8.307   12.631  5.653   1.00 53.04 ? 54  GLU A CG  1 
ATOM   420  C CD  . GLU A 1 54  ? 8.221   12.555  7.154   1.00 60.57 ? 54  GLU A CD  1 
ATOM   421  O OE1 . GLU A 1 54  ? 7.418   13.338  7.723   1.00 67.92 ? 54  GLU A OE1 1 
ATOM   422  O OE2 . GLU A 1 54  ? 8.936   11.702  7.740   1.00 62.41 ? 54  GLU A OE2 1 
ATOM   423  N N   . ALA A 1 55  ? 9.090   9.299   2.500   1.00 32.54 ? 55  ALA A N   1 
ATOM   424  C CA  . ALA A 1 55  ? 9.989   8.486   1.730   1.00 30.24 ? 55  ALA A CA  1 
ATOM   425  C C   . ALA A 1 55  ? 10.280  9.087   0.362   1.00 29.18 ? 55  ALA A C   1 
ATOM   426  O O   . ALA A 1 55  ? 11.420  9.026   -0.117  1.00 30.27 ? 55  ALA A O   1 
ATOM   427  C CB  . ALA A 1 55  ? 9.440   7.038   1.593   1.00 30.95 ? 55  ALA A CB  1 
ATOM   428  N N   . SER A 1 56  ? 9.241   9.610   -0.300  1.00 31.64 ? 56  SER A N   1 
ATOM   429  C CA  . SER A 1 56  ? 9.421   10.154  -1.659  1.00 34.40 ? 56  SER A CA  1 
ATOM   430  C C   . SER A 1 56  ? 10.350  11.363  -1.624  1.00 38.66 ? 56  SER A C   1 
ATOM   431  O O   . SER A 1 56  ? 11.108  11.551  -2.575  1.00 36.20 ? 56  SER A O   1 
ATOM   432  C CB  . SER A 1 56  ? 8.103   10.534  -2.323  1.00 35.71 ? 56  SER A CB  1 
ATOM   433  O OG  . SER A 1 56  ? 7.410   11.569  -1.665  1.00 38.64 ? 56  SER A OG  1 
ATOM   434  N N   . THR A 1 57  ? 10.340  12.111  -0.519  1.00 39.54 ? 57  THR A N   1 
ATOM   435  C CA  . THR A 1 57  ? 11.231  13.281  -0.397  1.00 41.44 ? 57  THR A CA  1 
ATOM   436  C C   . THR A 1 57  ? 12.689  12.882  -0.182  1.00 45.06 ? 57  THR A C   1 
ATOM   437  O O   . THR A 1 57  ? 13.589  13.655  -0.508  1.00 49.36 ? 57  THR A O   1 
ATOM   438  C CB  . THR A 1 57  ? 10.781  14.270  0.684   1.00 42.16 ? 57  THR A CB  1 
ATOM   439  O OG1 . THR A 1 57  ? 11.098  13.752  1.968   1.00 48.01 ? 57  THR A OG1 1 
ATOM   440  C CG2 . THR A 1 57  ? 9.286   14.543  0.642   1.00 41.14 ? 57  THR A CG2 1 
ATOM   441  N N   . ARG A 1 58  ? 12.945  11.691  0.357   1.00 43.47 ? 58  ARG A N   1 
ATOM   442  C CA  . ARG A 1 58  ? 14.302  11.128  0.404   1.00 42.32 ? 58  ARG A CA  1 
ATOM   443  C C   . ARG A 1 58  ? 14.743  10.644  -0.951  1.00 39.94 ? 58  ARG A C   1 
ATOM   444  O O   . ARG A 1 58  ? 15.866  10.202  -1.087  1.00 43.17 ? 58  ARG A O   1 
ATOM   445  C CB  . ARG A 1 58  ? 14.399  9.892   1.313   1.00 45.51 ? 58  ARG A CB  1 
ATOM   446  C CG  . ARG A 1 58  ? 14.055  10.077  2.763   1.00 45.87 ? 58  ARG A CG  1 
ATOM   447  C CD  . ARG A 1 58  ? 14.565  8.888   3.571   1.00 49.27 ? 58  ARG A CD  1 
ATOM   448  N NE  . ARG A 1 58  ? 13.946  7.581   3.225   1.00 42.74 ? 58  ARG A NE  1 
ATOM   449  C CZ  . ARG A 1 58  ? 12.793  7.128   3.721   1.00 41.35 ? 58  ARG A CZ  1 
ATOM   450  N NH1 . ARG A 1 58  ? 12.058  7.870   4.548   1.00 39.83 ? 58  ARG A NH1 1 
ATOM   451  N NH2 . ARG A 1 58  ? 12.337  5.925   3.352   1.00 42.57 ? 58  ARG A NH2 1 
ATOM   452  N N   . GLY A 1 59  ? 13.861  10.591  -1.946  1.00 39.95 ? 59  GLY A N   1 
ATOM   453  C CA  . GLY A 1 59  ? 14.237  10.040  -3.256  1.00 37.84 ? 59  GLY A CA  1 
ATOM   454  C C   . GLY A 1 59  ? 13.749  8.615   -3.556  1.00 38.27 ? 59  GLY A C   1 
ATOM   455  O O   . GLY A 1 59  ? 14.152  8.035   -4.552  1.00 39.12 ? 59  GLY A O   1 
ATOM   456  N N   . VAL A 1 60  ? 12.881  8.059   -2.704  1.00 32.87 ? 60  VAL A N   1 
ATOM   457  C CA  . VAL A 1 60  ? 12.318  6.719   -2.957  1.00 31.50 ? 60  VAL A CA  1 
ATOM   458  C C   . VAL A 1 60  ? 11.233  6.852   -4.021  1.00 30.89 ? 60  VAL A C   1 
ATOM   459  O O   . VAL A 1 60  ? 10.373  7.716   -3.933  1.00 29.87 ? 60  VAL A O   1 
ATOM   460  C CB  . VAL A 1 60  ? 11.778  6.089   -1.647  1.00 31.10 ? 60  VAL A CB  1 
ATOM   461  C CG1 . VAL A 1 60  ? 11.068  4.745   -1.936  1.00 31.11 ? 60  VAL A CG1 1 
ATOM   462  C CG2 . VAL A 1 60  ? 12.890  5.944   -0.627  1.00 33.35 ? 60  VAL A CG2 1 
ATOM   463  N N   . SER A 1 61  ? 11.265  5.990   -5.016  1.00 31.09 ? 61  SER A N   1 
ATOM   464  C CA  . SER A 1 61  ? 10.209  5.943   -6.020  1.00 32.13 ? 61  SER A CA  1 
ATOM   465  C C   . SER A 1 61  ? 8.993   5.244   -5.408  1.00 29.49 ? 61  SER A C   1 
ATOM   466  O O   . SER A 1 61  ? 9.125   4.118   -4.902  1.00 30.96 ? 61  SER A O   1 
ATOM   467  C CB  . SER A 1 61  ? 10.656  5.181   -7.238  1.00 35.75 ? 61  SER A CB  1 
ATOM   468  O OG  . SER A 1 61  ? 11.616  5.939   -7.940  1.00 38.72 ? 61  SER A OG  1 
ATOM   469  N N   . VAL A 1 62  ? 7.850   5.898   -5.465  1.00 30.79 ? 62  VAL A N   1 
ATOM   470  C CA  . VAL A 1 62  ? 6.623   5.348   -4.887  1.00 29.64 ? 62  VAL A CA  1 
ATOM   471  C C   . VAL A 1 62  ? 5.584   5.123   -5.982  1.00 31.03 ? 62  VAL A C   1 
ATOM   472  O O   . VAL A 1 62  ? 5.133   6.087   -6.654  1.00 30.98 ? 62  VAL A O   1 
ATOM   473  C CB  . VAL A 1 62  ? 6.057   6.287   -3.834  1.00 28.84 ? 62  VAL A CB  1 
ATOM   474  C CG1 . VAL A 1 62  ? 4.792   5.716   -3.217  1.00 28.44 ? 62  VAL A CG1 1 
ATOM   475  C CG2 . VAL A 1 62  ? 7.111   6.586   -2.798  1.00 29.49 ? 62  VAL A CG2 1 
ATOM   476  N N   . TYR A 1 63  ? 5.156   3.859   -6.136  1.00 25.38 ? 63  TYR A N   1 
ATOM   477  C CA  . TYR A 1 63  ? 4.054   3.536   -7.038  1.00 26.14 ? 63  TYR A CA  1 
ATOM   478  C C   . TYR A 1 63  ? 2.880   3.031   -6.194  1.00 24.17 ? 63  TYR A C   1 
ATOM   479  O O   . TYR A 1 63  ? 3.053   2.064   -5.427  1.00 25.26 ? 63  TYR A O   1 
ATOM   480  C CB  . TYR A 1 63  ? 4.489   2.434   -8.020  1.00 27.20 ? 63  TYR A CB  1 
ATOM   481  C CG  . TYR A 1 63  ? 5.662   2.846   -8.873  1.00 28.56 ? 63  TYR A CG  1 
ATOM   482  C CD1 . TYR A 1 63  ? 6.965   2.568   -8.464  1.00 30.91 ? 63  TYR A CD1 1 
ATOM   483  C CD2 . TYR A 1 63  ? 5.453   3.468   -10.106 1.00 30.69 ? 63  TYR A CD2 1 
ATOM   484  C CE1 . TYR A 1 63  ? 8.058   2.913   -9.247  1.00 34.02 ? 63  TYR A CE1 1 
ATOM   485  C CE2 . TYR A 1 63  ? 6.542   3.844   -10.927 1.00 32.32 ? 63  TYR A CE2 1 
ATOM   486  C CZ  . TYR A 1 63  ? 7.842   3.533   -10.474 1.00 34.01 ? 63  TYR A CZ  1 
ATOM   487  O OH  . TYR A 1 63  ? 8.949   3.851   -11.185 1.00 41.82 ? 63  TYR A OH  1 
ATOM   488  N N   . ILE A 1 64  ? 1.714   3.636   -6.339  1.00 24.47 ? 64  ILE A N   1 
ATOM   489  C CA  . ILE A 1 64  ? 0.551   3.245   -5.603  1.00 24.93 ? 64  ILE A CA  1 
ATOM   490  C C   . ILE A 1 64  ? -0.576  2.905   -6.562  1.00 26.19 ? 64  ILE A C   1 
ATOM   491  O O   . ILE A 1 64  ? -0.951  3.713   -7.402  1.00 26.98 ? 64  ILE A O   1 
ATOM   492  C CB  . ILE A 1 64  ? 0.071   4.409   -4.683  1.00 25.67 ? 64  ILE A CB  1 
ATOM   493  C CG1 . ILE A 1 64  ? 1.231   4.851   -3.794  1.00 23.82 ? 64  ILE A CG1 1 
ATOM   494  C CG2 . ILE A 1 64  ? -1.140  4.008   -3.912  1.00 25.62 ? 64  ILE A CG2 1 
ATOM   495  C CD1 . ILE A 1 64  ? 0.838   6.009   -2.847  1.00 27.02 ? 64  ILE A CD1 1 
ATOM   496  N N   . LEU A 1 65  ? -1.136  1.725   -6.379  1.00 23.84 ? 65  LEU A N   1 
ATOM   497  C CA  . LEU A 1 65  ? -2.346  1.272   -7.089  1.00 24.76 ? 65  LEU A CA  1 
ATOM   498  C C   . LEU A 1 65  ? -3.495  1.114   -6.114  1.00 25.18 ? 65  LEU A C   1 
ATOM   499  O O   . LEU A 1 65  ? -3.355  0.384   -5.109  1.00 24.43 ? 65  LEU A O   1 
ATOM   500  C CB  . LEU A 1 65  ? -2.072  -0.020  -7.808  1.00 24.59 ? 65  LEU A CB  1 
ATOM   501  C CG  . LEU A 1 65  ? -0.964  -0.080  -8.854  1.00 26.82 ? 65  LEU A CG  1 
ATOM   502  C CD1 . LEU A 1 65  ? -0.752  -1.506  -9.429  1.00 27.40 ? 65  LEU A CD1 1 
ATOM   503  C CD2 . LEU A 1 65  ? -1.283  0.904   -9.966  1.00 25.95 ? 65  LEU A CD2 1 
ATOM   504  N N   . LEU A 1 66  ? -4.576  1.854   -6.349  1.00 23.38 ? 66  LEU A N   1 
ATOM   505  C CA  . LEU A 1 66  ? -5.778  1.895   -5.529  1.00 22.09 ? 66  LEU A CA  1 
ATOM   506  C C   . LEU A 1 66  ? -6.947  1.381   -6.269  1.00 24.60 ? 66  LEU A C   1 
ATOM   507  O O   . LEU A 1 66  ? -7.023  1.587   -7.500  1.00 28.50 ? 66  LEU A O   1 
ATOM   508  C CB  . LEU A 1 66  ? -6.040  3.331   -5.070  1.00 24.72 ? 66  LEU A CB  1 
ATOM   509  C CG  . LEU A 1 66  ? -4.935  3.937   -4.204  1.00 27.08 ? 66  LEU A CG  1 
ATOM   510  C CD1 . LEU A 1 66  ? -5.258  5.385   -3.829  1.00 30.19 ? 66  LEU A CD1 1 
ATOM   511  C CD2 . LEU A 1 66  ? -4.711  3.079   -2.935  1.00 26.17 ? 66  LEU A CD2 1 
ATOM   512  N N   . ASP A 1 67  ? -7.877  0.724   -5.559  1.00 23.01 ? 67  ASP A N   1 
ATOM   513  C CA  . ASP A 1 67  ? -9.134  0.331   -6.127  1.00 25.23 ? 67  ASP A CA  1 
ATOM   514  C C   . ASP A 1 67  ? -9.866  1.560   -6.613  1.00 27.12 ? 67  ASP A C   1 
ATOM   515  O O   . ASP A 1 67  ? -9.980  2.544   -5.906  1.00 25.31 ? 67  ASP A O   1 
ATOM   516  C CB  . ASP A 1 67  ? -9.985  -0.458  -5.156  1.00 26.19 ? 67  ASP A CB  1 
ATOM   517  C CG  . ASP A 1 67  ? -11.366 -0.722  -5.699  1.00 31.32 ? 67  ASP A CG  1 
ATOM   518  O OD1 . ASP A 1 67  ? -11.507 -1.532  -6.683  1.00 27.58 ? 67  ASP A OD1 1 
ATOM   519  O OD2 . ASP A 1 67  ? -12.284 -0.061  -5.151  1.00 32.92 ? 67  ASP A OD2 1 
ATOM   520  N N   . GLU A 1 68  ? -10.320 1.520   -7.853  1.00 26.27 ? 68  GLU A N   1 
ATOM   521  C CA  . GLU A 1 68  ? -10.981 2.694   -8.448  1.00 27.95 ? 68  GLU A CA  1 
ATOM   522  C C   . GLU A 1 68  ? -12.202 3.200   -7.692  1.00 26.83 ? 68  GLU A C   1 
ATOM   523  O O   . GLU A 1 68  ? -12.346 4.399   -7.442  1.00 29.87 ? 68  GLU A O   1 
ATOM   524  C CB  . GLU A 1 68  ? -11.327 2.395   -9.892  1.00 29.87 ? 68  GLU A CB  1 
ATOM   525  C CG  . GLU A 1 68  ? -11.909 3.601   -10.636 1.00 33.43 ? 68  GLU A CG  1 
ATOM   526  C CD  . GLU A 1 68  ? -12.420 3.168   -11.993 1.00 45.00 ? 68  GLU A CD  1 
ATOM   527  O OE1 . GLU A 1 68  ? -11.620 3.216   -12.934 1.00 49.28 ? 68  GLU A OE1 1 
ATOM   528  O OE2 . GLU A 1 68  ? -13.585 2.696   -12.090 1.00 55.29 ? 68  GLU A OE2 1 
ATOM   529  N N   . SER A 1 69  ? -13.028 2.290   -7.235  1.00 27.57 ? 69  SER A N   1 
ATOM   530  C CA  . SER A 1 69  ? -14.291 2.615   -6.593  1.00 30.96 ? 69  SER A CA  1 
ATOM   531  C C   . SER A 1 69  ? -14.112 3.300   -5.257  1.00 32.84 ? 69  SER A C   1 
ATOM   532  O O   . SER A 1 69  ? -14.984 4.007   -4.819  1.00 32.01 ? 69  SER A O   1 
ATOM   533  C CB  . SER A 1 69  ? -15.174 1.372   -6.465  1.00 32.22 ? 69  SER A CB  1 
ATOM   534  O OG  . SER A 1 69  ? -14.780 0.630   -5.310  1.00 33.93 ? 69  SER A OG  1 
ATOM   535  N N   . ASN A 1 70  ? -12.967 3.128   -4.608  1.00 34.16 ? 70  ASN A N   1 
ATOM   536  C CA  . ASN A 1 70  ? -12.697 3.819   -3.332  1.00 34.26 ? 70  ASN A CA  1 
ATOM   537  C C   . ASN A 1 70  ? -11.657 4.891   -3.459  1.00 27.51 ? 70  ASN A C   1 
ATOM   538  O O   . ASN A 1 70  ? -11.278 5.473   -2.476  1.00 27.87 ? 70  ASN A O   1 
ATOM   539  C CB  . ASN A 1 70  ? -12.230 2.802   -2.268  1.00 35.87 ? 70  ASN A CB  1 
ATOM   540  C CG  . ASN A 1 70  ? -13.348 1.899   -1.826  1.00 41.23 ? 70  ASN A CG  1 
ATOM   541  O OD1 . ASN A 1 70  ? -13.312 0.687   -2.053  1.00 52.73 ? 70  ASN A OD1 1 
ATOM   542  N ND2 . ASN A 1 70  ? -14.345 2.476   -1.220  1.00 38.78 ? 70  ASN A ND2 1 
ATOM   543  N N   . PHE A 1 71  ? -11.213 5.182   -4.663  1.00 25.65 ? 71  PHE A N   1 
ATOM   544  C CA  . PHE A 1 71  ? -10.169 6.178   -4.858  1.00 26.94 ? 71  PHE A CA  1 
ATOM   545  C C   . PHE A 1 71  ? -10.490 7.565   -4.239  1.00 28.95 ? 71  PHE A C   1 
ATOM   546  O O   . PHE A 1 71  ? -9.579  8.217   -3.732  1.00 27.90 ? 71  PHE A O   1 
ATOM   547  C CB  . PHE A 1 71  ? -9.818  6.350   -6.368  1.00 28.11 ? 71  PHE A CB  1 
ATOM   548  C CG  . PHE A 1 71  ? -8.804  7.412   -6.621  1.00 29.55 ? 71  PHE A CG  1 
ATOM   549  C CD1 . PHE A 1 71  ? -7.482  7.158   -6.458  1.00 29.32 ? 71  PHE A CD1 1 
ATOM   550  C CD2 . PHE A 1 71  ? -9.188  8.698   -7.016  1.00 30.49 ? 71  PHE A CD2 1 
ATOM   551  C CE1 . PHE A 1 71  ? -6.536  8.134   -6.637  1.00 29.61 ? 71  PHE A CE1 1 
ATOM   552  C CE2 . PHE A 1 71  ? -8.227  9.686   -7.233  1.00 30.02 ? 71  PHE A CE2 1 
ATOM   553  C CZ  . PHE A 1 71  ? -6.900  9.394   -7.058  1.00 32.09 ? 71  PHE A CZ  1 
ATOM   554  N N   . ASN A 1 72  ? -11.758 8.003   -4.331  1.00 32.47 ? 72  ASN A N   1 
ATOM   555  C CA  . ASN A 1 72  ? -12.185 9.336   -3.808  1.00 31.37 ? 72  ASN A CA  1 
ATOM   556  C C   . ASN A 1 72  ? -11.847 9.494   -2.306  1.00 29.21 ? 72  ASN A C   1 
ATOM   557  O O   . ASN A 1 72  ? -11.566 10.587  -1.868  1.00 29.78 ? 72  ASN A O   1 
ATOM   558  C CB  . ASN A 1 72  ? -13.707 9.574   -3.998  1.00 33.16 ? 72  ASN A CB  1 
ATOM   559  C CG  . ASN A 1 72  ? -14.567 8.509   -3.301  1.00 42.19 ? 72  ASN A CG  1 
ATOM   560  O OD1 . ASN A 1 72  ? -14.386 7.259   -3.505  1.00 44.86 ? 72  ASN A OD1 1 
ATOM   561  N ND2 . ASN A 1 72  ? -15.542 8.980   -2.473  1.00 43.91 ? 72  ASN A ND2 1 
ATOM   562  N N   . HIS A 1 73  ? -11.895 8.402   -1.550  1.00 30.25 ? 73  HIS A N   1 
ATOM   563  C CA  . HIS A 1 73  ? -11.536 8.445   -0.125  1.00 31.37 ? 73  HIS A CA  1 
ATOM   564  C C   . HIS A 1 73  ? -10.063 8.803   0.063   1.00 29.26 ? 73  HIS A C   1 
ATOM   565  O O   . HIS A 1 73  ? -9.724  9.546   0.982   1.00 30.72 ? 73  HIS A O   1 
ATOM   566  C CB  . HIS A 1 73  ? -11.878 7.133   0.541   1.00 33.88 ? 73  HIS A CB  1 
ATOM   567  C CG  . HIS A 1 73  ? -13.337 6.817   0.540   1.00 38.27 ? 73  HIS A CG  1 
ATOM   568  N ND1 . HIS A 1 73  ? -14.265 7.601   1.177   1.00 40.17 ? 73  HIS A ND1 1 
ATOM   569  C CD2 . HIS A 1 73  ? -14.026 5.793   -0.014  1.00 38.04 ? 73  HIS A CD2 1 
ATOM   570  C CE1 . HIS A 1 73  ? -15.465 7.089   1.001   1.00 41.61 ? 73  HIS A CE1 1 
ATOM   571  N NE2 . HIS A 1 73  ? -15.348 5.991   0.279   1.00 41.06 ? 73  HIS A NE2 1 
ATOM   572  N N   . PHE A 1 74  ? -9.168  8.304   -0.817  1.00 27.73 ? 74  PHE A N   1 
ATOM   573  C CA  . PHE A 1 74  ? -7.770  8.671   -0.767  1.00 25.10 ? 74  PHE A CA  1 
ATOM   574  C C   . PHE A 1 74  ? -7.594  10.123  -1.170  1.00 28.22 ? 74  PHE A C   1 
ATOM   575  O O   . PHE A 1 74  ? -6.830  10.886  -0.543  1.00 26.16 ? 74  PHE A O   1 
ATOM   576  C CB  . PHE A 1 74  ? -6.930  7.746   -1.695  1.00 26.30 ? 74  PHE A CB  1 
ATOM   577  C CG  . PHE A 1 74  ? -5.502  8.166   -1.887  1.00 25.35 ? 74  PHE A CG  1 
ATOM   578  C CD1 . PHE A 1 74  ? -4.532  7.889   -0.912  1.00 26.48 ? 74  PHE A CD1 1 
ATOM   579  C CD2 . PHE A 1 74  ? -5.087  8.797   -3.070  1.00 25.73 ? 74  PHE A CD2 1 
ATOM   580  C CE1 . PHE A 1 74  ? -3.207  8.271   -1.096  1.00 27.77 ? 74  PHE A CE1 1 
ATOM   581  C CE2 . PHE A 1 74  ? -3.777  9.150   -3.253  1.00 25.82 ? 74  PHE A CE2 1 
ATOM   582  C CZ  . PHE A 1 74  ? -2.841  8.901   -2.281  1.00 28.70 ? 74  PHE A CZ  1 
ATOM   583  N N   . LEU A 1 75  ? -8.239  10.506  -2.279  1.00 30.90 ? 75  LEU A N   1 
ATOM   584  C CA  . LEU A 1 75  ? -8.152  11.908  -2.742  1.00 32.79 ? 75  LEU A CA  1 
ATOM   585  C C   . LEU A 1 75  ? -8.590  12.856  -1.633  1.00 28.03 ? 75  LEU A C   1 
ATOM   586  O O   . LEU A 1 75  ? -7.873  13.793  -1.343  1.00 32.76 ? 75  LEU A O   1 
ATOM   587  C CB  . LEU A 1 75  ? -9.030  12.150  -3.992  1.00 35.32 ? 75  LEU A CB  1 
ATOM   588  C CG  . LEU A 1 75  ? -8.643  13.393  -4.808  1.00 46.06 ? 75  LEU A CG  1 
ATOM   589  C CD1 . LEU A 1 75  ? -7.176  13.366  -5.225  1.00 47.52 ? 75  LEU A CD1 1 
ATOM   590  C CD2 . LEU A 1 75  ? -9.540  13.473  -6.029  1.00 48.50 ? 75  LEU A CD2 1 
ATOM   591  N N   . ASN A 1 76  ? -9.720  12.571  -1.014  1.00 30.65 ? 76  ASN A N   1 
ATOM   592  C CA  . ASN A 1 76  ? -10.234 13.398  0.133   1.00 29.86 ? 76  ASN A CA  1 
ATOM   593  C C   . ASN A 1 76  ? -9.190  13.527  1.225   1.00 34.86 ? 76  ASN A C   1 
ATOM   594  O O   . ASN A 1 76  ? -8.901  14.642  1.707   1.00 32.39 ? 76  ASN A O   1 
ATOM   595  C CB  . ASN A 1 76  ? -11.521 12.838  0.708   1.00 31.24 ? 76  ASN A CB  1 
ATOM   596  C CG  . ASN A 1 76  ? -12.697 12.965  -0.246  1.00 31.67 ? 76  ASN A CG  1 
ATOM   597  O OD1 . ASN A 1 76  ? -13.701 12.238  -0.113  1.00 37.54 ? 76  ASN A OD1 1 
ATOM   598  N ND2 . ASN A 1 76  ? -12.575 13.846  -1.211  1.00 30.25 ? 76  ASN A ND2 1 
ATOM   599  N N   . MET A 1 77  ? -8.544  12.410  1.576   1.00 30.66 ? 77  MET A N   1 
ATOM   600  C CA  . MET A 1 77  ? -7.522  12.477  2.624   1.00 30.39 ? 77  MET A CA  1 
ATOM   601  C C   . MET A 1 77  ? -6.341  13.306  2.205   1.00 27.82 ? 77  MET A C   1 
ATOM   602  O O   . MET A 1 77  ? -5.830  14.109  3.028   1.00 32.40 ? 77  MET A O   1 
ATOM   603  C CB  . MET A 1 77  ? -7.093  11.087  3.082   1.00 31.80 ? 77  MET A CB  1 
ATOM   604  C CG  . MET A 1 77  ? -5.995  11.115  4.139   1.00 32.32 ? 77  MET A CG  1 
ATOM   605  S SD  . MET A 1 77  ? -4.383  11.167  3.432   1.00 35.11 ? 77  MET A SD  1 
ATOM   606  C CE  . MET A 1 77  ? -4.288  9.511   2.681   1.00 34.44 ? 77  MET A CE  1 
ATOM   607  N N   . THR A 1 78  ? -5.859  13.149  0.957   1.00 28.22 ? 78  THR A N   1 
ATOM   608  C CA  . THR A 1 78  ? -4.709  13.929  0.501   1.00 29.63 ? 78  THR A CA  1 
ATOM   609  C C   . THR A 1 78  ? -5.029  15.452  0.474   1.00 33.65 ? 78  THR A C   1 
ATOM   610  O O   . THR A 1 78  ? -4.183  16.283  0.813   1.00 36.42 ? 78  THR A O   1 
ATOM   611  C CB  . THR A 1 78  ? -4.180  13.541  -0.878  1.00 34.67 ? 78  THR A CB  1 
ATOM   612  O OG1 . THR A 1 78  ? -5.208  13.706  -1.857  1.00 34.25 ? 78  THR A OG1 1 
ATOM   613  C CG2 . THR A 1 78  ? -3.649  12.086  -0.857  1.00 36.10 ? 78  THR A CG2 1 
ATOM   614  N N   . GLU A 1 79  ? -6.255  15.775  0.110   1.00 35.84 ? 79  GLU A N   1 
ATOM   615  C CA  . GLU A 1 79  ? -6.704  17.186  0.099   1.00 41.55 ? 79  GLU A CA  1 
ATOM   616  C C   . GLU A 1 79  ? -6.734  17.783  1.492   1.00 39.72 ? 79  GLU A C   1 
ATOM   617  O O   . GLU A 1 79  ? -6.203  18.874  1.699   1.00 40.51 ? 79  GLU A O   1 
ATOM   618  C CB  . GLU A 1 79  ? -8.114  17.294  -0.461  1.00 45.03 ? 79  GLU A CB  1 
ATOM   619  C CG  . GLU A 1 79  ? -8.168  17.191  -1.959  1.00 48.48 ? 79  GLU A CG  1 
ATOM   620  C CD  . GLU A 1 79  ? -9.379  17.926  -2.528  1.00 46.91 ? 79  GLU A CD  1 
ATOM   621  O OE1 . GLU A 1 79  ? -9.247  18.318  -3.699  1.00 55.44 ? 79  GLU A OE1 1 
ATOM   622  O OE2 . GLU A 1 79  ? -10.414 18.123  -1.816  1.00 41.98 ? 79  GLU A OE2 1 
ATOM   623  N N   . LYS A 1 80  ? -7.352  17.046  2.424   1.00 39.63 ? 80  LYS A N   1 
ATOM   624  C CA  . LYS A 1 80  ? -7.420  17.417  3.850   1.00 43.56 ? 80  LYS A CA  1 
ATOM   625  C C   . LYS A 1 80  ? -6.044  17.692  4.410   1.00 44.49 ? 80  LYS A C   1 
ATOM   626  O O   . LYS A 1 80  ? -5.877  18.584  5.225   1.00 44.97 ? 80  LYS A O   1 
ATOM   627  C CB  . LYS A 1 80  ? -8.080  16.316  4.697   1.00 49.01 ? 80  LYS A CB  1 
ATOM   628  C CG  . LYS A 1 80  ? -9.264  16.746  5.533   1.00 56.02 ? 80  LYS A CG  1 
ATOM   629  C CD  . LYS A 1 80  ? -9.506  15.756  6.661   1.00 64.52 ? 80  LYS A CD  1 
ATOM   630  C CE  . LYS A 1 80  ? -10.501 16.256  7.704   1.00 74.58 ? 80  LYS A CE  1 
ATOM   631  N NZ  . LYS A 1 80  ? -11.892 15.967  7.249   1.00 81.65 ? 80  LYS A NZ  1 
ATOM   632  N N   . GLN A 1 81  ? -5.051  16.936  3.956   1.00 47.03 ? 81  GLN A N   1 
ATOM   633  C CA  . GLN A 1 81  ? -3.679  17.078  4.419   1.00 43.50 ? 81  GLN A CA  1 
ATOM   634  C C   . GLN A 1 81  ? -2.918  18.106  3.641   1.00 44.71 ? 81  GLN A C   1 
ATOM   635  O O   . GLN A 1 81  ? -1.736  18.343  3.906   1.00 50.29 ? 81  GLN A O   1 
ATOM   636  C CB  . GLN A 1 81  ? -2.972  15.688  4.399   1.00 44.11 ? 81  GLN A CB  1 
ATOM   637  C CG  . GLN A 1 81  ? -3.705  14.702  5.308   1.00 42.01 ? 81  GLN A CG  1 
ATOM   638  C CD  . GLN A 1 81  ? -3.673  15.156  6.762   1.00 47.67 ? 81  GLN A CD  1 
ATOM   639  O OE1 . GLN A 1 81  ? -2.655  15.654  7.214   1.00 43.53 ? 81  GLN A OE1 1 
ATOM   640  N NE2 . GLN A 1 81  ? -4.783  15.023  7.475   1.00 42.08 ? 81  GLN A NE2 1 
ATOM   641  N N   . GLY A 1 82  ? -3.558  18.753  2.679   1.00 45.78 ? 82  GLY A N   1 
ATOM   642  C CA  . GLY A 1 82  ? -2.892  19.791  1.934   1.00 48.93 ? 82  GLY A CA  1 
ATOM   643  C C   . GLY A 1 82  ? -1.670  19.273  1.217   1.00 55.48 ? 82  GLY A C   1 
ATOM   644  O O   . GLY A 1 82  ? -0.615  19.904  1.250   1.00 56.74 ? 82  GLY A O   1 
ATOM   645  N N   . CYS A 1 83  ? -1.823  18.121  0.565   1.00 55.82 ? 83  CYS A N   1 
ATOM   646  C CA  . CYS A 1 83  ? -0.687  17.381  0.056   1.00 63.64 ? 83  CYS A CA  1 
ATOM   647  C C   . CYS A 1 83  ? -1.059  16.730  -1.258  1.00 67.09 ? 83  CYS A C   1 
ATOM   648  O O   . CYS A 1 83  ? -1.077  15.512  -1.369  1.00 71.41 ? 83  CYS A O   1 
ATOM   649  C CB  . CYS A 1 83  ? -0.228  16.349  1.097   1.00 67.29 ? 83  CYS A CB  1 
ATOM   650  S SG  . CYS A 1 83  ? 1.554   16.104  1.127   1.00 75.08 ? 83  CYS A SG  1 
ATOM   651  N N   . SER A 1 84  ? -1.360  17.579  -2.239  1.00 69.13 ? 84  SER A N   1 
ATOM   652  C CA  . SER A 1 84  ? -1.703  17.161  -3.597  1.00 75.35 ? 84  SER A CA  1 
ATOM   653  C C   . SER A 1 84  ? -0.718  16.144  -4.173  1.00 71.93 ? 84  SER A C   1 
ATOM   654  O O   . SER A 1 84  ? 0.475   16.424  -4.381  1.00 70.13 ? 84  SER A O   1 
ATOM   655  C CB  . SER A 1 84  ? -1.789  18.356  -4.549  1.00 73.71 ? 84  SER A CB  1 
ATOM   656  O OG  . SER A 1 84  ? -1.784  17.899  -5.888  1.00 74.15 ? 84  SER A OG  1 
ATOM   657  N N   . VAL A 1 85  ? -1.239  14.962  -4.443  1.00 68.07 ? 85  VAL A N   1 
ATOM   658  C CA  . VAL A 1 85  ? -0.396  13.852  -4.839  1.00 63.90 ? 85  VAL A CA  1 
ATOM   659  C C   . VAL A 1 85  ? 0.125   13.993  -6.277  1.00 52.48 ? 85  VAL A C   1 
ATOM   660  O O   . VAL A 1 85  ? 1.244   13.605  -6.530  1.00 42.08 ? 85  VAL A O   1 
ATOM   661  C CB  . VAL A 1 85  ? -1.108  12.509  -4.579  1.00 65.36 ? 85  VAL A CB  1 
ATOM   662  C CG1 . VAL A 1 85  ? -2.179  12.239  -5.621  1.00 68.47 ? 85  VAL A CG1 1 
ATOM   663  C CG2 . VAL A 1 85  ? -0.085  11.391  -4.500  1.00 65.06 ? 85  VAL A CG2 1 
ATOM   664  N N   . GLN A 1 86  ? -0.663  14.596  -7.179  1.00 56.62 ? 86  GLN A N   1 
ATOM   665  C CA  . GLN A 1 86  ? -0.222  14.881  -8.569  1.00 61.27 ? 86  GLN A CA  1 
ATOM   666  C C   . GLN A 1 86  ? 1.047   15.688  -8.619  1.00 58.02 ? 86  GLN A C   1 
ATOM   667  O O   . GLN A 1 86  ? 1.872   15.451  -9.487  1.00 66.03 ? 86  GLN A O   1 
ATOM   668  C CB  . GLN A 1 86  ? -1.245  15.670  -9.415  1.00 68.76 ? 86  GLN A CB  1 
ATOM   669  C CG  . GLN A 1 86  ? -2.649  15.118  -9.524  1.00 68.75 ? 86  GLN A CG  1 
ATOM   670  C CD  . GLN A 1 86  ? -3.668  16.035  -8.873  1.00 74.34 ? 86  GLN A CD  1 
ATOM   671  O OE1 . GLN A 1 86  ? -4.585  16.521  -9.534  1.00 75.69 ? 86  GLN A OE1 1 
ATOM   672  N NE2 . GLN A 1 86  ? -3.501  16.296  -7.578  1.00 67.14 ? 86  GLN A NE2 1 
ATOM   673  N N   . ARG A 1 87  ? 1.207   16.655  -7.721  1.00 60.68 ? 87  ARG A N   1 
ATOM   674  C CA  . ARG A 1 87  ? 2.420   17.498  -7.758  1.00 68.32 ? 87  ARG A CA  1 
ATOM   675  C C   . ARG A 1 87  ? 3.662   16.907  -7.053  1.00 64.56 ? 87  ARG A C   1 
ATOM   676  O O   . ARG A 1 87  ? 4.737   17.508  -7.133  1.00 68.26 ? 87  ARG A O   1 
ATOM   677  C CB  . ARG A 1 87  ? 2.153   18.970  -7.312  1.00 76.43 ? 87  ARG A CB  1 
ATOM   678  C CG  . ARG A 1 87  ? 1.354   19.194  -6.025  1.00 78.88 ? 87  ARG A CG  1 
ATOM   679  C CD  . ARG A 1 87  ? 1.774   20.443  -5.240  1.00 82.62 ? 87  ARG A CD  1 
ATOM   680  N NE  . ARG A 1 87  ? 2.746   20.119  -4.179  1.00 81.30 ? 87  ARG A NE  1 
ATOM   681  C CZ  . ARG A 1 87  ? 2.455   19.618  -2.968  1.00 79.42 ? 87  ARG A CZ  1 
ATOM   682  N NH1 . ARG A 1 87  ? 1.204   19.365  -2.595  1.00 72.88 ? 87  ARG A NH1 1 
ATOM   683  N NH2 . ARG A 1 87  ? 3.440   19.358  -2.108  1.00 78.26 ? 87  ARG A NH2 1 
ATOM   684  N N   . LEU A 1 88  ? 3.560   15.745  -6.396  1.00 57.10 ? 88  LEU A N   1 
ATOM   685  C CA  . LEU A 1 88  ? 4.740   15.150  -5.744  1.00 53.65 ? 88  LEU A CA  1 
ATOM   686  C C   . LEU A 1 88  ? 5.401   14.256  -6.743  1.00 52.10 ? 88  LEU A C   1 
ATOM   687  O O   . LEU A 1 88  ? 4.789   13.294  -7.186  1.00 50.69 ? 88  LEU A O   1 
ATOM   688  C CB  . LEU A 1 88  ? 4.346   14.364  -4.513  1.00 54.33 ? 88  LEU A CB  1 
ATOM   689  C CG  . LEU A 1 88  ? 3.855   15.264  -3.379  1.00 59.21 ? 88  LEU A CG  1 
ATOM   690  C CD1 . LEU A 1 88  ? 2.814   14.548  -2.529  1.00 62.15 ? 88  LEU A CD1 1 
ATOM   691  C CD2 . LEU A 1 88  ? 5.037   15.725  -2.535  1.00 59.55 ? 88  LEU A CD2 1 
ATOM   692  N N   . ARG A 1 89  ? 6.653   14.574  -7.072  1.00 47.72 ? 89  ARG A N   1 
ATOM   693  C CA  . ARG A 1 89  ? 7.313   14.080  -8.278  1.00 52.24 ? 89  ARG A CA  1 
ATOM   694  C C   . ARG A 1 89  ? 7.783   12.620  -8.209  1.00 48.77 ? 89  ARG A C   1 
ATOM   695  O O   . ARG A 1 89  ? 7.945   11.955  -9.266  1.00 47.99 ? 89  ARG A O   1 
ATOM   696  C CB  . ARG A 1 89  ? 8.520   14.987  -8.622  1.00 53.28 ? 89  ARG A CB  1 
ATOM   697  N N   . ASN A 1 90  ? 8.056   12.128  -7.007  1.00 41.89 ? 90  ASN A N   1 
ATOM   698  C CA  . ASN A 1 90  ? 8.479   10.727  -6.871  1.00 40.59 ? 90  ASN A CA  1 
ATOM   699  C C   . ASN A 1 90  ? 7.325   9.743   -6.632  1.00 41.41 ? 90  ASN A C   1 
ATOM   700  O O   . ASN A 1 90  ? 7.603   8.566   -6.476  1.00 38.44 ? 90  ASN A O   1 
ATOM   701  C CB  . ASN A 1 90  ? 9.560   10.550  -5.794  1.00 41.21 ? 90  ASN A CB  1 
ATOM   702  C CG  . ASN A 1 90  ? 10.900  11.140  -6.206  1.00 45.24 ? 90  ASN A CG  1 
ATOM   703  O OD1 . ASN A 1 90  ? 11.347  11.019  -7.356  1.00 45.73 ? 90  ASN A OD1 1 
ATOM   704  N ND2 . ASN A 1 90  ? 11.561  11.759  -5.255  1.00 45.79 ? 90  ASN A ND2 1 
ATOM   705  N N   . ILE A 1 91  ? 6.069   10.196  -6.684  1.00 35.51 ? 91  ILE A N   1 
ATOM   706  C CA  . ILE A 1 91  ? 4.940   9.330   -6.451  1.00 36.26 ? 91  ILE A CA  1 
ATOM   707  C C   . ILE A 1 91  ? 4.059   9.256   -7.695  1.00 38.96 ? 91  ILE A C   1 
ATOM   708  O O   . ILE A 1 91  ? 3.681   10.292  -8.227  1.00 40.40 ? 91  ILE A O   1 
ATOM   709  C CB  . ILE A 1 91  ? 4.075   9.834   -5.294  1.00 35.68 ? 91  ILE A CB  1 
ATOM   710  C CG1 . ILE A 1 91  ? 4.923   9.975   -4.030  1.00 32.04 ? 91  ILE A CG1 1 
ATOM   711  C CG2 . ILE A 1 91  ? 2.880   8.908   -4.993  1.00 34.30 ? 91  ILE A CG2 1 
ATOM   712  C CD1 . ILE A 1 91  ? 4.177   10.487  -2.834  1.00 32.72 ? 91  ILE A CD1 1 
ATOM   713  N N   . ARG A 1 92  ? 3.758   8.051   -8.181  0.50 36.01 ? 92  ARG A N   1 
ATOM   714  C CA  . ARG A 1 92  ? 2.659   7.895   -9.143  0.50 35.06 ? 92  ARG A CA  1 
ATOM   715  C C   . ARG A 1 92  ? 1.533   7.048   -8.582  0.50 30.37 ? 92  ARG A C   1 
ATOM   716  O O   . ARG A 1 92  ? 1.754   5.946   -8.046  0.50 31.69 ? 92  ARG A O   1 
ATOM   717  C CB  . ARG A 1 92  ? 3.112   7.347   -10.493 0.50 38.99 ? 92  ARG A CB  1 
ATOM   718  C CG  . ARG A 1 92  ? 4.298   6.421   -10.475 0.50 44.17 ? 92  ARG A CG  1 
ATOM   719  C CD  . ARG A 1 92  ? 5.619   7.104   -10.823 0.50 48.89 ? 92  ARG A CD  1 
ATOM   720  N NE  . ARG A 1 92  ? 6.493   7.265   -9.653  0.50 51.57 ? 92  ARG A NE  1 
ATOM   721  C CZ  . ARG A 1 92  ? 7.806   7.064   -9.674  0.50 51.24 ? 92  ARG A CZ  1 
ATOM   722  N NH1 . ARG A 1 92  ? 8.521   7.258   -8.588  0.50 55.92 ? 92  ARG A NH1 1 
ATOM   723  N NH2 . ARG A 1 92  ? 8.420   6.704   -10.792 0.50 52.47 ? 92  ARG A NH2 1 
ATOM   724  N N   . VAL A 1 93  ? 0.323   7.559   -8.747  1.00 27.03 ? 93  VAL A N   1 
ATOM   725  C CA  . VAL A 1 93  ? -0.864  6.935   -8.265  1.00 25.91 ? 93  VAL A CA  1 
ATOM   726  C C   . VAL A 1 93  ? -1.767  6.625   -9.461  1.00 31.77 ? 93  VAL A C   1 
ATOM   727  O O   . VAL A 1 93  ? -2.122  7.518   -10.234 1.00 28.64 ? 93  VAL A O   1 
ATOM   728  C CB  . VAL A 1 93  ? -1.611  7.782   -7.253  1.00 30.19 ? 93  VAL A CB  1 
ATOM   729  C CG1 . VAL A 1 93  ? -2.775  7.004   -6.647  1.00 28.70 ? 93  VAL A CG1 1 
ATOM   730  C CG2 . VAL A 1 93  ? -0.644  8.299   -6.180  1.00 30.83 ? 93  VAL A CG2 1 
ATOM   731  N N   . ARG A 1 94  ? -2.167  5.353   -9.566  1.00 27.01 ? 94  ARG A N   1 
ATOM   732  C CA  . ARG A 1 94  ? -3.100  4.886   -10.620 1.00 25.46 ? 94  ARG A CA  1 
ATOM   733  C C   . ARG A 1 94  ? -4.136  3.983   -10.006 1.00 26.04 ? 94  ARG A C   1 
ATOM   734  O O   . ARG A 1 94  ? -3.994  3.550   -8.841  1.00 25.60 ? 94  ARG A O   1 
ATOM   735  C CB  . ARG A 1 94  ? -2.325  4.217   -11.745 1.00 25.03 ? 94  ARG A CB  1 
ATOM   736  C CG  . ARG A 1 94  ? -1.278  5.117   -12.407 1.00 27.31 ? 94  ARG A CG  1 
ATOM   737  C CD  . ARG A 1 94  ? -0.454  4.381   -13.432 1.00 29.57 ? 94  ARG A CD  1 
ATOM   738  N NE  . ARG A 1 94  ? -1.281  3.955   -14.569 1.00 30.71 ? 94  ARG A NE  1 
ATOM   739  C CZ  . ARG A 1 94  ? -1.376  4.573   -15.752 1.00 34.48 ? 94  ARG A CZ  1 
ATOM   740  N NH1 . ARG A 1 94  ? -0.704  5.707   -15.993 1.00 33.42 ? 94  ARG A NH1 1 
ATOM   741  N NH2 . ARG A 1 94  ? -2.165  4.048   -16.709 1.00 31.90 ? 94  ARG A NH2 1 
ATOM   742  N N   . THR A 1 95  ? -5.284  3.843   -10.682 1.00 26.77 ? 95  THR A N   1 
ATOM   743  C CA  . THR A 1 95  ? -6.387  3.086   -10.160 1.00 26.63 ? 95  THR A CA  1 
ATOM   744  C C   . THR A 1 95  ? -6.556  1.758   -10.941 1.00 25.64 ? 95  THR A C   1 
ATOM   745  O O   . THR A 1 95  ? -6.191  1.670   -12.110 1.00 25.38 ? 95  THR A O   1 
ATOM   746  C CB  . THR A 1 95  ? -7.742  3.842   -10.221 1.00 31.71 ? 95  THR A CB  1 
ATOM   747  O OG1 . THR A 1 95  ? -8.043  4.187   -11.588 1.00 30.60 ? 95  THR A OG1 1 
ATOM   748  C CG2 . THR A 1 95  ? -7.746  5.083   -9.344  1.00 30.66 ? 95  THR A CG2 1 
ATOM   749  N N   . VAL A 1 96  ? -7.191  0.787   -10.276 1.00 23.07 ? 96  VAL A N   1 
ATOM   750  C CA  . VAL A 1 96  ? -7.439  -0.533  -10.857 1.00 24.05 ? 96  VAL A CA  1 
ATOM   751  C C   . VAL A 1 96  ? -8.839  -0.922  -10.524 1.00 24.85 ? 96  VAL A C   1 
ATOM   752  O O   . VAL A 1 96  ? -9.305  -0.637  -9.428  1.00 24.38 ? 96  VAL A O   1 
ATOM   753  C CB  . VAL A 1 96  ? -6.439  -1.605  -10.293 1.00 26.92 ? 96  VAL A CB  1 
ATOM   754  C CG1 . VAL A 1 96  ? -6.697  -2.933  -10.939 1.00 29.37 ? 96  VAL A CG1 1 
ATOM   755  C CG2 . VAL A 1 96  ? -4.983  -1.208  -10.503 1.00 30.51 ? 96  VAL A CG2 1 
ATOM   756  N N   . LYS A 1 97  ? -9.567  -1.507  -11.473 1.00 27.94 ? 97  LYS A N   1 
ATOM   757  C CA  . LYS A 1 97  ? -10.885 -2.055  -11.156 1.00 33.47 ? 97  LYS A CA  1 
ATOM   758  C C   . LYS A 1 97  ? -11.064 -3.457  -11.705 1.00 34.19 ? 97  LYS A C   1 
ATOM   759  O O   . LYS A 1 97  ? -10.302 -3.875  -12.593 1.00 34.14 ? 97  LYS A O   1 
ATOM   760  C CB  . LYS A 1 97  ? -11.979 -1.159  -11.700 1.00 42.18 ? 97  LYS A CB  1 
ATOM   761  C CG  . LYS A 1 97  ? -11.973 -0.979  -13.195 1.00 46.05 ? 97  LYS A CG  1 
ATOM   762  C CD  . LYS A 1 97  ? -13.283 -0.313  -13.648 1.00 57.22 ? 97  LYS A CD  1 
ATOM   763  C CE  . LYS A 1 97  ? -13.657 -0.762  -15.058 1.00 68.55 ? 97  LYS A CE  1 
ATOM   764  N NZ  . LYS A 1 97  ? -14.331 -2.102  -15.105 1.00 72.08 ? 97  LYS A NZ  1 
ATOM   765  N N   . GLY A 1 98  ? -12.126 -4.130  -11.241 1.00 30.61 ? 98  GLY A N   1 
ATOM   766  C CA  . GLY A 1 98  ? -12.562 -5.445  -11.786 1.00 33.32 ? 98  GLY A CA  1 
ATOM   767  C C   . GLY A 1 98  ? -13.614 -5.247  -12.894 1.00 41.52 ? 98  GLY A C   1 
ATOM   768  O O   . GLY A 1 98  ? -13.722 -4.124  -13.440 1.00 36.11 ? 98  GLY A O   1 
ATOM   769  N N   . GLN A 1 99  ? -14.418 -6.285  -13.181 1.00 43.08 ? 99  GLN A N   1 
ATOM   770  C CA  . GLN A 1 99  ? -15.530 -6.205  -14.179 1.00 41.84 ? 99  GLN A CA  1 
ATOM   771  C C   . GLN A 1 99  ? -16.785 -5.758  -13.440 1.00 50.56 ? 99  GLN A C   1 
ATOM   772  O O   . GLN A 1 99  ? -17.187 -6.424  -12.481 1.00 43.71 ? 99  GLN A O   1 
ATOM   773  C CB  . GLN A 1 99  ? -15.800 -7.560  -14.873 1.00 46.27 ? 99  GLN A CB  1 
ATOM   774  C CG  . GLN A 1 99  ? -14.664 -8.191  -15.711 1.00 49.04 ? 99  GLN A CG  1 
ATOM   775  C CD  . GLN A 1 99  ? -15.038 -9.486  -16.499 1.00 45.40 ? 99  GLN A CD  1 
ATOM   776  O OE1 . GLN A 1 99  ? -16.195 -9.710  -16.860 1.00 46.03 ? 99  GLN A OE1 1 
ATOM   777  N NE2 . GLN A 1 99  ? -14.038 -10.335 -16.769 1.00 41.20 ? 99  GLN A NE2 1 
ATOM   778  N N   . ASP A 1 100 ? -17.453 -4.686  -13.888 1.00 59.91 ? 100 ASP A N   1 
ATOM   779  C CA  . ASP A 1 100 ? -18.770 -4.255  -13.285 1.00 62.70 ? 100 ASP A CA  1 
ATOM   780  C C   . ASP A 1 100 ? -19.977 -5.088  -13.732 1.00 63.49 ? 100 ASP A C   1 
ATOM   781  O O   . ASP A 1 100 ? -19.877 -5.873  -14.711 1.00 52.77 ? 100 ASP A O   1 
ATOM   782  C CB  . ASP A 1 100 ? -19.086 -2.800  -13.594 1.00 64.38 ? 100 ASP A CB  1 
ATOM   783  C CG  . ASP A 1 100 ? -17.903 -1.911  -13.398 1.00 68.41 ? 100 ASP A CG  1 
ATOM   784  O OD1 . ASP A 1 100 ? -17.374 -1.873  -12.252 1.00 60.74 ? 100 ASP A OD1 1 
ATOM   785  O OD2 . ASP A 1 100 ? -17.491 -1.297  -14.418 1.00 67.83 ? 100 ASP A OD2 1 
ATOM   786  N N   . TYR A 1 101 ? -21.087 -4.944  -12.978 1.00 64.22 ? 101 TYR A N   1 
ATOM   787  C CA  . TYR A 1 101 ? -22.369 -5.665  -13.237 1.00 68.16 ? 101 TYR A CA  1 
ATOM   788  C C   . TYR A 1 101 ? -23.624 -4.905  -12.776 1.00 64.51 ? 101 TYR A C   1 
ATOM   789  O O   . TYR A 1 101 ? -23.581 -4.091  -11.847 1.00 57.86 ? 101 TYR A O   1 
ATOM   790  C CB  . TYR A 1 101 ? -22.367 -7.062  -12.599 1.00 72.11 ? 101 TYR A CB  1 
ATOM   791  C CG  . TYR A 1 101 ? -21.466 -8.049  -13.313 1.00 86.96 ? 101 TYR A CG  1 
ATOM   792  C CD1 . TYR A 1 101 ? -21.946 -8.865  -14.352 1.00 83.35 ? 101 TYR A CD1 1 
ATOM   793  C CD2 . TYR A 1 101 ? -20.117 -8.157  -12.964 1.00 89.39 ? 101 TYR A CD2 1 
ATOM   794  C CE1 . TYR A 1 101 ? -21.106 -9.763  -15.002 1.00 81.03 ? 101 TYR A CE1 1 
ATOM   795  C CE2 . TYR A 1 101 ? -19.272 -9.035  -13.618 1.00 88.48 ? 101 TYR A CE2 1 
ATOM   796  C CZ  . TYR A 1 101 ? -19.767 -9.841  -14.631 1.00 87.25 ? 101 TYR A CZ  1 
ATOM   797  O OH  . TYR A 1 101 ? -18.903 -10.715 -15.256 1.00 88.27 ? 101 TYR A OH  1 
ATOM   798  N N   . PHE A 1 109 ? -23.315 -1.884  -9.649  1.00 75.29 ? 109 PHE A N   1 
ATOM   799  C CA  . PHE A 1 109 ? -22.355 -2.520  -8.717  1.00 75.06 ? 109 PHE A CA  1 
ATOM   800  C C   . PHE A 1 109 ? -20.930 -2.665  -9.341  1.00 67.92 ? 109 PHE A C   1 
ATOM   801  O O   . PHE A 1 109 ? -20.717 -3.307  -10.401 1.00 50.94 ? 109 PHE A O   1 
ATOM   802  C CB  . PHE A 1 109 ? -22.959 -3.825  -8.151  1.00 80.73 ? 109 PHE A CB  1 
ATOM   803  C CG  . PHE A 1 109 ? -21.997 -4.985  -8.049  1.00 93.41 ? 109 PHE A CG  1 
ATOM   804  C CD1 . PHE A 1 109 ? -21.227 -5.191  -6.896  1.00 95.44 ? 109 PHE A CD1 1 
ATOM   805  C CD2 . PHE A 1 109 ? -21.897 -5.915  -9.099  1.00 99.59 ? 109 PHE A CD2 1 
ATOM   806  C CE1 . PHE A 1 109 ? -20.360 -6.276  -6.810  1.00 91.48 ? 109 PHE A CE1 1 
ATOM   807  C CE2 . PHE A 1 109 ? -21.032 -6.998  -9.014  1.00 92.19 ? 109 PHE A CE2 1 
ATOM   808  C CZ  . PHE A 1 109 ? -20.265 -7.176  -7.872  1.00 91.40 ? 109 PHE A CZ  1 
ATOM   809  N N   . HIS A 1 110 ? -19.957 -2.035  -8.683  1.00 63.33 ? 110 HIS A N   1 
ATOM   810  C CA  . HIS A 1 110 ? -18.583 -1.922  -9.230  1.00 62.88 ? 110 HIS A CA  1 
ATOM   811  C C   . HIS A 1 110 ? -17.775 -3.204  -8.988  1.00 50.49 ? 110 HIS A C   1 
ATOM   812  O O   . HIS A 1 110 ? -17.777 -3.716  -7.864  1.00 50.09 ? 110 HIS A O   1 
ATOM   813  C CB  . HIS A 1 110 ? -17.848 -0.746  -8.574  1.00 70.10 ? 110 HIS A CB  1 
ATOM   814  C CG  . HIS A 1 110 ? -18.595 0.550   -8.641  1.00 73.85 ? 110 HIS A CG  1 
ATOM   815  N ND1 . HIS A 1 110 ? -19.092 1.177   -7.519  1.00 72.52 ? 110 HIS A ND1 1 
ATOM   816  C CD2 . HIS A 1 110 ? -18.942 1.327   -9.699  1.00 75.87 ? 110 HIS A CD2 1 
ATOM   817  C CE1 . HIS A 1 110 ? -19.705 2.291   -7.880  1.00 82.54 ? 110 HIS A CE1 1 
ATOM   818  N NE2 . HIS A 1 110 ? -19.631 2.403   -9.197  1.00 80.57 ? 110 HIS A NE2 1 
ATOM   819  N N   . GLY A 1 111 ? -17.114 -3.726  -10.019 1.00 46.19 ? 111 GLY A N   1 
ATOM   820  C CA  . GLY A 1 111 ? -16.087 -4.775  -9.818  1.00 38.36 ? 111 GLY A CA  1 
ATOM   821  C C   . GLY A 1 111 ? -14.831 -4.138  -9.239  1.00 32.94 ? 111 GLY A C   1 
ATOM   822  O O   . GLY A 1 111 ? -14.396 -3.079  -9.703  1.00 32.69 ? 111 GLY A O   1 
ATOM   823  N N   . LYS A 1 112 ? -14.202 -4.778  -8.250  1.00 29.11 ? 112 LYS A N   1 
ATOM   824  C CA  . LYS A 1 112 ? -13.143 -4.130  -7.468  1.00 27.39 ? 112 LYS A CA  1 
ATOM   825  C C   . LYS A 1 112 ? -11.810 -4.899  -7.558  1.00 24.65 ? 112 LYS A C   1 
ATOM   826  O O   . LYS A 1 112 ? -11.775 -6.084  -7.875  1.00 23.71 ? 112 LYS A O   1 
ATOM   827  C CB  . LYS A 1 112 ? -13.556 -4.065  -5.992  1.00 29.50 ? 112 LYS A CB  1 
ATOM   828  C CG  . LYS A 1 112 ? -14.734 -3.124  -5.774  1.00 34.75 ? 112 LYS A CG  1 
ATOM   829  C CD  . LYS A 1 112 ? -15.073 -2.977  -4.284  1.00 41.11 ? 112 LYS A CD  1 
ATOM   830  C CE  . LYS A 1 112 ? -16.310 -2.097  -4.155  1.00 54.02 ? 112 LYS A CE  1 
ATOM   831  N NZ  . LYS A 1 112 ? -16.261 -1.151  -2.999  1.00 63.07 ? 112 LYS A NZ  1 
ATOM   832  N N   . MET A 1 113 ? -10.746 -4.167  -7.332  1.00 22.65 ? 113 MET A N   1 
ATOM   833  C CA  . MET A 1 113 ? -9.434  -4.783  -7.042  1.00 22.36 ? 113 MET A CA  1 
ATOM   834  C C   . MET A 1 113 ? -9.403  -5.104  -5.527  1.00 23.19 ? 113 MET A C   1 
ATOM   835  O O   . MET A 1 113 ? -9.238  -4.233  -4.702  1.00 26.60 ? 113 MET A O   1 
ATOM   836  C CB  . MET A 1 113 ? -8.291  -3.860  -7.412  1.00 25.70 ? 113 MET A CB  1 
ATOM   837  C CG  . MET A 1 113 ? -6.937  -4.500  -7.160  1.00 27.51 ? 113 MET A CG  1 
ATOM   838  S SD  . MET A 1 113 ? -5.535  -3.415  -7.242  1.00 32.32 ? 113 MET A SD  1 
ATOM   839  C CE  . MET A 1 113 ? -5.850  -2.247  -5.906  1.00 36.60 ? 113 MET A CE  1 
ATOM   840  N N   . GLU A 1 114 ? -9.559  -6.376  -5.207  1.00 23.51 ? 114 GLU A N   1 
ATOM   841  C CA  . GLU A 1 114 ? -9.573  -6.901  -3.851  1.00 26.29 ? 114 GLU A CA  1 
ATOM   842  C C   . GLU A 1 114 ? -8.214  -7.616  -3.682  1.00 34.19 ? 114 GLU A C   1 
ATOM   843  O O   . GLU A 1 114 ? -8.112  -8.852  -3.758  1.00 42.22 ? 114 GLU A O   1 
ATOM   844  C CB  . GLU A 1 114 ? -10.675 -7.907  -3.749  1.00 29.31 ? 114 GLU A CB  1 
ATOM   845  C CG  . GLU A 1 114 ? -12.032 -7.247  -3.872  1.00 33.20 ? 114 GLU A CG  1 
ATOM   846  C CD  . GLU A 1 114 ? -12.489 -6.581  -2.589  1.00 38.55 ? 114 GLU A CD  1 
ATOM   847  O OE1 . GLU A 1 114 ? -11.982 -6.916  -1.508  1.00 45.79 ? 114 GLU A OE1 1 
ATOM   848  O OE2 . GLU A 1 114 ? -13.376 -5.737  -2.656  1.00 42.82 ? 114 GLU A OE2 1 
ATOM   849  N N   . GLN A 1 115 ? -7.181  -6.830  -3.608  1.00 32.39 ? 115 GLN A N   1 
ATOM   850  C CA  . GLN A 1 115 ? -5.824  -7.311  -3.404  1.00 32.81 ? 115 GLN A CA  1 
ATOM   851  C C   . GLN A 1 115 ? -5.204  -6.216  -2.637  1.00 31.40 ? 115 GLN A C   1 
ATOM   852  O O   . GLN A 1 115 ? -5.458  -5.035  -2.923  1.00 29.47 ? 115 GLN A O   1 
ATOM   853  C CB  . GLN A 1 115 ? -5.001  -7.369  -4.707  1.00 38.86 ? 115 GLN A CB  1 
ATOM   854  C CG  . GLN A 1 115 ? -5.541  -8.307  -5.747  1.00 51.65 ? 115 GLN A CG  1 
ATOM   855  C CD  . GLN A 1 115 ? -4.450  -8.931  -6.580  1.00 59.97 ? 115 GLN A CD  1 
ATOM   856  O OE1 . GLN A 1 115 ? -4.691  -9.310  -7.749  1.00 59.56 ? 115 GLN A OE1 1 
ATOM   857  N NE2 . GLN A 1 115 ? -3.229  -9.085  -5.970  1.00 60.07 ? 115 GLN A NE2 1 
ATOM   858  N N   . LYS A 1 116 ? -4.381  -6.562  -1.672  1.00 29.40 ? 116 LYS A N   1 
ATOM   859  C CA  . LYS A 1 116 ? -3.507  -5.558  -1.112  1.00 29.67 ? 116 LYS A CA  1 
ATOM   860  C C   . LYS A 1 116 ? -2.234  -6.093  -0.591  1.00 26.10 ? 116 LYS A C   1 
ATOM   861  O O   . LYS A 1 116 ? -2.172  -7.164  -0.004  1.00 26.79 ? 116 LYS A O   1 
ATOM   862  C CB  . LYS A 1 116 ? -4.192  -4.766  -0.016  1.00 34.09 ? 116 LYS A CB  1 
ATOM   863  C CG  . LYS A 1 116 ? -4.883  -5.580  0.965   1.00 32.85 ? 116 LYS A CG  1 
ATOM   864  C CD  . LYS A 1 116 ? -5.839  -4.704  1.709   1.00 36.02 ? 116 LYS A CD  1 
ATOM   865  C CE  . LYS A 1 116 ? -6.542  -5.488  2.772   1.00 31.74 ? 116 LYS A CE  1 
ATOM   866  N NZ  . LYS A 1 116 ? -7.763  -6.042  2.208   1.00 32.36 ? 116 LYS A NZ  1 
ATOM   867  N N   . PHE A 1 117 ? -1.206  -5.301  -0.785  1.00 22.31 ? 117 PHE A N   1 
ATOM   868  C CA  . PHE A 1 117 ? 0.113   -5.646  -0.365  1.00 22.22 ? 117 PHE A CA  1 
ATOM   869  C C   . PHE A 1 117 ? 1.024   -4.460  -0.498  1.00 21.01 ? 117 PHE A C   1 
ATOM   870  O O   . PHE A 1 117 ? 0.778   -3.547  -1.314  1.00 22.47 ? 117 PHE A O   1 
ATOM   871  C CB  . PHE A 1 117 ? 0.689   -6.897  -1.030  1.00 20.60 ? 117 PHE A CB  1 
ATOM   872  C CG  . PHE A 1 117 ? 0.903   -6.815  -2.508  1.00 20.08 ? 117 PHE A CG  1 
ATOM   873  C CD1 . PHE A 1 117 ? 2.100   -6.315  -3.012  1.00 22.37 ? 117 PHE A CD1 1 
ATOM   874  C CD2 . PHE A 1 117 ? -0.041  -7.321  -3.388  1.00 23.00 ? 117 PHE A CD2 1 
ATOM   875  C CE1 . PHE A 1 117 ? 2.315   -6.270  -4.387  1.00 25.43 ? 117 PHE A CE1 1 
ATOM   876  C CE2 . PHE A 1 117 ? 0.155   -7.315  -4.774  1.00 22.62 ? 117 PHE A CE2 1 
ATOM   877  C CZ  . PHE A 1 117 ? 1.354   -6.793  -5.282  1.00 24.51 ? 117 PHE A CZ  1 
ATOM   878  N N   . LEU A 1 118 ? 2.097   -4.501  0.307   1.00 19.12 ? 118 LEU A N   1 
ATOM   879  C CA  . LEU A 1 118 ? 3.145   -3.500  0.314   1.00 19.88 ? 118 LEU A CA  1 
ATOM   880  C C   . LEU A 1 118 ? 4.473   -4.202  -0.015  1.00 23.42 ? 118 LEU A C   1 
ATOM   881  O O   . LEU A 1 118 ? 4.849   -5.129  0.665   1.00 24.40 ? 118 LEU A O   1 
ATOM   882  C CB  . LEU A 1 118 ? 3.249   -2.883  1.711   1.00 21.20 ? 118 LEU A CB  1 
ATOM   883  C CG  . LEU A 1 118 ? 4.476   -1.969  1.998   1.00 20.88 ? 118 LEU A CG  1 
ATOM   884  C CD1 . LEU A 1 118 ? 4.415   -0.801  1.022   1.00 24.46 ? 118 LEU A CD1 1 
ATOM   885  C CD2 . LEU A 1 118 ? 4.465   -1.436  3.417   1.00 23.46 ? 118 LEU A CD2 1 
ATOM   886  N N   . LEU A 1 119 ? 5.189   -3.698  -0.991  0.73 21.13 ? 119 LEU A N   1 
ATOM   887  C CA  . LEU A 1 119 ? 6.438   -4.283  -1.383  0.73 22.19 ? 119 LEU A CA  1 
ATOM   888  C C   . LEU A 1 119 ? 7.433   -3.142  -1.309  0.73 24.09 ? 119 LEU A C   1 
ATOM   889  O O   . LEU A 1 119 ? 7.200   -2.073  -1.837  0.73 22.45 ? 119 LEU A O   1 
ATOM   890  C CB  . LEU A 1 119 ? 6.375   -4.846  -2.799  0.73 23.46 ? 119 LEU A CB  1 
ATOM   891  C CG  . LEU A 1 119 ? 7.709   -5.436  -3.317  0.73 25.56 ? 119 LEU A CG  1 
ATOM   892  C CD1 . LEU A 1 119 ? 7.420   -6.400  -4.453  0.73 25.76 ? 119 LEU A CD1 1 
ATOM   893  C CD2 . LEU A 1 119 ? 8.727   -4.399  -3.777  0.73 25.80 ? 119 LEU A CD2 1 
ATOM   894  N N   . VAL A 1 120 ? 8.512   -3.402  -0.612  1.00 24.48 ? 120 VAL A N   1 
ATOM   895  C CA  . VAL A 1 120 ? 9.588   -2.415  -0.427  1.00 24.53 ? 120 VAL A CA  1 
ATOM   896  C C   . VAL A 1 120 ? 10.929  -2.965  -0.948  1.00 28.17 ? 120 VAL A C   1 
ATOM   897  O O   . VAL A 1 120 ? 11.372  -4.017  -0.518  1.00 24.80 ? 120 VAL A O   1 
ATOM   898  C CB  . VAL A 1 120 ? 9.706   -2.041  1.032   1.00 26.23 ? 120 VAL A CB  1 
ATOM   899  C CG1 . VAL A 1 120 ? 10.870  -1.058  1.232   1.00 30.65 ? 120 VAL A CG1 1 
ATOM   900  C CG2 . VAL A 1 120 ? 8.408   -1.412  1.529   1.00 26.56 ? 120 VAL A CG2 1 
ATOM   901  N N   . ASP A 1 121 ? 11.578  -2.209  -1.856  1.00 30.24 ? 121 ASP A N   1 
ATOM   902  C CA  . ASP A 1 121 ? 12.964  -2.448  -2.271  1.00 29.82 ? 121 ASP A CA  1 
ATOM   903  C C   . ASP A 1 121 ? 13.193  -3.776  -2.901  1.00 29.62 ? 121 ASP A C   1 
ATOM   904  O O   . ASP A 1 121 ? 14.303  -4.316  -2.845  1.00 30.06 ? 121 ASP A O   1 
ATOM   905  C CB  . ASP A 1 121 ? 13.948  -2.204  -1.100  1.00 30.18 ? 121 ASP A CB  1 
ATOM   906  C CG  . ASP A 1 121 ? 14.073  -0.729  -0.746  1.00 29.19 ? 121 ASP A CG  1 
ATOM   907  O OD1 . ASP A 1 121 ? 13.588  0.120   -1.519  1.00 29.04 ? 121 ASP A OD1 1 
ATOM   908  O OD2 . ASP A 1 121 ? 14.628  -0.414  0.319   1.00 30.48 ? 121 ASP A OD2 1 
ATOM   909  N N   . CYS A 1 122 ? 12.143  -4.334  -3.499  1.00 29.34 ? 122 CYS A N   1 
ATOM   910  C CA  . CYS A 1 122 ? 12.172  -5.733  -3.985  1.00 32.06 ? 122 CYS A CA  1 
ATOM   911  C C   . CYS A 1 122 ? 12.745  -6.739  -2.990  1.00 28.62 ? 122 CYS A C   1 
ATOM   912  O O   . CYS A 1 122 ? 13.424  -7.675  -3.367  1.00 31.37 ? 122 CYS A O   1 
ATOM   913  C CB  . CYS A 1 122 ? 12.969  -5.794  -5.297  1.00 36.19 ? 122 CYS A CB  1 
ATOM   914  S SG  . CYS A 1 122 ? 12.170  -4.846  -6.603  1.00 45.82 ? 122 CYS A SG  1 
ATOM   915  N N   . GLN A 1 123 ? 12.512  -6.505  -1.715  1.00 28.54 ? 123 GLN A N   1 
ATOM   916  C CA  . GLN A 1 123 ? 13.142  -7.229  -0.655  1.00 30.56 ? 123 GLN A CA  1 
ATOM   917  C C   . GLN A 1 123 ? 12.149  -7.776  0.347   1.00 28.97 ? 123 GLN A C   1 
ATOM   918  O O   . GLN A 1 123 ? 12.386  -8.809  0.954   1.00 26.86 ? 123 GLN A O   1 
ATOM   919  C CB  . GLN A 1 123 ? 14.140  -6.256  0.056   1.00 34.39 ? 123 GLN A CB  1 
ATOM   920  C CG  . GLN A 1 123 ? 14.798  -6.855  1.273   1.00 35.81 ? 123 GLN A CG  1 
ATOM   921  C CD  . GLN A 1 123 ? 15.717  -5.886  1.983   1.00 41.73 ? 123 GLN A CD  1 
ATOM   922  O OE1 . GLN A 1 123 ? 15.949  -6.015  3.207   1.00 40.50 ? 123 GLN A OE1 1 
ATOM   923  N NE2 . GLN A 1 123 ? 16.233  -4.911  1.248   1.00 33.54 ? 123 GLN A NE2 1 
ATOM   924  N N   . LYS A 1 124 ? 11.097  -7.013  0.650   1.00 26.80 ? 124 LYS A N   1 
ATOM   925  C CA  . LYS A 1 124 ? 10.190  -7.405  1.696   1.00 26.45 ? 124 LYS A CA  1 
ATOM   926  C C   . LYS A 1 124 ? 8.753   -7.066  1.295   1.00 24.70 ? 124 LYS A C   1 
ATOM   927  O O   . LYS A 1 124 ? 8.511   -5.996  0.719   1.00 24.23 ? 124 LYS A O   1 
ATOM   928  C CB  . LYS A 1 124 ? 10.570  -6.683  2.968   1.00 28.96 ? 124 LYS A CB  1 
ATOM   929  C CG  . LYS A 1 124 ? 9.818   -7.165  4.182   1.00 33.55 ? 124 LYS A CG  1 
ATOM   930  C CD  . LYS A 1 124 ? 10.275  -6.521  5.465   1.00 35.90 ? 124 LYS A CD  1 
ATOM   931  C CE  . LYS A 1 124 ? 11.554  -7.167  5.968   1.00 40.74 ? 124 LYS A CE  1 
ATOM   932  N NZ  . LYS A 1 124 ? 12.175  -6.238  6.957   1.00 44.95 ? 124 LYS A NZ  1 
ATOM   933  N N   . VAL A 1 125 ? 7.842   -7.994  1.570   1.00 23.37 ? 125 VAL A N   1 
ATOM   934  C CA  . VAL A 1 125 ? 6.424   -7.781  1.285   1.00 23.42 ? 125 VAL A CA  1 
ATOM   935  C C   . VAL A 1 125 ? 5.640   -7.948  2.567   1.00 21.87 ? 125 VAL A C   1 
ATOM   936  O O   . VAL A 1 125 ? 5.896   -8.874  3.334   1.00 21.35 ? 125 VAL A O   1 
ATOM   937  C CB  . VAL A 1 125 ? 5.880   -8.765  0.235   1.00 22.71 ? 125 VAL A CB  1 
ATOM   938  C CG1 . VAL A 1 125 ? 4.349   -8.686  0.116   1.00 24.93 ? 125 VAL A CG1 1 
ATOM   939  C CG2 . VAL A 1 125 ? 6.530   -8.568  -1.114  1.00 24.86 ? 125 VAL A CG2 1 
ATOM   940  N N   . MET A 1 126 ? 4.675   -7.031  2.793   1.00 21.67 ? 126 MET A N   1 
ATOM   941  C CA  . MET A 1 126 ? 3.628   -7.270  3.754   1.00 21.64 ? 126 MET A CA  1 
ATOM   942  C C   . MET A 1 126 ? 2.367   -7.631  2.980   1.00 20.35 ? 126 MET A C   1 
ATOM   943  O O   . MET A 1 126 ? 1.859   -6.827  2.205   1.00 20.83 ? 126 MET A O   1 
ATOM   944  C CB  . MET A 1 126 ? 3.371   -6.071  4.652   1.00 21.56 ? 126 MET A CB  1 
ATOM   945  C CG  . MET A 1 126 ? 2.271   -6.350  5.653   1.00 22.03 ? 126 MET A CG  1 
ATOM   946  S SD  . MET A 1 126 ? 1.904   -4.944  6.709   1.00 23.76 ? 126 MET A SD  1 
ATOM   947  C CE  . MET A 1 126 ? 3.319   -4.814  7.761   1.00 24.42 ? 126 MET A CE  1 
ATOM   948  N N   . TYR A 1 127 ? 1.796   -8.789  3.250   1.00 20.72 ? 127 TYR A N   1 
ATOM   949  C CA  . TYR A 1 127 ? 0.656   -9.282  2.502   1.00 21.07 ? 127 TYR A CA  1 
ATOM   950  C C   . TYR A 1 127 ? -0.379  -9.696  3.508   1.00 21.97 ? 127 TYR A C   1 
ATOM   951  O O   . TYR A 1 127 ? -0.085  -10.561 4.341   1.00 22.53 ? 127 TYR A O   1 
ATOM   952  C CB  . TYR A 1 127 ? 1.041   -10.471 1.607   1.00 20.28 ? 127 TYR A CB  1 
ATOM   953  C CG  . TYR A 1 127 ? -0.139  -11.133 0.955   1.00 22.27 ? 127 TYR A CG  1 
ATOM   954  C CD1 . TYR A 1 127 ? -0.915  -10.447 0.016   1.00 24.79 ? 127 TYR A CD1 1 
ATOM   955  C CD2 . TYR A 1 127 ? -0.494  -12.431 1.259   1.00 25.44 ? 127 TYR A CD2 1 
ATOM   956  C CE1 . TYR A 1 127 ? -2.023  -11.027 -0.575  1.00 25.58 ? 127 TYR A CE1 1 
ATOM   957  C CE2 . TYR A 1 127 ? -1.601  -13.051 0.642   1.00 27.41 ? 127 TYR A CE2 1 
ATOM   958  C CZ  . TYR A 1 127 ? -2.372  -12.313 -0.242  1.00 25.05 ? 127 TYR A CZ  1 
ATOM   959  O OH  . TYR A 1 127 ? -3.467  -12.894 -0.839  1.00 31.25 ? 127 TYR A OH  1 
ATOM   960  N N   . GLY A 1 128 ? -1.623  -9.192  3.409   1.00 22.37 ? 128 GLY A N   1 
ATOM   961  C CA  . GLY A 1 128 ? -2.657  -9.693  4.302   1.00 21.46 ? 128 GLY A CA  1 
ATOM   962  C C   . GLY A 1 128 ? -3.918  -8.858  4.213   1.00 24.62 ? 128 GLY A C   1 
ATOM   963  O O   . GLY A 1 128 ? -4.147  -8.150  3.211   1.00 22.99 ? 128 GLY A O   1 
ATOM   964  N N   . SER A 1 129 ? -4.678  -8.881  5.300   1.00 23.71 ? 129 SER A N   1 
ATOM   965  C CA  . SER A 1 129 ? -6.015  -8.276  5.315   1.00 23.63 ? 129 SER A CA  1 
ATOM   966  C C   . SER A 1 129 ? -6.067  -6.881  5.954   1.00 23.29 ? 129 SER A C   1 
ATOM   967  O O   . SER A 1 129 ? -7.164  -6.343  6.121   1.00 27.47 ? 129 SER A O   1 
ATOM   968  C CB  . SER A 1 129 ? -6.971  -9.233  5.991   1.00 22.68 ? 129 SER A CB  1 
ATOM   969  O OG  . SER A 1 129 ? -6.554  -9.488  7.315   1.00 23.08 ? 129 SER A OG  1 
ATOM   970  N N   . TYR A 1 130 ? -4.921  -6.257  6.243   1.00 23.84 ? 130 TYR A N   1 
ATOM   971  C CA  . TYR A 1 130 ? -4.919  -4.969  6.875   1.00 22.59 ? 130 TYR A CA  1 
ATOM   972  C C   . TYR A 1 130 ? -5.023  -3.849  5.764   1.00 25.02 ? 130 TYR A C   1 
ATOM   973  O O   . TYR A 1 130 ? -4.091  -3.710  4.949   1.00 25.86 ? 130 TYR A O   1 
ATOM   974  C CB  . TYR A 1 130 ? -3.634  -4.793  7.650   1.00 22.80 ? 130 TYR A CB  1 
ATOM   975  C CG  . TYR A 1 130 ? -3.596  -3.577  8.522   1.00 25.00 ? 130 TYR A CG  1 
ATOM   976  C CD1 . TYR A 1 130 ? -3.209  -2.332  8.021   1.00 23.01 ? 130 TYR A CD1 1 
ATOM   977  C CD2 . TYR A 1 130 ? -3.884  -3.676  9.870   1.00 25.33 ? 130 TYR A CD2 1 
ATOM   978  C CE1 . TYR A 1 130 ? -3.140  -1.214  8.853   1.00 24.46 ? 130 TYR A CE1 1 
ATOM   979  C CE2 . TYR A 1 130 ? -3.759  -2.603  10.684  1.00 25.64 ? 130 TYR A CE2 1 
ATOM   980  C CZ  . TYR A 1 130 ? -3.447  -1.349  10.154  1.00 26.10 ? 130 TYR A CZ  1 
ATOM   981  O OH  . TYR A 1 130 ? -3.395  -0.243  10.973  1.00 31.85 ? 130 TYR A OH  1 
ATOM   982  N N   . SER A 1 131 ? -6.096  -3.059  5.787   1.00 23.09 ? 131 SER A N   1 
ATOM   983  C CA  . SER A 1 131 ? -6.296  -1.877  4.900   1.00 22.28 ? 131 SER A CA  1 
ATOM   984  C C   . SER A 1 131 ? -5.862  -0.595  5.647   1.00 22.95 ? 131 SER A C   1 
ATOM   985  O O   . SER A 1 131 ? -5.868  -0.514  6.897   1.00 21.79 ? 131 SER A O   1 
ATOM   986  C CB  . SER A 1 131 ? -7.754  -1.748  4.412   1.00 21.66 ? 131 SER A CB  1 
ATOM   987  O OG  . SER A 1 131 ? -8.169  -2.847  3.669   1.00 24.39 ? 131 SER A OG  1 
ATOM   988  N N   . TYR A 1 132 ? -5.325  0.350   4.894   1.00 21.93 ? 132 TYR A N   1 
ATOM   989  C CA  . TYR A 1 132 ? -4.756  1.530   5.469   1.00 23.50 ? 132 TYR A CA  1 
ATOM   990  C C   . TYR A 1 132 ? -5.850  2.568   5.823   1.00 24.75 ? 132 TYR A C   1 
ATOM   991  O O   . TYR A 1 132 ? -5.970  3.610   5.158   1.00 24.25 ? 132 TYR A O   1 
ATOM   992  C CB  . TYR A 1 132 ? -3.758  2.162   4.539   1.00 24.49 ? 132 TYR A CB  1 
ATOM   993  C CG  . TYR A 1 132 ? -2.500  1.372   4.309   1.00 22.26 ? 132 TYR A CG  1 
ATOM   994  C CD1 . TYR A 1 132 ? -2.284  0.076   4.881   1.00 23.95 ? 132 TYR A CD1 1 
ATOM   995  C CD2 . TYR A 1 132 ? -1.576  1.835   3.437   1.00 23.11 ? 132 TYR A CD2 1 
ATOM   996  C CE1 . TYR A 1 132 ? -1.112  -0.632  4.607   1.00 23.47 ? 132 TYR A CE1 1 
ATOM   997  C CE2 . TYR A 1 132 ? -0.424  1.134   3.178   1.00 22.07 ? 132 TYR A CE2 1 
ATOM   998  C CZ  . TYR A 1 132 ? -0.196  -0.101  3.748   1.00 24.20 ? 132 TYR A CZ  1 
ATOM   999  O OH  . TYR A 1 132 ? 0.969   -0.804  3.449   1.00 25.42 ? 132 TYR A OH  1 
ATOM   1000 N N   . MET A 1 133 ? -6.546  2.269   6.920   1.00 26.47 ? 133 MET A N   1 
ATOM   1001 C CA  . MET A 1 133 ? -7.660  3.056   7.442   1.00 28.42 ? 133 MET A CA  1 
ATOM   1002 C C   . MET A 1 133 ? -7.616  3.023   8.950   1.00 30.57 ? 133 MET A C   1 
ATOM   1003 O O   . MET A 1 133 ? -7.222  2.010   9.516   1.00 26.42 ? 133 MET A O   1 
ATOM   1004 C CB  . MET A 1 133 ? -9.007  2.446   7.048   1.00 32.43 ? 133 MET A CB  1 
ATOM   1005 C CG  . MET A 1 133 ? -9.077  1.945   5.643   1.00 33.17 ? 133 MET A CG  1 
ATOM   1006 S SD  . MET A 1 133 ? -10.488 0.882   5.412   1.00 37.72 ? 133 MET A SD  1 
ATOM   1007 C CE  . MET A 1 133 ? -11.823 2.007   5.807   1.00 33.59 ? 133 MET A CE  1 
ATOM   1008 N N   . TRP A 1 134 ? -8.097  4.108   9.581   1.00 28.13 ? 134 TRP A N   1 
ATOM   1009 C CA  . TRP A 1 134 ? -8.229  4.187   11.053  1.00 32.76 ? 134 TRP A CA  1 
ATOM   1010 C C   . TRP A 1 134 ? -8.919  2.926   11.644  1.00 27.17 ? 134 TRP A C   1 
ATOM   1011 O O   . TRP A 1 134 ? -8.486  2.421   12.719  1.00 28.95 ? 134 TRP A O   1 
ATOM   1012 C CB  . TRP A 1 134 ? -9.037  5.493   11.458  1.00 37.35 ? 134 TRP A CB  1 
ATOM   1013 C CG  . TRP A 1 134 ? -10.385 5.145   11.992  1.00 55.04 ? 134 TRP A CG  1 
ATOM   1014 C CD1 . TRP A 1 134 ? -11.487 4.736   11.270  1.00 62.27 ? 134 TRP A CD1 1 
ATOM   1015 C CD2 . TRP A 1 134 ? -10.742 5.011   13.380  1.00 54.63 ? 134 TRP A CD2 1 
ATOM   1016 N NE1 . TRP A 1 134 ? -12.504 4.365   12.129  1.00 68.13 ? 134 TRP A NE1 1 
ATOM   1017 C CE2 . TRP A 1 134 ? -12.077 4.523   13.424  1.00 58.17 ? 134 TRP A CE2 1 
ATOM   1018 C CE3 . TRP A 1 134 ? -10.073 5.279   14.586  1.00 58.69 ? 134 TRP A CE3 1 
ATOM   1019 C CZ2 . TRP A 1 134 ? -12.765 4.310   14.628  1.00 59.05 ? 134 TRP A CZ2 1 
ATOM   1020 C CZ3 . TRP A 1 134 ? -10.771 5.068   15.794  1.00 61.91 ? 134 TRP A CZ3 1 
ATOM   1021 C CH2 . TRP A 1 134 ? -12.097 4.584   15.800  1.00 58.31 ? 134 TRP A CH2 1 
ATOM   1022 N N   . SER A 1 135 ? -9.972  2.432   10.970  1.00 25.71 ? 135 SER A N   1 
ATOM   1023 C CA  . SER A 1 135 ? -10.750 1.263   11.421  1.00 28.94 ? 135 SER A CA  1 
ATOM   1024 C C   . SER A 1 135 ? -9.894  -0.002  11.629  1.00 29.04 ? 135 SER A C   1 
ATOM   1025 O O   . SER A 1 135 ? -10.193 -0.859  12.500  1.00 26.63 ? 135 SER A O   1 
ATOM   1026 C CB  . SER A 1 135 ? -11.933 0.945   10.492  1.00 30.01 ? 135 SER A CB  1 
ATOM   1027 O OG  . SER A 1 135 ? -11.489 0.655   9.178   1.00 31.21 ? 135 SER A OG  1 
ATOM   1028 N N   . PHE A 1 136 ? -8.846  -0.135  10.830  1.00 26.65 ? 136 PHE A N   1 
ATOM   1029 C CA  . PHE A 1 136 ? -7.962  -1.287  11.004  1.00 27.72 ? 136 PHE A CA  1 
ATOM   1030 C C   . PHE A 1 136 ? -7.002  -1.135  12.188  1.00 31.10 ? 136 PHE A C   1 
ATOM   1031 O O   . PHE A 1 136 ? -6.488  -2.114  12.701  1.00 28.21 ? 136 PHE A O   1 
ATOM   1032 C CB  . PHE A 1 136 ? -7.239  -1.587  9.677   1.00 27.54 ? 136 PHE A CB  1 
ATOM   1033 C CG  . PHE A 1 136 ? -8.103  -2.364  8.729   1.00 24.00 ? 136 PHE A CG  1 
ATOM   1034 C CD1 . PHE A 1 136 ? -9.031  -1.710  7.907   1.00 25.50 ? 136 PHE A CD1 1 
ATOM   1035 C CD2 . PHE A 1 136 ? -8.064  -3.757  8.712   1.00 22.45 ? 136 PHE A CD2 1 
ATOM   1036 C CE1 . PHE A 1 136 ? -9.858  -2.429  7.065   1.00 26.92 ? 136 PHE A CE1 1 
ATOM   1037 C CE2 . PHE A 1 136 ? -8.869  -4.485  7.843   1.00 23.32 ? 136 PHE A CE2 1 
ATOM   1038 C CZ  . PHE A 1 136 ? -9.794  -3.803  7.041   1.00 26.07 ? 136 PHE A CZ  1 
ATOM   1039 N N   . GLU A 1 137 ? -6.712  0.095   12.592  1.00 30.18 ? 137 GLU A N   1 
ATOM   1040 C CA  . GLU A 1 137 ? -5.911  0.323   13.796  1.00 32.64 ? 137 GLU A CA  1 
ATOM   1041 C C   . GLU A 1 137 ? -6.827  0.125   15.022  1.00 33.98 ? 137 GLU A C   1 
ATOM   1042 O O   . GLU A 1 137 ? -6.407  -0.414  16.026  1.00 37.56 ? 137 GLU A O   1 
ATOM   1043 C CB  . GLU A 1 137 ? -5.302  1.755   13.768  1.00 35.10 ? 137 GLU A CB  1 
ATOM   1044 C CG  . GLU A 1 137 ? -4.304  2.003   14.883  1.00 40.78 ? 137 GLU A CG  1 
ATOM   1045 C CD  . GLU A 1 137 ? -3.848  3.448   15.008  1.00 45.07 ? 137 GLU A CD  1 
ATOM   1046 O OE1 . GLU A 1 137 ? -4.130  4.290   14.152  1.00 40.37 ? 137 GLU A OE1 1 
ATOM   1047 O OE2 . GLU A 1 137 ? -3.183  3.765   16.002  1.00 45.10 ? 137 GLU A OE2 1 
ATOM   1048 N N   . LYS A 1 138 ? -8.077  0.540   14.950  1.00 34.15 ? 138 LYS A N   1 
ATOM   1049 C CA  . LYS A 1 138 ? -8.892  0.663   16.165  1.00 37.93 ? 138 LYS A CA  1 
ATOM   1050 C C   . LYS A 1 138 ? -10.011 -0.313  16.336  1.00 40.32 ? 138 LYS A C   1 
ATOM   1051 O O   . LYS A 1 138 ? -10.449 -0.512  17.468  1.00 41.28 ? 138 LYS A O   1 
ATOM   1052 C CB  . LYS A 1 138 ? -9.456  2.094   16.282  1.00 40.19 ? 138 LYS A CB  1 
ATOM   1053 C CG  . LYS A 1 138 ? -8.371  3.165   16.384  1.00 46.13 ? 138 LYS A CG  1 
ATOM   1054 C CD  . LYS A 1 138 ? -7.375  2.974   17.504  1.00 49.93 ? 138 LYS A CD  1 
ATOM   1055 C CE  . LYS A 1 138 ? -6.532  4.234   17.622  1.00 56.80 ? 138 LYS A CE  1 
ATOM   1056 N NZ  . LYS A 1 138 ? -5.396  4.024   18.566  1.00 61.85 ? 138 LYS A NZ  1 
ATOM   1057 N N   . ALA A 1 139 ? -10.488 -0.919  15.250  1.00 36.63 ? 139 ALA A N   1 
ATOM   1058 C CA  . ALA A 1 139 ? -11.747 -1.649  15.292  1.00 33.64 ? 139 ALA A CA  1 
ATOM   1059 C C   . ALA A 1 139 ? -11.637 -3.093  14.835  1.00 34.51 ? 139 ALA A C   1 
ATOM   1060 O O   . ALA A 1 139 ? -12.218 -3.972  15.470  1.00 37.82 ? 139 ALA A O   1 
ATOM   1061 C CB  . ALA A 1 139 ? -12.775 -0.948  14.472  1.00 35.49 ? 139 ALA A CB  1 
ATOM   1062 N N   . HIS A 1 140 ? -10.922 -3.350  13.724  1.00 27.52 ? 140 HIS A N   1 
ATOM   1063 C CA  . HIS A 1 140 ? -11.013 -4.644  13.082  1.00 25.84 ? 140 HIS A CA  1 
ATOM   1064 C C   . HIS A 1 140 ? -9.917  -5.588  13.553  1.00 23.07 ? 140 HIS A C   1 
ATOM   1065 O O   . HIS A 1 140 ? -8.865  -5.149  14.021  1.00 28.76 ? 140 HIS A O   1 
ATOM   1066 C CB  . HIS A 1 140 ? -10.886 -4.471  11.564  1.00 26.19 ? 140 HIS A CB  1 
ATOM   1067 C CG  . HIS A 1 140 ? -11.944 -3.610  10.956  1.00 26.99 ? 140 HIS A CG  1 
ATOM   1068 N ND1 . HIS A 1 140 ? -13.263 -3.643  11.368  1.00 29.51 ? 140 HIS A ND1 1 
ATOM   1069 C CD2 . HIS A 1 140 ? -11.895 -2.737  9.923   1.00 30.36 ? 140 HIS A CD2 1 
ATOM   1070 C CE1 . HIS A 1 140 ? -13.976 -2.812  10.617  1.00 31.04 ? 140 HIS A CE1 1 
ATOM   1071 N NE2 . HIS A 1 140 ? -13.166 -2.237  9.737   1.00 29.53 ? 140 HIS A NE2 1 
ATOM   1072 N N   . LEU A 1 141 ? -10.210 -6.874  13.442  1.00 22.22 ? 141 LEU A N   1 
ATOM   1073 C CA  . LEU A 1 141 ? -9.201  -7.940  13.577  1.00 23.30 ? 141 LEU A CA  1 
ATOM   1074 C C   . LEU A 1 141 ? -8.619  -8.178  12.199  1.00 23.78 ? 141 LEU A C   1 
ATOM   1075 O O   . LEU A 1 141 ? -9.389  -8.332  11.213  1.00 26.52 ? 141 LEU A O   1 
ATOM   1076 C CB  . LEU A 1 141 ? -9.856  -9.234  14.024  1.00 23.87 ? 141 LEU A CB  1 
ATOM   1077 C CG  . LEU A 1 141 ? -10.714 -9.155  15.301  1.00 30.34 ? 141 LEU A CG  1 
ATOM   1078 C CD1 . LEU A 1 141 ? -11.196 -10.556 15.625  1.00 32.66 ? 141 LEU A CD1 1 
ATOM   1079 C CD2 . LEU A 1 141 ? -9.912  -8.509  16.435  1.00 32.03 ? 141 LEU A CD2 1 
ATOM   1080 N N   . SER A 1 142 ? -7.298  -8.317  12.125  1.00 24.95 ? 142 SER A N   1 
ATOM   1081 C CA  . SER A 1 142 ? -6.632  -8.636  10.851  1.00 22.63 ? 142 SER A CA  1 
ATOM   1082 C C   . SER A 1 142 ? -5.305  -9.376  11.094  1.00 21.80 ? 142 SER A C   1 
ATOM   1083 O O   . SER A 1 142 ? -4.909  -9.612  12.213  1.00 23.80 ? 142 SER A O   1 
ATOM   1084 C CB  . SER A 1 142 ? -6.408  -7.347  10.005  1.00 23.21 ? 142 SER A CB  1 
ATOM   1085 O OG  . SER A 1 142 ? -5.570  -6.475  10.681  1.00 24.76 ? 142 SER A OG  1 
ATOM   1086 N N   . MET A 1 143 ? -4.676  -9.760  10.016  1.00 22.39 ? 143 MET A N   1 
ATOM   1087 C CA  . MET A 1 143 ? -3.433  -10.492 10.040  1.00 22.54 ? 143 MET A CA  1 
ATOM   1088 C C   . MET A 1 143 ? -2.714  -10.193 8.752   1.00 21.85 ? 143 MET A C   1 
ATOM   1089 O O   . MET A 1 143 ? -3.326  -9.949  7.705   1.00 21.77 ? 143 MET A O   1 
ATOM   1090 C CB  . MET A 1 143 ? -3.694  -11.972 10.129  1.00 23.78 ? 143 MET A CB  1 
ATOM   1091 C CG  . MET A 1 143 ? -2.423  -12.802 10.184  1.00 30.16 ? 143 MET A CG  1 
ATOM   1092 S SD  . MET A 1 143 ? -2.681  -14.592 9.933   1.00 35.89 ? 143 MET A SD  1 
ATOM   1093 C CE  . MET A 1 143 ? -4.400  -14.731 9.398   1.00 33.44 ? 143 MET A CE  1 
ATOM   1094 N N   . VAL A 1 144 ? -1.406  -10.203 8.862   1.00 21.02 ? 144 VAL A N   1 
ATOM   1095 C CA  . VAL A 1 144 ? -0.563  -10.103 7.666   1.00 22.90 ? 144 VAL A CA  1 
ATOM   1096 C C   . VAL A 1 144 ? 0.603   -11.088 7.770   1.00 21.92 ? 144 VAL A C   1 
ATOM   1097 O O   . VAL A 1 144 ? 0.925   -11.559 8.831   1.00 23.45 ? 144 VAL A O   1 
ATOM   1098 C CB  . VAL A 1 144 ? 0.005   -8.688  7.450   1.00 21.38 ? 144 VAL A CB  1 
ATOM   1099 C CG1 . VAL A 1 144 ? -1.099  -7.664  7.159   1.00 22.38 ? 144 VAL A CG1 1 
ATOM   1100 C CG2 . VAL A 1 144 ? 0.967   -8.237  8.556   1.00 21.32 ? 144 VAL A CG2 1 
ATOM   1101 N N   . GLN A 1 145 ? 1.197   -11.305 6.641   1.00 22.56 ? 145 GLN A N   1 
ATOM   1102 C CA  . GLN A 1 145 ? 2.489   -11.964 6.500   1.00 22.24 ? 145 GLN A CA  1 
ATOM   1103 C C   . GLN A 1 145 ? 3.593   -10.947 6.180   1.00 22.75 ? 145 GLN A C   1 
ATOM   1104 O O   . GLN A 1 145 ? 3.380   -10.072 5.324   1.00 21.80 ? 145 GLN A O   1 
ATOM   1105 C CB  . GLN A 1 145 ? 2.432   -12.878 5.308   1.00 22.90 ? 145 GLN A CB  1 
ATOM   1106 C CG  . GLN A 1 145 ? 1.481   -14.033 5.401   1.00 24.28 ? 145 GLN A CG  1 
ATOM   1107 C CD  . GLN A 1 145 ? 1.465   -14.905 4.141   1.00 27.28 ? 145 GLN A CD  1 
ATOM   1108 O OE1 . GLN A 1 145 ? 1.852   -14.468 3.090   1.00 34.92 ? 145 GLN A OE1 1 
ATOM   1109 N NE2 . GLN A 1 145 ? 0.898   -16.084 4.239   1.00 29.06 ? 145 GLN A NE2 1 
ATOM   1110 N N   . ILE A 1 146 ? 4.775   -11.110 6.792   1.00 23.35 ? 146 ILE A N   1 
ATOM   1111 C CA  . ILE A 1 146 ? 5.974   -10.437 6.325   1.00 24.41 ? 146 ILE A CA  1 
ATOM   1112 C C   . ILE A 1 146 ? 6.761   -11.500 5.543   1.00 23.98 ? 146 ILE A C   1 
ATOM   1113 O O   . ILE A 1 146 ? 7.111   -12.530 6.117   1.00 24.62 ? 146 ILE A O   1 
ATOM   1114 C CB  . ILE A 1 146 ? 6.830   -9.929  7.462   1.00 25.91 ? 146 ILE A CB  1 
ATOM   1115 C CG1 . ILE A 1 146 ? 6.026   -9.052  8.416   1.00 26.79 ? 146 ILE A CG1 1 
ATOM   1116 C CG2 . ILE A 1 146 ? 8.059   -9.238  6.883   1.00 26.74 ? 146 ILE A CG2 1 
ATOM   1117 C CD1 . ILE A 1 146 ? 5.418   -7.819  7.744   1.00 27.15 ? 146 ILE A CD1 1 
ATOM   1118 N N   . ILE A 1 147 ? 6.965   -11.265 4.259   1.00 24.23 ? 147 ILE A N   1 
ATOM   1119 C CA  . ILE A 1 147 ? 7.541   -12.208 3.333   1.00 23.43 ? 147 ILE A CA  1 
ATOM   1120 C C   . ILE A 1 147 ? 8.883   -11.649 2.858   1.00 26.79 ? 147 ILE A C   1 
ATOM   1121 O O   . ILE A 1 147 ? 8.977   -10.502 2.415   1.00 23.92 ? 147 ILE A O   1 
ATOM   1122 C CB  . ILE A 1 147 ? 6.659   -12.396 2.133   1.00 24.43 ? 147 ILE A CB  1 
ATOM   1123 C CG1 . ILE A 1 147 ? 5.268   -12.828 2.583   1.00 23.20 ? 147 ILE A CG1 1 
ATOM   1124 C CG2 . ILE A 1 147 ? 7.227   -13.390 1.177   1.00 24.24 ? 147 ILE A CG2 1 
ATOM   1125 C CD1 . ILE A 1 147 ? 4.278   -12.758 1.485   1.00 24.66 ? 147 ILE A CD1 1 
ATOM   1126 N N   . THR A 1 148 ? 9.918   -12.471 2.946   1.00 28.13 ? 148 THR A N   1 
ATOM   1127 C CA  . THR A 1 148 ? 11.193  -12.164 2.294   1.00 26.12 ? 148 THR A CA  1 
ATOM   1128 C C   . THR A 1 148 ? 11.650  -13.375 1.514   1.00 27.58 ? 148 THR A C   1 
ATOM   1129 O O   . THR A 1 148 ? 11.207  -14.489 1.750   1.00 27.40 ? 148 THR A O   1 
ATOM   1130 C CB  . THR A 1 148 ? 12.276  -11.836 3.325   1.00 26.19 ? 148 THR A CB  1 
ATOM   1131 O OG1 . THR A 1 148 ? 12.375  -12.896 4.260   1.00 27.10 ? 148 THR A OG1 1 
ATOM   1132 C CG2 . THR A 1 148 ? 11.928  -10.564 4.090   1.00 27.82 ? 148 THR A CG2 1 
ATOM   1133 N N   . GLY A 1 149 ? 12.557  -13.143 0.604   1.00 28.42 ? 149 GLY A N   1 
ATOM   1134 C CA  . GLY A 1 149 ? 13.115  -14.220 -0.211  1.00 28.25 ? 149 GLY A CA  1 
ATOM   1135 C C   . GLY A 1 149 ? 12.414  -14.414 -1.517  1.00 27.63 ? 149 GLY A C   1 
ATOM   1136 O O   . GLY A 1 149 ? 11.816  -13.486 -2.072  1.00 29.13 ? 149 GLY A O   1 
ATOM   1137 N N   . GLN A 1 150 ? 12.464  -15.632 -2.038  1.00 27.96 ? 150 GLN A N   1 
ATOM   1138 C CA  . GLN A 1 150 ? 12.087  -15.872 -3.418  1.00 32.10 ? 150 GLN A CA  1 
ATOM   1139 C C   . GLN A 1 150 ? 10.653  -15.432 -3.755  1.00 27.64 ? 150 GLN A C   1 
ATOM   1140 O O   . GLN A 1 150 ? 10.416  -14.835 -4.806  1.00 26.70 ? 150 GLN A O   1 
ATOM   1141 C CB  . GLN A 1 150 ? 12.236  -17.355 -3.790  1.00 40.02 ? 150 GLN A CB  1 
ATOM   1142 C CG  . GLN A 1 150 ? 11.961  -17.628 -5.273  1.00 46.93 ? 150 GLN A CG  1 
ATOM   1143 C CD  . GLN A 1 150 ? 12.633  -18.904 -5.785  1.00 62.53 ? 150 GLN A CD  1 
ATOM   1144 O OE1 . GLN A 1 150 ? 12.926  -19.840 -5.018  1.00 65.20 ? 150 GLN A OE1 1 
ATOM   1145 N NE2 . GLN A 1 150 ? 12.895  -18.942 -7.095  1.00 70.21 ? 150 GLN A NE2 1 
ATOM   1146 N N   . LEU A 1 151 ? 9.689   -15.707 -2.860  1.00 26.11 ? 151 LEU A N   1 
ATOM   1147 C CA  . LEU A 1 151 ? 8.300   -15.320 -3.168  1.00 25.63 ? 151 LEU A CA  1 
ATOM   1148 C C   . LEU A 1 151 ? 8.095   -13.779 -3.417  1.00 24.74 ? 151 LEU A C   1 
ATOM   1149 O O   . LEU A 1 151 ? 7.144   -13.364 -4.109  1.00 24.16 ? 151 LEU A O   1 
ATOM   1150 C CB  . LEU A 1 151 ? 7.402   -15.807 -2.056  1.00 26.22 ? 151 LEU A CB  1 
ATOM   1151 C CG  . LEU A 1 151 ? 5.912   -15.663 -2.285  1.00 28.38 ? 151 LEU A CG  1 
ATOM   1152 C CD1 . LEU A 1 151 ? 5.472   -16.416 -3.525  1.00 30.38 ? 151 LEU A CD1 1 
ATOM   1153 C CD2 . LEU A 1 151 ? 5.249   -16.127 -1.004  1.00 29.36 ? 151 LEU A CD2 1 
ATOM   1154 N N   . VAL A 1 152 ? 8.989   -12.949 -2.892  1.00 24.58 ? 152 VAL A N   1 
ATOM   1155 C CA  . VAL A 1 152 ? 8.909   -11.510 -3.203  1.00 24.31 ? 152 VAL A CA  1 
ATOM   1156 C C   . VAL A 1 152 ? 8.892   -11.236 -4.695  1.00 28.10 ? 152 VAL A C   1 
ATOM   1157 O O   . VAL A 1 152 ? 8.197   -10.314 -5.191  1.00 24.66 ? 152 VAL A O   1 
ATOM   1158 C CB  . VAL A 1 152 ? 10.011  -10.694 -2.450  1.00 24.87 ? 152 VAL A CB  1 
ATOM   1159 C CG1 . VAL A 1 152 ? 9.951   -9.235  -2.853  1.00 25.47 ? 152 VAL A CG1 1 
ATOM   1160 C CG2 . VAL A 1 152 ? 9.882   -10.843 -0.967  1.00 27.02 ? 152 VAL A CG2 1 
ATOM   1161 N N   . GLU A 1 153 ? 9.619   -12.065 -5.470  1.00 28.10 ? 153 GLU A N   1 
ATOM   1162 C CA  . GLU A 1 153 ? 9.666   -11.911 -6.935  1.00 28.81 ? 153 GLU A CA  1 
ATOM   1163 C C   . GLU A 1 153 ? 8.306   -12.086 -7.549  1.00 25.90 ? 153 GLU A C   1 
ATOM   1164 O O   . GLU A 1 153 ? 7.974   -11.442 -8.509  1.00 28.14 ? 153 GLU A O   1 
ATOM   1165 C CB  . GLU A 1 153 ? 10.614  -12.961 -7.584  1.00 34.24 ? 153 GLU A CB  1 
ATOM   1166 C CG  . GLU A 1 153 ? 12.033  -12.887 -7.022  1.00 40.54 ? 153 GLU A CG  1 
ATOM   1167 C CD  . GLU A 1 153 ? 12.990  -13.878 -7.650  1.00 51.21 ? 153 GLU A CD  1 
ATOM   1168 O OE1 . GLU A 1 153 ? 12.597  -14.605 -8.605  1.00 49.17 ? 153 GLU A OE1 1 
ATOM   1169 O OE2 . GLU A 1 153 ? 14.132  -13.913 -7.142  1.00 54.66 ? 153 GLU A OE2 1 
ATOM   1170 N N   . SER A 1 154 ? 7.487   -12.975 -6.991  1.00 25.91 ? 154 SER A N   1 
ATOM   1171 C CA  . SER A 1 154 ? 6.119   -13.151 -7.505  1.00 25.77 ? 154 SER A CA  1 
ATOM   1172 C C   . SER A 1 154 ? 5.219   -11.932 -7.241  1.00 24.63 ? 154 SER A C   1 
ATOM   1173 O O   . SER A 1 154 ? 4.319   -11.627 -8.063  1.00 25.47 ? 154 SER A O   1 
ATOM   1174 C CB  . SER A 1 154 ? 5.503   -14.404 -6.897  1.00 28.09 ? 154 SER A CB  1 
ATOM   1175 O OG  . SER A 1 154 ? 6.258   -15.553 -7.227  1.00 31.21 ? 154 SER A OG  1 
ATOM   1176 N N   . PHE A 1 155 ? 5.470   -11.230 -6.122  1.00 23.53 ? 155 PHE A N   1 
ATOM   1177 C CA  . PHE A 1 155 ? 4.751   -10.009 -5.816  1.00 24.01 ? 155 PHE A CA  1 
ATOM   1178 C C   . PHE A 1 155 ? 5.171   -8.867  -6.713  1.00 24.88 ? 155 PHE A C   1 
ATOM   1179 O O   . PHE A 1 155 ? 4.356   -8.031  -7.124  1.00 23.89 ? 155 PHE A O   1 
ATOM   1180 C CB  . PHE A 1 155 ? 4.887   -9.673  -4.331  1.00 23.86 ? 155 PHE A CB  1 
ATOM   1181 C CG  . PHE A 1 155 ? 3.955   -10.457 -3.477  1.00 23.94 ? 155 PHE A CG  1 
ATOM   1182 C CD1 . PHE A 1 155 ? 2.683   -9.997  -3.244  1.00 24.65 ? 155 PHE A CD1 1 
ATOM   1183 C CD2 . PHE A 1 155 ? 4.324   -11.672 -2.943  1.00 23.64 ? 155 PHE A CD2 1 
ATOM   1184 C CE1 . PHE A 1 155 ? 1.789   -10.732 -2.460  1.00 25.55 ? 155 PHE A CE1 1 
ATOM   1185 C CE2 . PHE A 1 155 ? 3.428   -12.399 -2.184  1.00 25.21 ? 155 PHE A CE2 1 
ATOM   1186 C CZ  . PHE A 1 155 ? 2.156   -11.920 -1.935  1.00 25.50 ? 155 PHE A CZ  1 
ATOM   1187 N N   . ASP A 1 156 ? 6.460   -8.836  -7.040  1.00 23.84 ? 156 ASP A N   1 
ATOM   1188 C CA  . ASP A 1 156 ? 6.995   -7.885  -8.041  1.00 26.34 ? 156 ASP A CA  1 
ATOM   1189 C C   . ASP A 1 156 ? 6.262   -8.073  -9.366  1.00 26.23 ? 156 ASP A C   1 
ATOM   1190 O O   . ASP A 1 156 ? 5.705   -7.123  -9.906  1.00 24.51 ? 156 ASP A O   1 
ATOM   1191 C CB  . ASP A 1 156 ? 8.509   -8.133  -8.128  1.00 29.87 ? 156 ASP A CB  1 
ATOM   1192 C CG  . ASP A 1 156 ? 9.233   -7.214  -9.154  1.00 36.62 ? 156 ASP A CG  1 
ATOM   1193 O OD1 . ASP A 1 156 ? 10.366  -6.808  -8.877  1.00 47.19 ? 156 ASP A OD1 1 
ATOM   1194 O OD2 . ASP A 1 156 ? 8.722   -6.945  -10.232 1.00 34.71 ? 156 ASP A OD2 1 
ATOM   1195 N N   . GLU A 1 157 ? 6.159   -9.327  -9.832  1.00 26.94 ? 157 GLU A N   1 
ATOM   1196 C CA  . GLU A 1 157 ? 5.483   -9.633  -11.076 1.00 28.96 ? 157 GLU A CA  1 
ATOM   1197 C C   . GLU A 1 157 ? 3.978   -9.287  -11.034 1.00 26.35 ? 157 GLU A C   1 
ATOM   1198 O O   . GLU A 1 157 ? 3.415   -8.780  -11.996 1.00 28.17 ? 157 GLU A O   1 
ATOM   1199 C CB  . GLU A 1 157 ? 5.721   -11.124 -11.474 1.00 33.70 ? 157 GLU A CB  1 
ATOM   1200 C CG  . GLU A 1 157 ? 4.985   -11.605 -12.717 1.00 39.36 ? 157 GLU A CG  1 
ATOM   1201 C CD  . GLU A 1 157 ? 5.293   -13.095 -13.040 1.00 49.24 ? 157 GLU A CD  1 
ATOM   1202 O OE1 . GLU A 1 157 ? 5.984   -13.398 -14.040 1.00 55.59 ? 157 GLU A OE1 1 
ATOM   1203 O OE2 . GLU A 1 157 ? 4.851   -13.973 -12.275 1.00 49.97 ? 157 GLU A OE2 1 
ATOM   1204 N N   . GLU A 1 158 ? 3.337   -9.551  -9.906  1.00 26.68 ? 158 GLU A N   1 
ATOM   1205 C CA  . GLU A 1 158 ? 1.915   -9.222  -9.768  1.00 28.25 ? 158 GLU A CA  1 
ATOM   1206 C C   . GLU A 1 158 ? 1.722   -7.712  -9.774  1.00 26.16 ? 158 GLU A C   1 
ATOM   1207 O O   . GLU A 1 158 ? 0.751   -7.228  -10.338 1.00 26.19 ? 158 GLU A O   1 
ATOM   1208 C CB  . GLU A 1 158 ? 1.405   -9.764  -8.468  1.00 29.26 ? 158 GLU A CB  1 
ATOM   1209 C CG  . GLU A 1 158 ? -0.042  -9.387  -8.156  1.00 29.69 ? 158 GLU A CG  1 
ATOM   1210 C CD  . GLU A 1 158 ? -1.072  -9.875  -9.155  1.00 35.39 ? 158 GLU A CD  1 
ATOM   1211 O OE1 . GLU A 1 158 ? -0.760  -10.520 -10.196 1.00 36.15 ? 158 GLU A OE1 1 
ATOM   1212 O OE2 . GLU A 1 158 ? -2.251  -9.603  -8.836  1.00 43.89 ? 158 GLU A OE2 1 
ATOM   1213 N N   . PHE A 1 159 ? 2.613   -6.984  -9.107  1.00 25.45 ? 159 PHE A N   1 
ATOM   1214 C CA  . PHE A 1 159 ? 2.515   -5.522  -9.123  1.00 25.23 ? 159 PHE A CA  1 
ATOM   1215 C C   . PHE A 1 159 ? 2.598   -4.989  -10.542 1.00 24.57 ? 159 PHE A C   1 
ATOM   1216 O O   . PHE A 1 159 ? 1.893   -4.079  -10.938 1.00 25.65 ? 159 PHE A O   1 
ATOM   1217 C CB  . PHE A 1 159 ? 3.605   -4.860  -8.307  1.00 23.48 ? 159 PHE A CB  1 
ATOM   1218 C CG  . PHE A 1 159 ? 3.340   -3.404  -8.120  1.00 25.73 ? 159 PHE A CG  1 
ATOM   1219 C CD1 . PHE A 1 159 ? 2.429   -2.998  -7.187  1.00 23.99 ? 159 PHE A CD1 1 
ATOM   1220 C CD2 . PHE A 1 159 ? 3.903   -2.421  -8.990  1.00 26.21 ? 159 PHE A CD2 1 
ATOM   1221 C CE1 . PHE A 1 159 ? 2.117   -1.662  -7.029  1.00 24.04 ? 159 PHE A CE1 1 
ATOM   1222 C CE2 . PHE A 1 159 ? 3.558   -1.114  -8.854  1.00 24.90 ? 159 PHE A CE2 1 
ATOM   1223 C CZ  . PHE A 1 159 ? 2.674   -0.725  -7.873  1.00 24.44 ? 159 PHE A CZ  1 
ATOM   1224 N N   . ARG A 1 160 ? 3.547   -5.544  -11.310 1.00 25.95 ? 160 ARG A N   1 
ATOM   1225 C CA  . ARG A 1 160 ? 3.729   -5.120  -12.696 1.00 26.74 ? 160 ARG A CA  1 
ATOM   1226 C C   . ARG A 1 160 ? 2.529   -5.427  -13.546 1.00 25.59 ? 160 ARG A C   1 
ATOM   1227 O O   . ARG A 1 160 ? 2.100   -4.606  -14.332 1.00 27.70 ? 160 ARG A O   1 
ATOM   1228 C CB  . ARG A 1 160 ? 5.033   -5.727  -13.256 1.00 26.95 ? 160 ARG A CB  1 
ATOM   1229 C CG  . ARG A 1 160 ? 6.281   -5.134  -12.668 1.00 29.15 ? 160 ARG A CG  1 
ATOM   1230 C CD  . ARG A 1 160 ? 7.496   -5.888  -13.195 1.00 31.69 ? 160 ARG A CD  1 
ATOM   1231 N NE  . ARG A 1 160 ? 8.762   -5.460  -12.612 1.00 32.59 ? 160 ARG A NE  1 
ATOM   1232 C CZ  . ARG A 1 160 ? 9.510   -4.424  -13.013 1.00 37.31 ? 160 ARG A CZ  1 
ATOM   1233 N NH1 . ARG A 1 160 ? 10.635  -4.150  -12.375 1.00 44.63 ? 160 ARG A NH1 1 
ATOM   1234 N NH2 . ARG A 1 160 ? 9.161   -3.640  -14.018 1.00 40.36 ? 160 ARG A NH2 1 
ATOM   1235 N N   . THR A 1 161 ? 1.928   -6.579  -13.289 1.00 26.49 ? 161 THR A N   1 
ATOM   1236 C CA  . THR A 1 161 ? 0.724   -7.016  -13.988 1.00 29.18 ? 161 THR A CA  1 
ATOM   1237 C C   . THR A 1 161 ? -0.443  -6.019  -13.690 1.00 26.69 ? 161 THR A C   1 
ATOM   1238 O O   . THR A 1 161 ? -1.146  -5.530  -14.577 1.00 29.70 ? 161 THR A O   1 
ATOM   1239 C CB  . THR A 1 161 ? 0.386   -8.441  -13.502 1.00 31.01 ? 161 THR A CB  1 
ATOM   1240 O OG1 . THR A 1 161 ? 1.505   -9.297  -13.781 1.00 38.15 ? 161 THR A OG1 1 
ATOM   1241 C CG2 . THR A 1 161 ? -0.775  -8.972  -14.153 1.00 37.78 ? 161 THR A CG2 1 
ATOM   1242 N N   . LEU A 1 162 ? -0.604  -5.704  -12.412 1.00 26.11 ? 162 LEU A N   1 
ATOM   1243 C CA  . LEU A 1 162 ? -1.646  -4.778  -12.019 1.00 25.42 ? 162 LEU A CA  1 
ATOM   1244 C C   . LEU A 1 162 ? -1.408  -3.376  -12.587 1.00 22.42 ? 162 LEU A C   1 
ATOM   1245 O O   . LEU A 1 162 ? -2.357  -2.695  -13.012 1.00 26.22 ? 162 LEU A O   1 
ATOM   1246 C CB  . LEU A 1 162 ? -1.784  -4.754  -10.470 1.00 24.27 ? 162 LEU A CB  1 
ATOM   1247 C CG  . LEU A 1 162 ? -2.252  -6.039  -9.828  1.00 26.89 ? 162 LEU A CG  1 
ATOM   1248 C CD1 . LEU A 1 162 ? -2.136  -6.006  -8.310  1.00 27.00 ? 162 LEU A CD1 1 
ATOM   1249 C CD2 . LEU A 1 162 ? -3.688  -6.337  -10.206 1.00 30.74 ? 162 LEU A CD2 1 
ATOM   1250 N N   . TYR A 1 163 ? -0.168  -2.944  -12.559 1.00 24.17 ? 163 TYR A N   1 
ATOM   1251 C CA  . TYR A 1 163 ? 0.200   -1.616  -12.991 1.00 27.86 ? 163 TYR A CA  1 
ATOM   1252 C C   . TYR A 1 163 ? -0.157  -1.486  -14.481 1.00 28.57 ? 163 TYR A C   1 
ATOM   1253 O O   . TYR A 1 163 ? -0.690  -0.472  -14.935 1.00 27.46 ? 163 TYR A O   1 
ATOM   1254 C CB  . TYR A 1 163 ? 1.680   -1.351  -12.767 1.00 29.19 ? 163 TYR A CB  1 
ATOM   1255 C CG  . TYR A 1 163 ? 2.011   0.127   -12.800 1.00 32.89 ? 163 TYR A CG  1 
ATOM   1256 C CD1 . TYR A 1 163 ? 2.353   0.807   -13.991 1.00 38.84 ? 163 TYR A CD1 1 
ATOM   1257 C CD2 . TYR A 1 163 ? 1.975   0.860   -11.622 1.00 36.57 ? 163 TYR A CD2 1 
ATOM   1258 C CE1 . TYR A 1 163 ? 2.667   2.177   -13.961 1.00 38.45 ? 163 TYR A CE1 1 
ATOM   1259 C CE2 . TYR A 1 163 ? 2.267   2.197   -11.606 1.00 40.41 ? 163 TYR A CE2 1 
ATOM   1260 C CZ  . TYR A 1 163 ? 2.622   2.852   -12.752 1.00 41.52 ? 163 TYR A CZ  1 
ATOM   1261 O OH  . TYR A 1 163 ? 2.902   4.201   -12.579 1.00 47.10 ? 163 TYR A OH  1 
ATOM   1262 N N   . ALA A 1 164 ? 0.095   -2.566  -15.205 1.00 30.06 ? 164 ALA A N   1 
ATOM   1263 C CA  . ALA A 1 164 ? -0.247  -2.606  -16.655 1.00 32.97 ? 164 ALA A CA  1 
ATOM   1264 C C   . ALA A 1 164 ? -1.760  -2.458  -16.931 1.00 32.76 ? 164 ALA A C   1 
ATOM   1265 O O   . ALA A 1 164 ? -2.187  -1.942  -17.948 1.00 36.93 ? 164 ALA A O   1 
ATOM   1266 C CB  . ALA A 1 164 ? 0.262   -3.898  -17.260 1.00 35.33 ? 164 ALA A CB  1 
ATOM   1267 N N   . ARG A 1 165 ? -2.595  -2.903  -16.016 1.00 28.47 ? 165 ARG A N   1 
ATOM   1268 C CA  . ARG A 1 165 ? -3.996  -2.746  -16.197 1.00 30.04 ? 165 ARG A CA  1 
ATOM   1269 C C   . ARG A 1 165 ? -4.594  -1.554  -15.440 1.00 29.81 ? 165 ARG A C   1 
ATOM   1270 O O   . ARG A 1 165 ? -5.810  -1.479  -15.275 1.00 33.54 ? 165 ARG A O   1 
ATOM   1271 C CB  . ARG A 1 165 ? -4.673  -4.055  -15.887 1.00 34.09 ? 165 ARG A CB  1 
ATOM   1272 C CG  . ARG A 1 165 ? -4.608  -4.534  -14.486 1.00 37.72 ? 165 ARG A CG  1 
ATOM   1273 C CD  . ARG A 1 165 ? -5.985  -5.021  -14.101 1.00 43.91 ? 165 ARG A CD  1 
ATOM   1274 N NE  . ARG A 1 165 ? -6.291  -6.332  -14.602 1.00 45.00 ? 165 ARG A NE  1 
ATOM   1275 C CZ  . ARG A 1 165 ? -7.495  -6.788  -14.924 1.00 38.30 ? 165 ARG A CZ  1 
ATOM   1276 N NH1 . ARG A 1 165 ? -8.606  -6.060  -14.844 1.00 43.24 ? 165 ARG A NH1 1 
ATOM   1277 N NH2 . ARG A 1 165 ? -7.570  -8.033  -15.313 1.00 44.24 ? 165 ARG A NH2 1 
ATOM   1278 N N   . SER A 1 166 ? -3.736  -0.621  -15.001 1.00 26.43 ? 166 SER A N   1 
ATOM   1279 C CA  . SER A 1 166 ? -4.200  0.494   -14.189 1.00 24.55 ? 166 SER A CA  1 
ATOM   1280 C C   . SER A 1 166 ? -4.451  1.731   -15.074 1.00 26.41 ? 166 SER A C   1 
ATOM   1281 O O   . SER A 1 166 ? -3.858  1.814   -16.170 1.00 27.57 ? 166 SER A O   1 
ATOM   1282 C CB  . SER A 1 166 ? -3.188  0.808   -13.106 1.00 23.74 ? 166 SER A CB  1 
ATOM   1283 O OG  . SER A 1 166 ? -2.048  1.423   -13.637 1.00 23.95 ? 166 SER A OG  1 
ATOM   1284 N N   . CYS A 1 167 ? -5.289  2.645   -14.587 1.00 27.04 ? 167 CYS A N   1 
ATOM   1285 C CA  . CYS A 1 167 ? -5.651  3.883   -15.323 1.00 30.11 ? 167 CYS A CA  1 
ATOM   1286 C C   . CYS A 1 167 ? -5.216  5.133   -14.524 1.00 31.87 ? 167 CYS A C   1 
ATOM   1287 O O   . CYS A 1 167 ? -5.145  5.132   -13.291 1.00 27.36 ? 167 CYS A O   1 
ATOM   1288 C CB  . CYS A 1 167 ? -7.146  3.945   -15.575 1.00 29.43 ? 167 CYS A CB  1 
ATOM   1289 S SG  . CYS A 1 167 ? -7.795  2.460   -16.416 1.00 30.07 ? 167 CYS A SG  1 
ATOM   1290 N N   . VAL A 1 168 ? -5.013  6.227   -15.233 1.00 32.49 ? 168 VAL A N   1 
ATOM   1291 C CA  . VAL A 1 168 ? -4.810  7.544   -14.581 1.00 32.42 ? 168 VAL A CA  1 
ATOM   1292 C C   . VAL A 1 168 ? -6.120  7.895   -13.933 1.00 33.33 ? 168 VAL A C   1 
ATOM   1293 O O   . VAL A 1 168 ? -7.151  7.723   -14.534 1.00 36.24 ? 168 VAL A O   1 
ATOM   1294 C CB  . VAL A 1 168 ? -4.353  8.617   -15.624 1.00 40.15 ? 168 VAL A CB  1 
ATOM   1295 C CG1 . VAL A 1 168 ? -4.098  9.963   -14.959 1.00 42.41 ? 168 VAL A CG1 1 
ATOM   1296 C CG2 . VAL A 1 168 ? -3.037  8.183   -16.299 1.00 39.12 ? 168 VAL A CG2 1 
ATOM   1297 N N   . PRO A 1 169 ? -6.123  8.323   -12.659 1.00 31.25 ? 169 PRO A N   1 
ATOM   1298 C CA  . PRO A 1 169 ? -7.394  8.713   -12.071 1.00 35.46 ? 169 PRO A CA  1 
ATOM   1299 C C   . PRO A 1 169 ? -8.024  9.907   -12.840 1.00 38.88 ? 169 PRO A C   1 
ATOM   1300 O O   . PRO A 1 169 ? -7.295  10.800  -13.271 1.00 38.06 ? 169 PRO A O   1 
ATOM   1301 C CB  . PRO A 1 169 ? -7.017  9.095   -10.633 1.00 37.28 ? 169 PRO A CB  1 
ATOM   1302 C CG  . PRO A 1 169 ? -5.672  8.503   -10.396 1.00 34.01 ? 169 PRO A CG  1 
ATOM   1303 C CD  . PRO A 1 169 ? -5.001  8.398   -11.712 1.00 33.60 ? 169 PRO A CD  1 
ATOM   1304 N N   . SER A 1 170 ? -9.352  9.890   -12.994 1.00 47.36 ? 170 SER A N   1 
ATOM   1305 C CA  . SER A 1 170 ? -10.108 10.927  -13.712 1.00 54.60 ? 170 SER A CA  1 
ATOM   1306 C C   . SER A 1 170 ? -9.668  12.327  -13.375 1.00 56.91 ? 170 SER A C   1 
ATOM   1307 O O   . SER A 1 170 ? -9.533  13.151  -14.255 1.00 64.61 ? 170 SER A O   1 
ATOM   1308 C CB  . SER A 1 170 ? -11.600 10.836  -13.383 1.00 55.22 ? 170 SER A CB  1 
ATOM   1309 O OG  . SER A 1 170 ? -11.935 9.573   -12.840 1.00 63.53 ? 170 SER A OG  1 
ATOM   1310 N N   . SER A 1 171 ? -9.477  12.587  -12.080 1.00 61.88 ? 171 SER A N   1 
ATOM   1311 C CA  . SER A 1 171 ? -9.084  13.905  -11.587 1.00 64.98 ? 171 SER A CA  1 
ATOM   1312 C C   . SER A 1 171 ? -7.760  14.407  -12.117 1.00 69.53 ? 171 SER A C   1 
ATOM   1313 O O   . SER A 1 171 ? -7.580  15.600  -12.256 1.00 78.12 ? 171 SER A O   1 
ATOM   1314 C CB  . SER A 1 171 ? -9.010  13.892  -10.062 1.00 67.30 ? 171 SER A CB  1 
ATOM   1315 O OG  . SER A 1 171 ? -10.259 13.498  -9.523  1.00 75.09 ? 171 SER A OG  1 
ATOM   1316 N N   . PHE A 1 172 ? -6.821  13.514  -12.405 1.00 71.96 ? 172 PHE A N   1 
ATOM   1317 C CA  . PHE A 1 172 ? -5.467  13.946  -12.781 1.00 74.02 ? 172 PHE A CA  1 
ATOM   1318 C C   . PHE A 1 172 ? -5.378  14.397  -14.264 1.00 83.82 ? 172 PHE A C   1 
ATOM   1319 O O   . PHE A 1 172 ? -5.738  13.638  -15.183 1.00 88.37 ? 172 PHE A O   1 
ATOM   1320 C CB  . PHE A 1 172 ? -4.458  12.843  -12.436 1.00 64.74 ? 172 PHE A CB  1 
ATOM   1321 C CG  . PHE A 1 172 ? -4.377  12.503  -10.945 1.00 59.47 ? 172 PHE A CG  1 
ATOM   1322 C CD1 . PHE A 1 172 ? -5.264  13.033  -9.990  1.00 58.02 ? 172 PHE A CD1 1 
ATOM   1323 C CD2 . PHE A 1 172 ? -3.395  11.626  -10.496 1.00 55.88 ? 172 PHE A CD2 1 
ATOM   1324 C CE1 . PHE A 1 172 ? -5.156  12.703  -8.643  1.00 56.54 ? 172 PHE A CE1 1 
ATOM   1325 C CE2 . PHE A 1 172 ? -3.298  11.280  -9.159  1.00 49.67 ? 172 PHE A CE2 1 
ATOM   1326 C CZ  . PHE A 1 172 ? -4.170  11.822  -8.227  1.00 52.75 ? 172 PHE A CZ  1 
ATOM   1327 N N   . ALA A 1 173 ? -4.934  15.646  -14.468 1.00 90.05 ? 173 ALA A N   1 
ATOM   1328 C CA  . ALA A 1 173 ? -4.782  16.264  -15.800 1.00 90.65 ? 173 ALA A CA  1 
ATOM   1329 C C   . ALA A 1 173 ? -3.584  17.209  -15.820 1.00 88.96 ? 173 ALA A C   1 
ATOM   1330 O O   . ALA A 1 173 ? -2.471  16.799  -16.142 1.00 92.51 ? 173 ALA A O   1 
ATOM   1331 C CB  . ALA A 1 173 ? -6.048  17.021  -16.189 1.00 88.18 ? 173 ALA A CB  1 
HETATM 1332 C C1  . EDO B 2 .   ? 4.581   -17.615 12.161  1.00 50.18 ? 201 EDO A C1  1 
HETATM 1333 O O1  . EDO B 2 .   ? 5.220   -16.365 12.381  1.00 41.65 ? 201 EDO A O1  1 
HETATM 1334 C C2  . EDO B 2 .   ? 5.664   -18.635 11.870  1.00 52.87 ? 201 EDO A C2  1 
HETATM 1335 O O2  . EDO B 2 .   ? 6.097   -18.422 10.539  1.00 56.88 ? 201 EDO A O2  1 
HETATM 1336 C C1  . EDO C 2 .   ? 10.068  -4.338  9.465   1.00 43.36 ? 202 EDO A C1  1 
HETATM 1337 O O1  . EDO C 2 .   ? 10.626  -4.532  10.759  1.00 48.64 ? 202 EDO A O1  1 
HETATM 1338 C C2  . EDO C 2 .   ? 9.355   -5.639  9.150   1.00 42.18 ? 202 EDO A C2  1 
HETATM 1339 O O2  . EDO C 2 .   ? 10.357  -6.638  8.832   1.00 46.67 ? 202 EDO A O2  1 
HETATM 1340 N N1  . GQS D 3 .   ? 7.612   -3.640  -9.164  0.73 43.30 ? 203 GQS A N1  1 
HETATM 1341 N N3  . GQS D 3 .   ? 8.922   -0.808  -10.648 0.73 45.54 ? 203 GQS A N3  1 
HETATM 1342 C C4  . GQS D 3 .   ? 8.106   -0.388  -11.708 0.73 47.43 ? 203 GQS A C4  1 
HETATM 1343 C C5  . GQS D 3 .   ? 8.589   0.215   -12.861 0.73 46.38 ? 203 GQS A C5  1 
HETATM 1344 C C6  . GQS D 3 .   ? 7.715   0.535   -13.886 0.73 47.11 ? 203 GQS A C6  1 
HETATM 1345 C C7  . GQS D 3 .   ? 6.367   0.258   -13.783 0.73 49.53 ? 203 GQS A C7  1 
HETATM 1346 C C8  . GQS D 3 .   ? 5.935   -0.338  -12.635 0.73 51.99 ? 203 GQS A C8  1 
HETATM 1347 C C1  . GQS D 3 .   ? 8.390   -4.327  -6.954  0.73 50.59 ? 203 GQS A C1  1 
HETATM 1348 C C2  . GQS D 3 .   ? 8.414   -3.481  -8.175  0.73 47.77 ? 203 GQS A C2  1 
HETATM 1349 C C3  . GQS D 3 .   ? 8.819   -1.954  -9.923  0.73 41.14 ? 203 GQS A C3  1 
HETATM 1350 C C9  . GQS D 3 .   ? 6.756   -0.675  -11.593 0.73 50.05 ? 203 GQS A C9  1 
HETATM 1351 F F1  . GQS D 3 .   ? 4.624   -0.635  -12.505 0.73 68.87 ? 203 GQS A F1  1 
HETATM 1352 N N2  . GQS D 3 .   ? 8.086   -2.972  -10.282 0.73 39.02 ? 203 GQS A N2  1 
HETATM 1353 S S1  . GQS D 3 .   ? 9.595   -2.227  -8.426  0.73 56.76 ? 203 GQS A S1  1 
HETATM 1354 O O   . HOH E 4 .   ? 8.390   -16.401 -6.565  1.00 54.42 ? 301 HOH A O   1 
HETATM 1355 O O   . HOH E 4 .   ? -10.218 20.057  -5.098  1.00 59.62 ? 302 HOH A O   1 
HETATM 1356 O O   . HOH E 4 .   ? 15.719  6.335   2.071   1.00 47.27 ? 303 HOH A O   1 
HETATM 1357 O O   . HOH E 4 .   ? 11.729  -5.451  -10.418 0.73 34.80 ? 304 HOH A O   1 
HETATM 1358 O O   . HOH E 4 .   ? 1.780   11.064  11.696  1.00 48.77 ? 305 HOH A O   1 
HETATM 1359 O O   . HOH E 4 .   ? 1.630   11.745  -8.393  1.00 54.75 ? 306 HOH A O   1 
HETATM 1360 O O   . HOH E 4 .   ? -15.574 -5.665  -1.412  1.00 52.47 ? 307 HOH A O   1 
HETATM 1361 O O   . HOH E 4 .   ? 16.417  7.975   -2.160  1.00 84.38 ? 308 HOH A O   1 
HETATM 1362 O O   . HOH E 4 .   ? 3.301   -14.299 16.503  1.00 56.65 ? 309 HOH A O   1 
HETATM 1363 O O   . HOH E 4 .   ? -9.312  -8.527  -17.111 1.00 36.04 ? 310 HOH A O   1 
HETATM 1364 O O   . HOH E 4 .   ? 14.546  -14.108 3.617   1.00 46.79 ? 311 HOH A O   1 
HETATM 1365 O O   . HOH E 4 .   ? 3.896   -2.199  19.949  1.00 37.86 ? 312 HOH A O   1 
HETATM 1366 O O   . HOH E 4 .   ? -13.134 -0.444  -8.361  1.00 29.78 ? 313 HOH A O   1 
HETATM 1367 O O   . HOH E 4 .   ? -11.352 2.546   -15.417 1.00 46.98 ? 314 HOH A O   1 
HETATM 1368 O O   . HOH E 4 .   ? -5.024  -11.109 17.577  1.00 34.47 ? 315 HOH A O   1 
HETATM 1369 O O   . HOH E 4 .   ? -3.511  0.887   -18.579 1.00 32.74 ? 316 HOH A O   1 
HETATM 1370 O O   . HOH E 4 .   ? -13.476 -0.243  7.752   1.00 38.35 ? 317 HOH A O   1 
HETATM 1371 O O   . HOH E 4 .   ? 0.810   -3.298  4.211   1.00 32.76 ? 318 HOH A O   1 
HETATM 1372 O O   . HOH E 4 .   ? 13.573  -10.777 -0.307  1.00 37.70 ? 319 HOH A O   1 
HETATM 1373 O O   . HOH E 4 .   ? -0.350  0.757   16.012  1.00 38.29 ? 320 HOH A O   1 
HETATM 1374 O O   . HOH E 4 .   ? -13.185 -7.632  0.718   1.00 47.86 ? 321 HOH A O   1 
HETATM 1375 O O   . HOH E 4 .   ? -8.228  10.310  6.678   1.00 39.89 ? 322 HOH A O   1 
HETATM 1376 O O   . HOH E 4 .   ? -6.952  -4.684  12.067  1.00 25.17 ? 323 HOH A O   1 
HETATM 1377 O O   . HOH E 4 .   ? -9.221  -7.003  4.580   1.00 44.68 ? 324 HOH A O   1 
HETATM 1378 O O   . HOH E 4 .   ? -8.411  6.390   8.218   1.00 35.02 ? 325 HOH A O   1 
HETATM 1379 O O   . HOH E 4 .   ? -4.277  2.069   9.454   1.00 33.27 ? 326 HOH A O   1 
HETATM 1380 O O   . HOH E 4 .   ? 7.811   12.948  -4.487  1.00 67.42 ? 327 HOH A O   1 
HETATM 1381 O O   . HOH E 4 .   ? 5.440   -4.473  22.495  1.00 40.90 ? 328 HOH A O   1 
HETATM 1382 O O   . HOH E 4 .   ? -1.072  -5.246  15.358  1.00 26.67 ? 329 HOH A O   1 
HETATM 1383 O O   . HOH E 4 .   ? -1.061  5.243   15.318  1.00 52.99 ? 330 HOH A O   1 
HETATM 1384 O O   . HOH E 4 .   ? 3.255   -13.353 -9.807  1.00 32.07 ? 331 HOH A O   1 
HETATM 1385 O O   . HOH E 4 .   ? -11.311 10.222  3.031   1.00 38.57 ? 332 HOH A O   1 
HETATM 1386 O O   . HOH E 4 .   ? -5.666  -11.963 6.791   1.00 28.21 ? 333 HOH A O   1 
HETATM 1387 O O   . HOH E 4 .   ? -6.404  -10.794 14.534  1.00 46.65 ? 334 HOH A O   1 
HETATM 1388 O O   . HOH E 4 .   ? -11.618 5.558   6.132   1.00 46.18 ? 335 HOH A O   1 
HETATM 1389 O O   . HOH E 4 .   ? -9.097  2.150   -13.010 1.00 30.62 ? 336 HOH A O   1 
HETATM 1390 O O   . HOH E 4 .   ? -9.033  3.021   -3.419  1.00 29.62 ? 337 HOH A O   1 
HETATM 1391 O O   . HOH E 4 .   ? 16.821  6.359   -0.147  1.00 51.25 ? 338 HOH A O   1 
HETATM 1392 O O   . HOH E 4 .   ? 7.093   2.206   13.470  1.00 38.11 ? 339 HOH A O   1 
HETATM 1393 O O   . HOH E 4 .   ? -8.271  -3.267  -14.327 1.00 34.93 ? 340 HOH A O   1 
HETATM 1394 O O   . HOH E 4 .   ? 9.927   -9.027  10.102  1.00 45.54 ? 341 HOH A O   1 
HETATM 1395 O O   . HOH E 4 .   ? 11.918  -3.185  6.899   1.00 40.56 ? 342 HOH A O   1 
HETATM 1396 O O   . HOH E 4 .   ? 6.095   -12.559 13.637  1.00 45.81 ? 343 HOH A O   1 
HETATM 1397 O O   . HOH E 4 .   ? -16.000 5.062   -2.471  1.00 75.13 ? 344 HOH A O   1 
HETATM 1398 O O   . HOH E 4 .   ? 9.313   7.495   5.544   1.00 33.11 ? 345 HOH A O   1 
HETATM 1399 O O   . HOH E 4 .   ? -10.937 -3.003  3.543   1.00 41.01 ? 346 HOH A O   1 
HETATM 1400 O O   . HOH E 4 .   ? -0.901  8.868   -12.331 1.00 48.25 ? 347 HOH A O   1 
HETATM 1401 O O   . HOH E 4 .   ? -13.615 6.626   -6.357  1.00 39.36 ? 348 HOH A O   1 
HETATM 1402 O O   . HOH E 4 .   ? 7.163   -6.229  13.243  1.00 26.07 ? 349 HOH A O   1 
HETATM 1403 O O   . HOH E 4 .   ? -5.736  8.819   9.559   1.00 46.61 ? 350 HOH A O   1 
HETATM 1404 O O   . HOH E 4 .   ? 9.930   -5.413  13.351  1.00 48.96 ? 351 HOH A O   1 
HETATM 1405 O O   . HOH E 4 .   ? 11.434  -21.593 1.207   1.00 42.83 ? 352 HOH A O   1 
HETATM 1406 O O   . HOH E 4 .   ? -5.230  5.933   -18.074 1.00 33.71 ? 353 HOH A O   1 
HETATM 1407 O O   . HOH E 4 .   ? 6.976   -7.029  15.882  1.00 28.39 ? 354 HOH A O   1 
HETATM 1408 O O   . HOH E 4 .   ? 9.103   -19.110 7.058   1.00 39.91 ? 355 HOH A O   1 
HETATM 1409 O O   . HOH E 4 .   ? -8.238  -0.269  -14.252 1.00 36.80 ? 356 HOH A O   1 
HETATM 1410 O O   . HOH E 4 .   ? 10.010  -12.603 6.311   1.00 37.01 ? 357 HOH A O   1 
HETATM 1411 O O   . HOH E 4 .   ? 0.613   7.521   -14.142 1.00 41.00 ? 358 HOH A O   1 
HETATM 1412 O O   . HOH E 4 .   ? 4.928   4.925   -14.562 1.00 61.92 ? 359 HOH A O   1 
HETATM 1413 O O   . HOH E 4 .   ? -8.704  4.772   -1.262  1.00 24.71 ? 360 HOH A O   1 
HETATM 1414 O O   . HOH E 4 .   ? 8.488   -8.735  17.348  1.00 30.55 ? 361 HOH A O   1 
HETATM 1415 O O   . HOH E 4 .   ? -14.608 2.501   -14.845 1.00 64.40 ? 362 HOH A O   1 
HETATM 1416 O O   . HOH E 4 .   ? 10.977  -20.324 -1.766  1.00 48.62 ? 363 HOH A O   1 
HETATM 1417 O O   . HOH E 4 .   ? -1.972  -2.001  13.760  1.00 26.72 ? 364 HOH A O   1 
HETATM 1418 O O   . HOH E 4 .   ? -13.948 -12.669 -18.602 1.00 54.51 ? 365 HOH A O   1 
HETATM 1419 O O   . HOH E 4 .   ? -1.651  -5.192  4.118   1.00 44.36 ? 366 HOH A O   1 
HETATM 1420 O O   . HOH E 4 .   ? 8.889   -9.123  -12.260 1.00 51.99 ? 367 HOH A O   1 
HETATM 1421 O O   . HOH E 4 .   ? -13.682 -2.032  -0.792  1.00 48.02 ? 368 HOH A O   1 
HETATM 1422 O O   . HOH E 4 .   ? 0.196   10.331  -9.945  1.00 44.06 ? 369 HOH A O   1 
HETATM 1423 O O   . HOH E 4 .   ? 6.539   6.228   13.144  1.00 65.96 ? 370 HOH A O   1 
HETATM 1424 O O   . HOH E 4 .   ? 11.353  -2.333  4.355   1.00 39.12 ? 371 HOH A O   1 
HETATM 1425 O O   . HOH E 4 .   ? -4.741  -8.987  0.213   1.00 33.80 ? 372 HOH A O   1 
HETATM 1426 O O   . HOH E 4 .   ? 16.787  9.381   -5.664  1.00 69.93 ? 373 HOH A O   1 
HETATM 1427 O O   . HOH E 4 .   ? -16.069 -4.237  -16.928 1.00 35.36 ? 374 HOH A O   1 
HETATM 1428 O O   . HOH E 4 .   ? -6.542  -9.970  1.834   1.00 37.86 ? 375 HOH A O   1 
HETATM 1429 O O   . HOH E 4 .   ? 3.113   -16.719 -13.066 1.00 56.56 ? 376 HOH A O   1 
HETATM 1430 O O   . HOH E 4 .   ? -13.617 5.721   3.978   1.00 53.69 ? 377 HOH A O   1 
HETATM 1431 O O   . HOH E 4 .   ? -10.877 -9.208  -15.505 1.00 42.46 ? 378 HOH A O   1 
HETATM 1432 O O   . HOH E 4 .   ? -9.436  -4.705  17.547  1.00 49.26 ? 379 HOH A O   1 
HETATM 1433 O O   . HOH E 4 .   ? 15.678  -15.407 -4.292  1.00 63.83 ? 380 HOH A O   1 
HETATM 1434 O O   . HOH E 4 .   ? 5.464   4.117   13.898  1.00 42.22 ? 381 HOH A O   1 
HETATM 1435 O O   . HOH E 4 .   ? 13.315  -3.345  3.131   1.00 51.30 ? 382 HOH A O   1 
HETATM 1436 O O   . HOH E 4 .   ? 1.449   3.520   14.762  1.00 44.75 ? 383 HOH A O   1 
HETATM 1437 O O   . HOH E 4 .   ? -14.642 -5.781  1.486   1.00 79.25 ? 384 HOH A O   1 
HETATM 1438 O O   . HOH E 4 .   ? 7.919   -8.661  11.636  1.00 43.71 ? 385 HOH A O   1 
HETATM 1439 O O   . HOH E 4 .   ? 1.438   14.652  4.363   1.00 57.12 ? 386 HOH A O   1 
HETATM 1440 O O   . HOH E 4 .   ? 6.597   8.369   -17.576 1.00 77.42 ? 387 HOH A O   1 
# 
